data_8UO5
#
_entry.id   8UO5
#
_cell.length_a   1.00
_cell.length_b   1.00
_cell.length_c   1.00
_cell.angle_alpha   90.00
_cell.angle_beta   90.00
_cell.angle_gamma   90.00
#
_symmetry.space_group_name_H-M   'P 1'
#
loop_
_entity.id
_entity.type
_entity.pdbx_description
1 polymer 'Serine/threonine-protein phosphatase 2A 65 kDa regulatory subunit A alpha isoform'
2 polymer 'Serine/threonine-protein phosphatase 2A 55 kDa regulatory subunit B alpha isoform'
3 polymer 'Serine/threonine-protein phosphatase 2A catalytic subunit alpha isoform'
4 polymer 'Immediate early response gene 5 protein'
5 non-polymer 'FE (III) ION'
6 non-polymer 'ZINC ION'
#
loop_
_entity_poly.entity_id
_entity_poly.type
_entity_poly.pdbx_seq_one_letter_code
_entity_poly.pdbx_strand_id
1 'polypeptide(L)'
;MGSSHHHHHHSAVDENLYFQGGGRMAAADGDDSLYPIAVLIDELRNEDVQLRLNSIKKLSTIALALGVERTRSELLPFLT
DTIYDEDEVLLALAEQLGTFTTLVGGPEYVHCLLPPLESLATVEETVVRDKAVESLRAISHEHSPSDLEAHFVPLVKRLA
GGDWFTSRTSACGLFSVCYPRVSSAVKAELRQYFRNLCSDDTPMVRRAAASKLGEFAKVLELDNVKSEIIPMFSNLASDE
QDSVRLLAVEACVNIAQLLPQEDLEALVMPTLRQAAEDKSWRVRYMVADKFTELQKAVGPEITKTDLVPAFQNLMKDCEA
EVRAAASHKVKEFCENLSADCRENVIMSQILPCIKELVSDANQHVKSALASVIMGLSPILGKDNTIEHLLPLFLAQLKDE
CPEVRLNIISNLDCVNEVIGIRQLSQSLLPAIVELAEDAKWRVRLAIIEYMPLLAGQLGVEFFDEKLNSLCMAWLVDHVY
AIREAATSNLKKLVEKFGKEWAHATIIPKVLAMSGDPNYLHRMTTLFCINVLSEVCGQDITTKHMLPTVLRMAGDPVANV
RFNVAKSLQKIGPILDNSTLQSEVKPILEKLTQDQDVDVKYFAQEALTVLSLA
;
A
2 'polypeptide(L)'
;MAGAGGGNDIQWCFSQVKGAVDDDVAEADIISTVEFNHSGELLATGDKGGRVVIFQQEQENKIQSHSRGEYNVYSTFQSH
EPEFDYLKSLEIEEKINKIRWLPQKNAAQFLLSTNDKTIKLWKISERDKRPEGYNLKEEDGRYRDPTTVTTLRVPVFRPM
DLMVEASPRRIFANAHTYHINSISINSDYETYLSADDLRINLWHLEITDRSFNIVDIKPANMEELTEVITAAEFHPNSCN
TFVYSSSKGTIRLCDMRASALCDRHSKLFEEPEDPSNRSFFSEIISSISDVKFSHSGRYMMTRDYLSVKIWDLNMENRPV
ETYQVHEYLRSKLCSLYENDCIFDKFECCWNGSDSVVMTGSYNNFFRMFDRNTKRDITLEASRENNKPRTVLKPRKVCAS
GKRKKDEISVDSLDFNKKILHTAWHPKENIIAVATTNNLYIFQDKVN
;
B
3 'polypeptide(L)'
;MDYKDDDDKSAVDENLYFQGGGRMDEKVFTKELDQWIEQLNECKQLSESQVKSLCEKAKEILTKESNVQEVRCPVTVCGD
VHGQFHDLMELFRIGGKSPDTNYLFMGDYVDRGYYSVETVTLLVALKVRYRERITILRGNHESRQITQVYGFYDECLRKY
GNANVWKYFTDLFDYLPLTALVDGQIFCLHGGLSPSIDTLDHIRALDRLQEVPHEGPMCDLLWSDPDDRGGWGISPRGAG
YTFGQDISETFNHANGLTLVSRAHQLVMEGYNWCHDRNVVTIFSAPNYCYRCGNQAAIMELDDTLKYSFLQFDPAPRRGE
PHVTRRTPDYFL
;
C
4 'polypeptide(L)' MDWSHPQFEKSAVDENLYFQGGGRMEFKLEAHRIVSISLGKIYNSRVQRGGIKLHKNLLVSLVLRSARQVYLSD D
#
# COMPACT_ATOMS: atom_id res chain seq x y z
N SER A 33 18.72 -37.12 19.53
CA SER A 33 20.07 -36.49 19.46
C SER A 33 20.07 -35.36 18.42
N LEU A 34 21.24 -34.76 18.18
CA LEU A 34 21.35 -33.61 17.26
C LEU A 34 21.60 -34.01 15.81
N TYR A 35 22.12 -35.20 15.54
CA TYR A 35 22.43 -35.56 14.13
C TYR A 35 21.21 -35.88 13.26
N PRO A 36 20.10 -36.48 13.76
CA PRO A 36 19.00 -36.81 12.86
C PRO A 36 18.20 -35.67 12.23
N ILE A 37 18.57 -34.42 12.46
CA ILE A 37 17.77 -33.29 11.90
C ILE A 37 17.76 -33.34 10.37
N ALA A 38 18.75 -33.98 9.75
CA ALA A 38 18.80 -34.19 8.29
C ALA A 38 17.56 -34.91 7.76
N VAL A 39 16.93 -35.74 8.59
CA VAL A 39 15.80 -36.59 8.15
C VAL A 39 14.50 -36.24 8.85
N LEU A 40 14.50 -35.39 9.86
CA LEU A 40 13.22 -34.99 10.50
C LEU A 40 12.39 -34.08 9.58
N ILE A 41 12.97 -33.58 8.51
CA ILE A 41 12.32 -32.59 7.59
C ILE A 41 10.96 -33.10 7.16
N ASP A 42 10.90 -34.35 6.73
CA ASP A 42 9.64 -34.98 6.30
C ASP A 42 9.26 -36.16 7.19
N GLU A 43 9.97 -36.40 8.28
CA GLU A 43 9.51 -37.43 9.22
C GLU A 43 8.33 -36.85 9.97
N LEU A 44 8.46 -35.59 10.33
CA LEU A 44 7.30 -34.79 10.74
C LEU A 44 6.48 -34.59 9.47
N ARG A 45 5.18 -34.80 9.56
CA ARG A 45 4.30 -34.58 8.40
C ARG A 45 3.13 -33.73 8.84
N ASN A 46 2.54 -33.02 7.88
CA ASN A 46 1.59 -31.92 8.17
C ASN A 46 2.39 -30.91 8.99
N GLU A 47 3.55 -30.60 8.46
CA GLU A 47 4.60 -29.84 9.15
C GLU A 47 4.22 -28.36 9.26
N ASP A 48 4.97 -27.68 10.10
CA ASP A 48 4.94 -26.21 10.24
C ASP A 48 6.13 -25.67 9.48
N VAL A 49 5.89 -24.66 8.67
CA VAL A 49 6.95 -24.00 7.86
C VAL A 49 8.15 -23.64 8.75
N GLN A 50 7.91 -23.21 9.98
CA GLN A 50 9.04 -22.88 10.86
C GLN A 50 9.82 -24.13 11.24
N LEU A 51 9.10 -25.21 11.56
CA LEU A 51 9.78 -26.47 11.93
C LEU A 51 10.47 -27.07 10.70
N ARG A 52 9.79 -27.07 9.57
CA ARG A 52 10.38 -27.59 8.33
C ARG A 52 11.62 -26.79 7.96
N LEU A 53 11.52 -25.48 7.99
CA LEU A 53 12.66 -24.58 7.68
C LEU A 53 13.83 -24.85 8.64
N ASN A 54 13.57 -24.89 9.94
CA ASN A 54 14.69 -25.10 10.89
C ASN A 54 15.27 -26.49 10.73
N SER A 55 14.46 -27.47 10.38
CA SER A 55 14.96 -28.84 10.13
C SER A 55 15.82 -28.84 8.87
N ILE A 56 15.45 -28.03 7.90
CA ILE A 56 16.12 -27.95 6.59
C ILE A 56 17.41 -27.12 6.71
N LYS A 57 17.39 -26.02 7.44
CA LYS A 57 18.56 -25.12 7.48
C LYS A 57 19.53 -25.54 8.58
N LYS A 58 20.23 -26.62 8.33
CA LYS A 58 21.31 -27.16 9.16
C LYS A 58 22.16 -28.01 8.23
N LEU A 59 23.14 -27.40 7.58
CA LEU A 59 23.90 -28.05 6.48
C LEU A 59 25.29 -28.57 6.86
N SER A 60 25.98 -27.94 7.81
CA SER A 60 27.42 -28.20 8.03
C SER A 60 27.70 -29.69 8.34
N THR A 61 27.11 -30.22 9.39
CA THR A 61 27.42 -31.60 9.82
C THR A 61 26.70 -32.66 8.98
N ILE A 62 25.48 -32.39 8.52
CA ILE A 62 24.67 -33.43 7.85
C ILE A 62 25.24 -33.75 6.46
N ALA A 63 25.80 -32.76 5.77
CA ALA A 63 26.28 -32.99 4.39
C ALA A 63 27.41 -34.02 4.39
N LEU A 64 28.24 -33.99 5.42
CA LEU A 64 29.37 -34.94 5.52
C LEU A 64 28.97 -36.20 6.27
N ALA A 65 28.02 -36.11 7.19
CA ALA A 65 27.65 -37.29 8.02
C ALA A 65 26.73 -38.26 7.28
N LEU A 66 25.62 -37.78 6.74
CA LEU A 66 24.56 -38.64 6.15
C LEU A 66 24.41 -38.46 4.65
N GLY A 67 24.48 -37.22 4.15
CA GLY A 67 24.18 -36.87 2.75
C GLY A 67 25.12 -37.46 1.72
N VAL A 68 26.24 -38.04 2.13
CA VAL A 68 27.20 -38.59 1.14
C VAL A 68 26.56 -39.75 0.38
N GLU A 69 25.90 -40.65 1.09
CA GLU A 69 25.36 -41.88 0.47
C GLU A 69 23.85 -42.04 0.70
N ARG A 70 23.33 -41.70 1.87
CA ARG A 70 21.91 -41.92 2.18
C ARG A 70 21.00 -41.18 1.19
N THR A 71 21.41 -40.02 0.74
CA THR A 71 20.60 -39.25 -0.23
C THR A 71 20.46 -39.94 -1.58
N ARG A 72 21.17 -41.03 -1.80
CA ARG A 72 21.11 -41.77 -3.08
C ARG A 72 20.94 -43.26 -2.86
N LEU A 79 18.36 -36.45 -4.24
CA LEU A 79 17.99 -35.87 -2.94
C LEU A 79 16.51 -35.50 -3.01
N THR A 80 15.65 -36.44 -2.67
CA THR A 80 14.19 -36.29 -2.80
C THR A 80 13.56 -35.81 -1.49
N ASP A 81 14.33 -35.63 -0.43
CA ASP A 81 13.83 -34.93 0.77
C ASP A 81 13.87 -33.42 0.54
N THR A 82 14.73 -32.98 -0.39
CA THR A 82 14.97 -31.56 -0.72
C THR A 82 13.99 -31.00 -1.76
N ILE A 83 12.75 -31.49 -1.82
CA ILE A 83 11.82 -31.12 -2.92
C ILE A 83 10.52 -30.48 -2.39
N TYR A 84 10.43 -30.09 -1.14
CA TYR A 84 9.13 -29.60 -0.60
C TYR A 84 8.67 -28.33 -1.33
N ASP A 85 7.39 -28.32 -1.69
CA ASP A 85 6.75 -27.26 -2.50
C ASP A 85 6.07 -26.18 -1.65
N GLU A 86 6.85 -25.19 -1.24
CA GLU A 86 6.31 -23.96 -0.63
C GLU A 86 7.37 -22.88 -0.83
N ASP A 87 6.93 -21.64 -0.90
CA ASP A 87 7.82 -20.49 -1.22
C ASP A 87 9.04 -20.42 -0.31
N GLU A 88 8.83 -20.30 0.99
CA GLU A 88 9.95 -20.16 1.94
C GLU A 88 10.79 -21.43 1.99
N VAL A 89 10.17 -22.60 1.98
CA VAL A 89 10.97 -23.85 2.04
C VAL A 89 11.75 -24.01 0.73
N LEU A 90 11.13 -23.75 -0.40
CA LEU A 90 11.85 -23.83 -1.69
C LEU A 90 13.00 -22.84 -1.70
N LEU A 91 12.78 -21.64 -1.22
CA LEU A 91 13.86 -20.63 -1.20
C LEU A 91 14.98 -21.12 -0.29
N ALA A 92 14.65 -21.64 0.87
CA ALA A 92 15.67 -22.17 1.79
C ALA A 92 16.43 -23.30 1.14
N LEU A 93 15.74 -24.18 0.42
CA LEU A 93 16.40 -25.31 -0.27
C LEU A 93 17.42 -24.76 -1.25
N ALA A 94 17.02 -23.78 -2.03
CA ALA A 94 17.96 -23.15 -2.99
C ALA A 94 19.15 -22.57 -2.24
N GLU A 95 18.88 -21.83 -1.19
CA GLU A 95 19.93 -21.19 -0.38
C GLU A 95 20.93 -22.23 0.13
N GLN A 96 20.45 -23.41 0.51
CA GLN A 96 21.31 -24.48 1.03
C GLN A 96 21.95 -25.30 -0.08
N LEU A 97 21.19 -25.69 -1.10
CA LEU A 97 21.74 -26.55 -2.17
C LEU A 97 22.94 -25.90 -2.86
N GLY A 98 22.98 -24.58 -2.89
CA GLY A 98 24.12 -23.83 -3.43
C GLY A 98 25.44 -24.13 -2.73
N THR A 99 25.41 -24.76 -1.57
CA THR A 99 26.62 -25.03 -0.75
C THR A 99 27.00 -26.51 -0.71
N PHE A 100 26.25 -27.40 -1.33
CA PHE A 100 26.60 -28.84 -1.24
C PHE A 100 27.88 -29.18 -1.99
N THR A 101 28.30 -28.32 -2.92
CA THR A 101 29.47 -28.58 -3.79
C THR A 101 30.74 -28.85 -2.98
N THR A 102 30.98 -28.08 -1.92
CA THR A 102 32.21 -28.24 -1.13
C THR A 102 32.12 -29.41 -0.15
N LEU A 103 30.92 -29.86 0.21
CA LEU A 103 30.79 -30.90 1.25
C LEU A 103 30.57 -32.27 0.62
N VAL A 104 29.71 -32.34 -0.38
CA VAL A 104 29.67 -33.51 -1.27
C VAL A 104 30.85 -33.40 -2.22
N GLY A 105 31.29 -34.53 -2.76
CA GLY A 105 32.50 -34.53 -3.58
C GLY A 105 32.16 -34.08 -4.96
N GLY A 106 32.12 -32.77 -5.16
CA GLY A 106 31.48 -32.16 -6.33
C GLY A 106 32.03 -32.57 -7.68
N PRO A 107 33.35 -32.41 -7.91
CA PRO A 107 33.92 -32.70 -9.22
C PRO A 107 33.56 -34.07 -9.78
N GLU A 108 33.36 -35.05 -8.91
CA GLU A 108 32.97 -36.38 -9.39
C GLU A 108 31.45 -36.46 -9.59
N TYR A 109 30.69 -36.27 -8.51
CA TYR A 109 29.22 -36.47 -8.48
C TYR A 109 28.36 -35.22 -8.66
N VAL A 110 28.88 -34.00 -8.67
CA VAL A 110 28.06 -32.75 -8.55
C VAL A 110 26.83 -32.79 -9.46
N HIS A 111 26.91 -33.47 -10.59
CA HIS A 111 25.72 -33.63 -11.46
C HIS A 111 24.51 -34.15 -10.68
N CYS A 112 24.72 -34.86 -9.58
CA CYS A 112 23.59 -35.33 -8.75
C CYS A 112 22.78 -34.16 -8.18
N LEU A 113 23.38 -32.99 -8.07
CA LEU A 113 22.65 -31.80 -7.57
C LEU A 113 21.68 -31.24 -8.62
N LEU A 114 21.79 -31.67 -9.87
CA LEU A 114 20.99 -31.02 -10.93
C LEU A 114 19.49 -31.31 -10.82
N PRO A 115 18.98 -32.56 -10.65
CA PRO A 115 17.53 -32.76 -10.59
C PRO A 115 16.84 -32.01 -9.46
N PRO A 116 17.46 -31.89 -8.26
CA PRO A 116 16.90 -30.99 -7.27
C PRO A 116 16.81 -29.53 -7.72
N LEU A 117 17.88 -28.98 -8.26
CA LEU A 117 17.84 -27.58 -8.73
C LEU A 117 16.88 -27.43 -9.91
N GLU A 118 16.71 -28.49 -10.71
CA GLU A 118 15.71 -28.47 -11.79
C GLU A 118 14.32 -28.33 -11.18
N SER A 119 14.03 -29.13 -10.15
CA SER A 119 12.73 -29.07 -9.47
C SER A 119 12.52 -27.68 -8.87
N LEU A 120 13.60 -27.03 -8.43
CA LEU A 120 13.47 -25.68 -7.86
C LEU A 120 13.33 -24.60 -8.93
N ALA A 121 14.01 -24.76 -10.06
CA ALA A 121 13.95 -23.75 -11.13
C ALA A 121 12.58 -23.70 -11.81
N THR A 122 11.91 -24.84 -11.96
CA THR A 122 10.62 -24.87 -12.67
C THR A 122 9.43 -24.42 -11.80
N VAL A 123 9.65 -23.85 -10.63
CA VAL A 123 8.49 -23.42 -9.81
C VAL A 123 7.98 -22.06 -10.31
N GLU A 124 6.72 -21.81 -10.02
CA GLU A 124 6.08 -20.53 -10.39
C GLU A 124 6.71 -19.34 -9.67
N GLU A 125 7.23 -19.54 -8.48
CA GLU A 125 7.73 -18.40 -7.70
C GLU A 125 8.97 -17.83 -8.38
N THR A 126 8.90 -16.55 -8.68
CA THR A 126 10.00 -15.85 -9.37
C THR A 126 11.22 -15.76 -8.47
N VAL A 127 11.05 -15.38 -7.21
CA VAL A 127 12.21 -15.24 -6.30
C VAL A 127 12.86 -16.61 -6.11
N VAL A 128 12.05 -17.66 -6.05
CA VAL A 128 12.60 -19.01 -5.90
C VAL A 128 13.37 -19.36 -7.16
N ARG A 129 12.82 -19.05 -8.32
CA ARG A 129 13.52 -19.32 -9.58
C ARG A 129 14.84 -18.57 -9.62
N ASP A 130 14.84 -17.32 -9.17
CA ASP A 130 16.05 -16.50 -9.15
C ASP A 130 17.12 -17.17 -8.28
N LYS A 131 16.74 -17.59 -7.09
CA LYS A 131 17.73 -18.26 -6.21
C LYS A 131 18.15 -19.61 -6.80
N ALA A 132 17.23 -20.35 -7.40
CA ALA A 132 17.55 -21.67 -8.00
C ALA A 132 18.57 -21.48 -9.13
N VAL A 133 18.36 -20.47 -9.95
CA VAL A 133 19.29 -20.16 -11.04
C VAL A 133 20.62 -19.66 -10.48
N GLU A 134 20.60 -18.85 -9.44
CA GLU A 134 21.87 -18.40 -8.83
C GLU A 134 22.64 -19.61 -8.31
N SER A 135 21.92 -20.58 -7.76
CA SER A 135 22.54 -21.82 -7.26
C SER A 135 23.17 -22.61 -8.40
N LEU A 136 22.41 -22.82 -9.47
CA LEU A 136 22.94 -23.52 -10.65
C LEU A 136 24.15 -22.78 -11.21
N ARG A 137 24.10 -21.46 -11.22
CA ARG A 137 25.23 -20.65 -11.71
C ARG A 137 26.46 -20.82 -10.82
N ALA A 138 26.26 -20.93 -9.51
CA ALA A 138 27.39 -21.13 -8.59
C ALA A 138 28.10 -22.45 -8.91
N ILE A 139 27.36 -23.53 -8.94
CA ILE A 139 27.97 -24.87 -9.15
C ILE A 139 28.57 -24.97 -10.55
N SER A 140 28.14 -24.12 -11.49
CA SER A 140 28.68 -24.18 -12.86
C SER A 140 30.19 -23.94 -12.86
N HIS A 141 30.66 -23.04 -11.99
CA HIS A 141 32.09 -22.72 -11.97
C HIS A 141 32.92 -23.89 -11.46
N GLU A 142 32.31 -24.83 -10.74
CA GLU A 142 33.04 -25.97 -10.17
C GLU A 142 32.81 -27.27 -10.95
N HIS A 143 31.77 -27.34 -11.78
CA HIS A 143 31.60 -28.52 -12.66
C HIS A 143 32.83 -28.65 -13.56
N SER A 144 33.34 -29.85 -13.71
CA SER A 144 34.42 -30.08 -14.69
C SER A 144 33.81 -30.00 -16.09
N PRO A 145 34.59 -29.62 -17.11
CA PRO A 145 34.09 -29.63 -18.48
C PRO A 145 33.43 -30.94 -18.89
N SER A 146 33.92 -32.05 -18.35
CA SER A 146 33.29 -33.35 -18.62
C SER A 146 31.86 -33.37 -18.08
N ASP A 147 31.67 -32.91 -16.85
CA ASP A 147 30.33 -32.90 -16.24
C ASP A 147 29.49 -31.81 -16.89
N LEU A 148 30.14 -30.71 -17.23
CA LEU A 148 29.47 -29.57 -17.88
C LEU A 148 28.84 -30.05 -19.19
N GLU A 149 29.63 -30.77 -19.97
CA GLU A 149 29.16 -31.34 -21.24
C GLU A 149 28.15 -32.45 -21.02
N ALA A 150 28.42 -33.38 -20.11
CA ALA A 150 27.59 -34.60 -19.97
C ALA A 150 26.20 -34.28 -19.44
N HIS A 151 26.10 -33.61 -18.29
CA HIS A 151 24.79 -33.33 -17.66
C HIS A 151 24.35 -31.87 -17.79
N PHE A 152 25.25 -30.92 -17.54
CA PHE A 152 24.87 -29.50 -17.39
C PHE A 152 24.24 -28.96 -18.68
N VAL A 153 24.94 -29.07 -19.79
CA VAL A 153 24.37 -28.56 -21.06
C VAL A 153 23.10 -29.30 -21.40
N PRO A 154 23.05 -30.65 -21.38
CA PRO A 154 21.78 -31.34 -21.61
C PRO A 154 20.68 -30.93 -20.63
N LEU A 155 21.04 -30.51 -19.42
CA LEU A 155 20.01 -29.98 -18.49
C LEU A 155 19.42 -28.69 -19.07
N VAL A 156 20.27 -27.79 -19.52
CA VAL A 156 19.77 -26.52 -20.13
C VAL A 156 18.88 -26.85 -21.33
N LYS A 157 19.32 -27.82 -22.12
CA LYS A 157 18.55 -28.26 -23.30
C LYS A 157 17.20 -28.82 -22.87
N ARG A 158 17.19 -29.61 -21.82
CA ARG A 158 15.92 -30.20 -21.33
C ARG A 158 15.00 -29.11 -20.81
N LEU A 159 15.57 -28.09 -20.19
CA LEU A 159 14.73 -26.98 -19.68
C LEU A 159 14.09 -26.26 -20.85
N ALA A 160 14.82 -26.03 -21.93
CA ALA A 160 14.21 -25.42 -23.12
C ALA A 160 13.16 -26.36 -23.71
N GLY A 161 13.46 -27.65 -23.70
CA GLY A 161 12.58 -28.73 -24.16
C GLY A 161 11.31 -28.86 -23.35
N GLY A 162 11.26 -28.28 -22.16
CA GLY A 162 10.13 -28.47 -21.24
C GLY A 162 9.15 -27.38 -21.49
N ASP A 163 8.03 -27.77 -22.06
CA ASP A 163 7.01 -26.83 -22.56
C ASP A 163 6.42 -25.95 -21.47
N TRP A 164 6.61 -26.28 -20.20
CA TRP A 164 6.14 -25.35 -19.15
C TRP A 164 7.06 -24.13 -19.19
N PHE A 165 6.52 -22.99 -19.56
CA PHE A 165 7.36 -21.83 -19.93
C PHE A 165 8.17 -21.31 -18.76
N THR A 166 7.85 -21.68 -17.53
CA THR A 166 8.75 -21.32 -16.42
C THR A 166 10.08 -22.02 -16.62
N SER A 167 10.04 -23.21 -17.20
CA SER A 167 11.27 -23.98 -17.54
C SER A 167 12.13 -23.12 -18.46
N ARG A 168 11.56 -22.72 -19.59
CA ARG A 168 12.25 -21.89 -20.60
C ARG A 168 12.79 -20.63 -19.92
N THR A 169 11.94 -20.00 -19.13
CA THR A 169 12.27 -18.77 -18.42
C THR A 169 13.56 -18.96 -17.63
N SER A 170 13.66 -20.08 -16.95
CA SER A 170 14.86 -20.37 -16.13
C SER A 170 16.10 -20.53 -17.01
N ALA A 171 15.97 -21.23 -18.11
CA ALA A 171 17.10 -21.51 -19.01
C ALA A 171 17.74 -20.22 -19.50
N CYS A 172 16.94 -19.17 -19.69
CA CYS A 172 17.44 -17.89 -20.26
C CYS A 172 18.72 -17.40 -19.57
N GLY A 173 18.88 -17.63 -18.27
CA GLY A 173 20.04 -17.15 -17.51
C GLY A 173 21.19 -18.12 -17.36
N LEU A 174 21.02 -19.36 -17.78
CA LEU A 174 22.04 -20.40 -17.56
C LEU A 174 23.07 -20.42 -18.67
N PHE A 175 22.67 -20.13 -19.90
CA PHE A 175 23.56 -20.20 -21.06
C PHE A 175 24.81 -19.35 -20.85
N SER A 176 24.67 -18.21 -20.22
CA SER A 176 25.77 -17.22 -20.10
C SER A 176 27.04 -17.79 -19.44
N VAL A 177 26.92 -18.80 -18.59
CA VAL A 177 28.11 -19.33 -17.86
C VAL A 177 28.65 -20.63 -18.44
N CYS A 178 27.84 -21.43 -19.13
CA CYS A 178 28.35 -22.70 -19.69
C CYS A 178 29.07 -22.48 -21.03
N TYR A 179 28.67 -21.49 -21.82
CA TYR A 179 29.25 -21.25 -23.15
C TYR A 179 30.78 -21.13 -23.18
N PRO A 180 31.47 -20.43 -22.28
CA PRO A 180 32.90 -20.20 -22.48
C PRO A 180 33.79 -21.44 -22.51
N ARG A 181 33.41 -22.51 -21.80
CA ARG A 181 34.29 -23.67 -21.61
C ARG A 181 33.78 -24.94 -22.28
N VAL A 182 32.67 -24.90 -23.01
CA VAL A 182 32.10 -26.10 -23.67
C VAL A 182 32.60 -26.14 -25.11
N SER A 183 32.61 -27.33 -25.68
CA SER A 183 33.12 -27.57 -27.05
C SER A 183 32.46 -26.63 -28.06
N SER A 184 33.21 -26.28 -29.09
CA SER A 184 32.74 -25.36 -30.14
C SER A 184 31.45 -25.86 -30.78
N ALA A 185 31.27 -27.18 -30.85
CA ALA A 185 30.02 -27.75 -31.36
C ALA A 185 28.87 -27.31 -30.46
N VAL A 186 29.03 -27.50 -29.17
CA VAL A 186 28.01 -27.08 -28.20
C VAL A 186 27.89 -25.56 -28.24
N LYS A 187 29.00 -24.85 -28.40
CA LYS A 187 28.94 -23.39 -28.49
C LYS A 187 28.00 -22.97 -29.62
N ALA A 188 27.95 -23.74 -30.70
CA ALA A 188 27.07 -23.42 -31.83
C ALA A 188 25.64 -23.89 -31.55
N GLU A 189 25.49 -25.09 -31.02
CA GLU A 189 24.17 -25.67 -30.74
C GLU A 189 23.40 -24.80 -29.74
N LEU A 190 24.08 -24.28 -28.72
CA LEU A 190 23.43 -23.46 -27.68
C LEU A 190 22.76 -22.22 -28.29
N ARG A 191 23.41 -21.60 -29.25
CA ARG A 191 22.85 -20.37 -29.86
C ARG A 191 21.56 -20.69 -30.61
N GLN A 192 21.40 -21.90 -31.11
CA GLN A 192 20.14 -22.29 -31.77
C GLN A 192 18.98 -22.25 -30.78
N TYR A 193 19.17 -22.86 -29.63
CA TYR A 193 18.09 -22.86 -28.62
C TYR A 193 17.92 -21.44 -28.08
N PHE A 194 19.01 -20.70 -27.94
CA PHE A 194 18.87 -19.31 -27.45
C PHE A 194 18.05 -18.47 -28.42
N ARG A 195 18.28 -18.64 -29.70
CA ARG A 195 17.45 -17.96 -30.71
C ARG A 195 16.01 -18.41 -30.58
N ASN A 196 15.80 -19.69 -30.37
CA ASN A 196 14.43 -20.20 -30.18
C ASN A 196 13.79 -19.54 -28.97
N LEU A 197 14.56 -19.36 -27.92
CA LEU A 197 14.06 -18.64 -26.72
C LEU A 197 13.64 -17.23 -27.10
N CYS A 198 14.50 -16.52 -27.80
CA CYS A 198 14.16 -15.14 -28.22
C CYS A 198 12.98 -15.11 -29.18
N SER A 199 12.66 -16.21 -29.84
CA SER A 199 11.55 -16.30 -30.81
C SER A 199 10.34 -17.02 -30.21
N ASP A 200 10.39 -17.40 -28.95
CA ASP A 200 9.25 -18.11 -28.35
C ASP A 200 8.05 -17.19 -28.25
N ASP A 201 6.87 -17.78 -28.35
CA ASP A 201 5.62 -17.00 -28.40
C ASP A 201 5.07 -16.74 -27.01
N THR A 202 5.81 -17.06 -25.96
CA THR A 202 5.46 -16.74 -24.57
C THR A 202 6.15 -15.41 -24.24
N PRO A 203 5.42 -14.28 -24.12
CA PRO A 203 6.10 -13.00 -23.92
C PRO A 203 7.06 -12.98 -22.74
N MET A 204 6.70 -13.61 -21.63
CA MET A 204 7.57 -13.67 -20.44
C MET A 204 8.92 -14.28 -20.80
N VAL A 205 8.91 -15.29 -21.66
CA VAL A 205 10.17 -15.93 -22.10
C VAL A 205 11.04 -14.90 -22.79
N ARG A 206 10.45 -14.13 -23.67
CA ARG A 206 11.21 -13.10 -24.39
C ARG A 206 11.68 -12.03 -23.42
N ARG A 207 10.88 -11.71 -22.42
CA ARG A 207 11.32 -10.74 -21.41
C ARG A 207 12.58 -11.25 -20.73
N ALA A 208 12.56 -12.49 -20.27
CA ALA A 208 13.71 -13.09 -19.57
C ALA A 208 14.92 -13.16 -20.51
N ALA A 209 14.71 -13.72 -21.69
CA ALA A 209 15.79 -13.87 -22.69
C ALA A 209 16.44 -12.53 -22.96
N ALA A 210 15.64 -11.52 -23.27
CA ALA A 210 16.17 -10.18 -23.52
C ALA A 210 16.91 -9.68 -22.30
N SER A 211 16.40 -9.98 -21.13
CA SER A 211 17.06 -9.53 -19.87
C SER A 211 18.47 -10.12 -19.76
N LYS A 212 18.61 -11.40 -20.10
CA LYS A 212 19.91 -12.09 -19.91
C LYS A 212 20.81 -11.97 -21.14
N LEU A 213 20.27 -11.52 -22.25
CA LEU A 213 21.07 -11.37 -23.49
C LEU A 213 22.21 -10.40 -23.28
N GLY A 214 22.02 -9.39 -22.43
CA GLY A 214 23.07 -8.39 -22.17
C GLY A 214 24.38 -9.02 -21.73
N GLU A 215 24.36 -9.74 -20.63
CA GLU A 215 25.61 -10.38 -20.14
C GLU A 215 25.97 -11.54 -21.04
N PHE A 216 25.01 -12.18 -21.69
CA PHE A 216 25.33 -13.30 -22.58
C PHE A 216 26.22 -12.82 -23.72
N ALA A 217 25.89 -11.69 -24.31
CA ALA A 217 26.69 -11.11 -25.40
C ALA A 217 28.12 -10.79 -24.94
N LYS A 218 28.35 -10.59 -23.65
CA LYS A 218 29.70 -10.25 -23.15
C LYS A 218 30.72 -11.35 -23.42
N VAL A 219 30.28 -12.60 -23.51
CA VAL A 219 31.23 -13.74 -23.66
C VAL A 219 31.09 -14.43 -25.01
N LEU A 220 29.99 -14.24 -25.72
CA LEU A 220 29.86 -14.80 -27.08
C LEU A 220 30.96 -14.25 -27.97
N GLU A 221 31.34 -15.02 -28.98
CA GLU A 221 32.36 -14.55 -29.93
C GLU A 221 31.84 -13.30 -30.65
N LEU A 222 32.72 -12.31 -30.79
CA LEU A 222 32.35 -11.00 -31.35
C LEU A 222 31.64 -11.16 -32.69
N ASP A 223 32.22 -11.95 -33.58
CA ASP A 223 31.57 -12.16 -34.88
C ASP A 223 30.26 -12.89 -34.68
N ASN A 224 30.17 -13.71 -33.65
CA ASN A 224 28.89 -14.39 -33.39
C ASN A 224 27.89 -13.41 -32.78
N VAL A 225 28.36 -12.44 -32.01
CA VAL A 225 27.40 -11.44 -31.49
C VAL A 225 26.81 -10.68 -32.68
N LYS A 226 27.67 -10.16 -33.54
CA LYS A 226 27.25 -9.39 -34.73
C LYS A 226 26.30 -10.18 -35.62
N SER A 227 26.65 -11.42 -35.92
CA SER A 227 25.90 -12.23 -36.91
C SER A 227 24.72 -12.99 -36.32
N GLU A 228 24.75 -13.36 -35.05
CA GLU A 228 23.74 -14.26 -34.46
C GLU A 228 22.87 -13.58 -33.43
N ILE A 229 23.43 -12.68 -32.63
CA ILE A 229 22.64 -12.01 -31.57
C ILE A 229 21.91 -10.80 -32.11
N ILE A 230 22.54 -10.01 -32.97
CA ILE A 230 21.90 -8.78 -33.48
C ILE A 230 20.56 -9.08 -34.15
N PRO A 231 20.41 -10.11 -35.02
CA PRO A 231 19.09 -10.39 -35.58
C PRO A 231 18.01 -10.63 -34.53
N MET A 232 18.28 -11.52 -33.59
CA MET A 232 17.29 -11.79 -32.53
C MET A 232 17.14 -10.54 -31.65
N PHE A 233 18.21 -9.80 -31.44
CA PHE A 233 18.08 -8.55 -30.66
C PHE A 233 17.13 -7.58 -31.36
N SER A 234 17.22 -7.48 -32.67
CA SER A 234 16.33 -6.58 -33.44
C SER A 234 14.89 -7.06 -33.28
N ASN A 235 14.71 -8.36 -33.26
CA ASN A 235 13.36 -8.92 -33.10
C ASN A 235 12.83 -8.57 -31.71
N LEU A 236 13.68 -8.68 -30.71
CA LEU A 236 13.30 -8.34 -29.32
C LEU A 236 12.94 -6.87 -29.21
N ALA A 237 13.78 -5.99 -29.74
CA ALA A 237 13.56 -4.54 -29.63
C ALA A 237 12.36 -4.07 -30.46
N SER A 238 11.74 -4.94 -31.26
CA SER A 238 10.57 -4.58 -32.09
C SER A 238 9.40 -5.50 -31.78
N ASP A 239 9.43 -6.17 -30.65
CA ASP A 239 8.41 -7.15 -30.28
C ASP A 239 7.04 -6.48 -30.13
N GLU A 240 6.01 -7.27 -30.37
CA GLU A 240 4.61 -6.81 -30.24
C GLU A 240 4.33 -6.30 -28.83
N GLN A 241 4.89 -6.94 -27.81
CA GLN A 241 4.59 -6.57 -26.41
C GLN A 241 5.58 -5.53 -25.93
N ASP A 242 5.06 -4.48 -25.34
CA ASP A 242 5.90 -3.34 -24.93
C ASP A 242 6.82 -3.73 -23.78
N SER A 243 6.39 -4.64 -22.93
CA SER A 243 7.25 -5.13 -21.84
C SER A 243 8.51 -5.78 -22.42
N VAL A 244 8.39 -6.37 -23.59
CA VAL A 244 9.55 -6.99 -24.24
C VAL A 244 10.45 -5.90 -24.82
N ARG A 245 9.87 -4.98 -25.57
CA ARG A 245 10.64 -3.90 -26.21
C ARG A 245 11.35 -3.07 -25.14
N LEU A 246 10.71 -2.83 -24.02
CA LEU A 246 11.36 -1.97 -23.00
C LEU A 246 12.59 -2.60 -22.38
N LEU A 247 12.73 -3.91 -22.48
CA LEU A 247 13.91 -4.60 -21.91
C LEU A 247 15.10 -4.62 -22.86
N ALA A 248 14.87 -4.42 -24.14
CA ALA A 248 15.94 -4.50 -25.15
C ALA A 248 16.97 -3.39 -24.95
N VAL A 249 16.61 -2.30 -24.31
CA VAL A 249 17.53 -1.14 -24.23
C VAL A 249 18.70 -1.40 -23.27
N GLU A 250 18.50 -2.13 -22.19
CA GLU A 250 19.67 -2.51 -21.37
C GLU A 250 20.51 -3.52 -22.14
N ALA A 251 19.88 -4.35 -22.95
CA ALA A 251 20.63 -5.26 -23.83
C ALA A 251 21.47 -4.41 -24.77
N CYS A 252 20.85 -3.36 -25.30
CA CYS A 252 21.55 -2.44 -26.20
C CYS A 252 22.71 -1.78 -25.47
N VAL A 253 22.54 -1.45 -24.20
CA VAL A 253 23.63 -0.85 -23.40
C VAL A 253 24.84 -1.79 -23.38
N ASN A 254 24.59 -3.05 -23.05
CA ASN A 254 25.71 -4.00 -22.95
C ASN A 254 26.33 -4.26 -24.32
N ILE A 255 25.47 -4.49 -25.32
CA ILE A 255 25.94 -4.74 -26.71
C ILE A 255 26.83 -3.57 -27.14
N ALA A 256 26.40 -2.35 -26.88
CA ALA A 256 27.20 -1.18 -27.29
C ALA A 256 28.50 -1.11 -26.49
N GLN A 257 28.47 -1.55 -25.24
CA GLN A 257 29.72 -1.56 -24.46
C GLN A 257 30.71 -2.53 -25.07
N LEU A 258 30.22 -3.57 -25.72
CA LEU A 258 31.10 -4.62 -26.29
C LEU A 258 31.61 -4.25 -27.68
N LEU A 259 30.70 -4.09 -28.62
CA LEU A 259 31.07 -3.92 -30.04
C LEU A 259 31.88 -2.63 -30.23
N PRO A 260 32.78 -2.59 -31.23
CA PRO A 260 33.48 -1.35 -31.57
C PRO A 260 32.51 -0.20 -31.85
N GLN A 261 32.78 0.93 -31.21
CA GLN A 261 31.94 2.14 -31.31
C GLN A 261 31.72 2.53 -32.77
N GLU A 262 32.74 2.41 -33.59
CA GLU A 262 32.65 2.78 -35.01
C GLU A 262 31.57 2.00 -35.77
N ASP A 263 31.22 0.80 -35.32
CA ASP A 263 30.21 -0.02 -36.03
C ASP A 263 28.81 0.06 -35.40
N LEU A 264 28.68 0.61 -34.21
CA LEU A 264 27.35 0.71 -33.56
C LEU A 264 26.36 1.50 -34.40
N GLU A 265 26.85 2.50 -35.13
CA GLU A 265 25.99 3.39 -35.95
C GLU A 265 25.17 2.57 -36.95
N ALA A 266 25.70 1.45 -37.41
CA ALA A 266 25.01 0.55 -38.35
C ALA A 266 24.40 -0.64 -37.65
N LEU A 267 25.13 -1.22 -36.70
CA LEU A 267 24.71 -2.50 -36.09
C LEU A 267 23.52 -2.33 -35.14
N VAL A 268 23.66 -1.49 -34.13
CA VAL A 268 22.61 -1.32 -33.09
C VAL A 268 21.78 -0.07 -33.32
N MET A 269 22.38 1.04 -33.71
CA MET A 269 21.73 2.37 -33.64
C MET A 269 20.39 2.43 -34.38
N PRO A 270 20.19 1.83 -35.57
CA PRO A 270 18.87 1.89 -36.19
C PRO A 270 17.76 1.35 -35.29
N THR A 271 18.11 0.43 -34.41
CA THR A 271 17.14 -0.12 -33.47
C THR A 271 16.93 0.84 -32.30
N LEU A 272 17.98 1.49 -31.87
CA LEU A 272 17.84 2.47 -30.76
C LEU A 272 17.00 3.67 -31.19
N ARG A 273 17.16 4.15 -32.41
CA ARG A 273 16.36 5.28 -32.88
C ARG A 273 14.86 4.95 -32.76
N GLN A 274 14.46 3.83 -33.32
CA GLN A 274 13.03 3.44 -33.30
C GLN A 274 12.58 3.09 -31.88
N ALA A 275 13.49 2.75 -30.98
CA ALA A 275 13.09 2.51 -29.57
C ALA A 275 12.86 3.83 -28.86
N ALA A 276 13.79 4.77 -28.98
CA ALA A 276 13.70 6.07 -28.27
C ALA A 276 12.46 6.84 -28.69
N GLU A 277 11.99 6.64 -29.92
CA GLU A 277 10.78 7.30 -30.43
C GLU A 277 9.61 6.32 -30.50
N ASP A 278 9.64 5.28 -29.69
CA ASP A 278 8.58 4.26 -29.71
C ASP A 278 7.24 4.88 -29.35
N LYS A 279 6.19 4.20 -29.74
CA LYS A 279 4.80 4.61 -29.45
C LYS A 279 4.54 4.65 -27.95
N SER A 280 5.03 3.66 -27.23
CA SER A 280 4.77 3.55 -25.78
C SER A 280 5.66 4.50 -24.99
N TRP A 281 5.06 5.20 -24.05
CA TRP A 281 5.84 6.04 -23.13
C TRP A 281 6.73 5.18 -22.22
N ARG A 282 6.38 3.93 -22.01
CA ARG A 282 7.19 3.07 -21.13
C ARG A 282 8.57 2.87 -21.75
N VAL A 283 8.61 2.63 -23.04
CA VAL A 283 9.92 2.42 -23.72
C VAL A 283 10.67 3.74 -23.68
N ARG A 284 10.01 4.83 -23.93
CA ARG A 284 10.70 6.13 -23.89
C ARG A 284 11.23 6.37 -22.49
N TYR A 285 10.48 5.97 -21.48
CA TYR A 285 10.91 6.14 -20.08
C TYR A 285 12.21 5.38 -19.88
N MET A 286 12.20 4.11 -20.25
CA MET A 286 13.39 3.27 -20.04
C MET A 286 14.57 3.81 -20.83
N VAL A 287 14.35 4.29 -22.03
CA VAL A 287 15.47 4.86 -22.82
C VAL A 287 15.99 6.08 -22.09
N ALA A 288 15.10 6.85 -21.50
CA ALA A 288 15.51 8.04 -20.73
C ALA A 288 16.25 7.60 -19.45
N ASP A 289 15.75 6.57 -18.80
CA ASP A 289 16.37 6.11 -17.55
C ASP A 289 17.77 5.56 -17.83
N LYS A 290 17.86 4.63 -18.78
CA LYS A 290 19.14 4.01 -19.18
C LYS A 290 19.98 4.94 -20.04
N PHE A 291 19.57 6.20 -20.18
CA PHE A 291 20.24 7.13 -21.11
C PHE A 291 21.70 7.35 -20.75
N THR A 292 22.04 7.43 -19.48
CA THR A 292 23.46 7.60 -19.09
C THR A 292 24.27 6.38 -19.52
N GLU A 293 23.72 5.20 -19.30
CA GLU A 293 24.44 3.96 -19.68
C GLU A 293 24.55 3.91 -21.19
N LEU A 294 23.48 4.23 -21.89
CA LEU A 294 23.51 4.25 -23.37
C LEU A 294 24.62 5.18 -23.83
N GLN A 295 24.66 6.39 -23.30
CA GLN A 295 25.68 7.38 -23.73
C GLN A 295 27.08 6.85 -23.46
N LYS A 296 27.30 6.24 -22.31
CA LYS A 296 28.63 5.68 -21.99
C LYS A 296 28.98 4.56 -22.95
N ALA A 297 28.00 3.74 -23.30
CA ALA A 297 28.24 2.57 -24.18
C ALA A 297 28.52 3.03 -25.61
N VAL A 298 27.72 3.94 -26.13
CA VAL A 298 27.80 4.33 -27.56
C VAL A 298 28.78 5.47 -27.80
N GLY A 299 29.42 6.02 -26.76
CA GLY A 299 30.40 7.08 -26.95
C GLY A 299 29.79 8.43 -27.31
N PRO A 300 30.58 9.51 -27.15
CA PRO A 300 30.05 10.85 -27.33
C PRO A 300 29.74 11.26 -28.78
N GLU A 301 30.49 10.79 -29.75
CA GLU A 301 30.23 11.20 -31.15
C GLU A 301 28.84 10.71 -31.58
N ILE A 302 28.54 9.47 -31.30
CA ILE A 302 27.20 8.93 -31.66
C ILE A 302 26.17 9.60 -30.78
N THR A 303 26.51 9.94 -29.54
CA THR A 303 25.57 10.68 -28.69
C THR A 303 25.18 11.99 -29.36
N LYS A 304 26.16 12.78 -29.75
CA LYS A 304 25.93 14.07 -30.44
C LYS A 304 25.10 13.86 -31.69
N THR A 305 25.30 12.75 -32.39
CA THR A 305 24.63 12.53 -33.69
C THR A 305 23.20 11.99 -33.53
N ASP A 306 22.95 11.15 -32.54
CA ASP A 306 21.68 10.41 -32.44
C ASP A 306 20.96 10.56 -31.10
N LEU A 307 21.68 10.61 -29.99
CA LEU A 307 21.03 10.65 -28.66
C LEU A 307 20.52 12.03 -28.29
N VAL A 308 21.27 13.10 -28.55
CA VAL A 308 20.85 14.45 -28.11
C VAL A 308 19.48 14.81 -28.71
N PRO A 309 19.24 14.69 -30.03
CA PRO A 309 17.91 14.99 -30.54
C PRO A 309 16.86 14.10 -29.90
N ALA A 310 17.20 12.83 -29.71
CA ALA A 310 16.28 11.90 -29.04
C ALA A 310 16.01 12.39 -27.62
N PHE A 311 17.02 12.93 -26.96
CA PHE A 311 16.83 13.41 -25.59
C PHE A 311 15.88 14.60 -25.58
N GLN A 312 16.02 15.49 -26.54
CA GLN A 312 15.05 16.60 -26.65
C GLN A 312 13.66 16.04 -26.82
N ASN A 313 13.50 15.06 -27.71
CA ASN A 313 12.17 14.48 -27.95
C ASN A 313 11.64 13.78 -26.71
N LEU A 314 12.52 13.34 -25.82
CA LEU A 314 12.07 12.73 -24.56
C LEU A 314 11.62 13.80 -23.57
N MET A 315 12.36 14.88 -23.43
CA MET A 315 11.94 15.93 -22.48
C MET A 315 10.62 16.57 -22.91
N LYS A 316 10.36 16.65 -24.20
CA LYS A 316 9.12 17.27 -24.71
C LYS A 316 7.97 16.26 -24.76
N ASP A 317 8.18 15.03 -24.33
CA ASP A 317 7.14 14.00 -24.47
C ASP A 317 5.87 14.37 -23.72
N CYS A 318 4.75 13.93 -24.25
CA CYS A 318 3.42 14.21 -23.70
C CYS A 318 3.17 13.51 -22.36
N GLU A 319 4.04 12.59 -21.94
CA GLU A 319 3.86 11.88 -20.66
C GLU A 319 4.77 12.50 -19.60
N ALA A 320 4.17 12.89 -18.50
CA ALA A 320 4.90 13.47 -17.36
C ALA A 320 6.00 12.53 -16.87
N GLU A 321 5.72 11.24 -16.78
CA GLU A 321 6.72 10.26 -16.30
C GLU A 321 7.98 10.28 -17.18
N VAL A 322 7.81 10.37 -18.48
CA VAL A 322 8.98 10.37 -19.38
C VAL A 322 9.78 11.64 -19.15
N ARG A 323 9.10 12.75 -18.94
CA ARG A 323 9.82 13.99 -18.65
C ARG A 323 10.52 13.87 -17.31
N ALA A 324 9.91 13.17 -16.37
CA ALA A 324 10.53 12.97 -15.04
C ALA A 324 11.83 12.20 -15.20
N ALA A 325 11.77 11.04 -15.85
CA ALA A 325 12.97 10.22 -16.07
C ALA A 325 14.05 11.00 -16.82
N ALA A 326 13.68 11.62 -17.92
CA ALA A 326 14.65 12.38 -18.73
C ALA A 326 15.27 13.49 -17.90
N SER A 327 14.45 14.21 -17.17
CA SER A 327 14.93 15.34 -16.33
C SER A 327 15.90 14.84 -15.27
N HIS A 328 15.57 13.73 -14.61
CA HIS A 328 16.45 13.15 -13.57
C HIS A 328 17.86 12.96 -14.10
N LYS A 329 17.97 12.47 -15.32
CA LYS A 329 19.27 12.11 -15.92
C LYS A 329 19.94 13.27 -16.63
N VAL A 330 19.32 14.43 -16.70
CA VAL A 330 19.91 15.55 -17.48
C VAL A 330 21.28 15.92 -16.90
N LYS A 331 21.44 15.88 -15.59
CA LYS A 331 22.73 16.25 -14.99
C LYS A 331 23.81 15.28 -15.43
N GLU A 332 23.57 14.00 -15.22
CA GLU A 332 24.56 12.98 -15.57
C GLU A 332 24.81 12.96 -17.08
N PHE A 333 23.76 13.07 -17.88
CA PHE A 333 23.95 13.07 -19.33
C PHE A 333 24.90 14.21 -19.73
N CYS A 334 24.64 15.40 -19.23
CA CYS A 334 25.50 16.55 -19.60
C CYS A 334 26.92 16.30 -19.13
N GLU A 335 27.08 15.83 -17.90
CA GLU A 335 28.44 15.56 -17.42
C GLU A 335 29.12 14.44 -18.21
N ASN A 336 28.36 13.58 -18.86
CA ASN A 336 28.93 12.48 -19.67
C ASN A 336 29.23 12.85 -21.10
N LEU A 337 28.74 13.97 -21.61
CA LEU A 337 29.06 14.36 -23.00
C LEU A 337 30.50 14.80 -23.10
N SER A 338 31.04 14.76 -24.30
CA SER A 338 32.40 15.27 -24.54
C SER A 338 32.42 16.76 -24.22
N ALA A 339 33.44 17.21 -23.52
CA ALA A 339 33.55 18.59 -23.03
C ALA A 339 33.50 19.61 -24.18
N ASP A 340 33.92 19.23 -25.37
CA ASP A 340 33.89 20.19 -26.49
C ASP A 340 32.47 20.54 -26.89
N CYS A 341 31.58 19.56 -26.99
CA CYS A 341 30.20 19.83 -27.44
C CYS A 341 29.27 20.16 -26.29
N ARG A 342 29.55 19.66 -25.09
CA ARG A 342 28.65 19.74 -23.92
C ARG A 342 28.01 21.13 -23.72
N GLU A 343 28.82 22.18 -23.63
CA GLU A 343 28.29 23.53 -23.38
C GLU A 343 27.30 23.94 -24.47
N ASN A 344 27.79 24.02 -25.69
CA ASN A 344 26.98 24.50 -26.84
C ASN A 344 25.77 23.60 -27.05
N VAL A 345 25.93 22.30 -26.84
CA VAL A 345 24.81 21.34 -27.01
C VAL A 345 23.75 21.62 -25.96
N ILE A 346 24.15 21.94 -24.74
CA ILE A 346 23.15 22.24 -23.70
C ILE A 346 22.39 23.49 -24.08
N MET A 347 23.09 24.60 -24.28
CA MET A 347 22.43 25.88 -24.60
C MET A 347 21.61 25.80 -25.88
N SER A 348 22.04 24.99 -26.84
CA SER A 348 21.34 24.92 -28.14
C SER A 348 20.16 23.95 -28.15
N GLN A 349 20.26 22.83 -27.45
CA GLN A 349 19.27 21.74 -27.57
C GLN A 349 18.58 21.37 -26.26
N ILE A 350 19.29 21.37 -25.13
CA ILE A 350 18.69 20.89 -23.86
C ILE A 350 18.16 22.05 -23.04
N LEU A 351 19.00 23.04 -22.75
CA LEU A 351 18.61 24.14 -21.84
C LEU A 351 17.36 24.88 -22.30
N PRO A 352 17.17 25.18 -23.60
CA PRO A 352 15.89 25.73 -24.03
C PRO A 352 14.72 24.80 -23.73
N CYS A 353 14.97 23.50 -23.68
CA CYS A 353 13.90 22.56 -23.27
C CYS A 353 13.76 22.59 -21.74
N ILE A 354 14.85 22.85 -21.04
CA ILE A 354 14.77 22.97 -19.57
C ILE A 354 13.81 24.12 -19.24
N LYS A 355 13.82 25.16 -20.07
CA LYS A 355 12.90 26.29 -19.84
C LYS A 355 11.46 25.81 -19.74
N GLU A 356 11.10 24.87 -20.58
CA GLU A 356 9.72 24.34 -20.58
C GLU A 356 9.52 23.37 -19.43
N LEU A 357 10.56 22.63 -19.06
CA LEU A 357 10.42 21.66 -17.96
C LEU A 357 10.22 22.38 -16.62
N VAL A 358 10.95 23.48 -16.39
CA VAL A 358 10.81 24.24 -15.14
C VAL A 358 9.38 24.74 -15.00
N SER A 359 8.76 25.09 -16.11
CA SER A 359 7.38 25.60 -16.13
C SER A 359 6.37 24.49 -16.37
N ASP A 360 6.74 23.23 -16.18
CA ASP A 360 5.84 22.12 -16.50
C ASP A 360 4.63 22.13 -15.56
N ALA A 361 3.53 21.64 -16.10
CA ALA A 361 2.23 21.49 -15.41
C ALA A 361 2.23 20.43 -14.31
N ASN A 362 3.16 19.47 -14.33
CA ASN A 362 3.13 18.34 -13.38
C ASN A 362 4.06 18.57 -12.20
N GLN A 363 3.52 18.35 -11.01
CA GLN A 363 4.28 18.44 -9.73
C GLN A 363 5.52 17.55 -9.78
N HIS A 364 5.36 16.31 -10.21
CA HIS A 364 6.48 15.34 -10.19
C HIS A 364 7.57 15.76 -11.14
N VAL A 365 7.20 16.29 -12.29
CA VAL A 365 8.23 16.72 -13.28
C VAL A 365 9.03 17.87 -12.70
N LYS A 366 8.35 18.86 -12.14
CA LYS A 366 9.06 20.02 -11.56
C LYS A 366 9.93 19.58 -10.40
N SER A 367 9.42 18.68 -9.56
CA SER A 367 10.21 18.20 -8.40
C SER A 367 11.43 17.43 -8.88
N ALA A 368 11.27 16.56 -9.86
CA ALA A 368 12.39 15.73 -10.36
C ALA A 368 13.49 16.63 -10.95
N LEU A 369 13.13 17.50 -11.86
CA LEU A 369 14.14 18.42 -12.44
C LEU A 369 14.76 19.25 -11.33
N ALA A 370 13.94 19.72 -10.42
CA ALA A 370 14.44 20.57 -9.33
C ALA A 370 15.54 19.88 -8.54
N SER A 371 15.47 18.56 -8.40
CA SER A 371 16.49 17.84 -7.60
C SER A 371 17.87 17.94 -8.27
N VAL A 372 17.90 17.86 -9.59
CA VAL A 372 19.17 17.82 -10.36
C VAL A 372 19.54 19.13 -11.03
N ILE A 373 18.58 19.97 -11.37
CA ILE A 373 18.80 21.17 -12.21
C ILE A 373 20.02 21.98 -11.77
N MET A 374 20.21 22.17 -10.48
CA MET A 374 21.42 22.88 -10.04
C MET A 374 22.69 22.13 -10.44
N GLY A 375 22.58 20.81 -10.61
CA GLY A 375 23.74 20.00 -10.99
C GLY A 375 24.34 20.37 -12.32
N LEU A 376 23.68 21.19 -13.11
CA LEU A 376 24.28 21.68 -14.37
C LEU A 376 25.27 22.79 -14.07
N SER A 377 25.18 23.38 -12.89
CA SER A 377 25.99 24.57 -12.53
C SER A 377 27.49 24.35 -12.71
N PRO A 378 28.09 23.19 -12.33
CA PRO A 378 29.51 23.02 -12.56
C PRO A 378 29.92 23.13 -14.03
N ILE A 379 28.99 22.86 -14.94
CA ILE A 379 29.27 22.89 -16.39
C ILE A 379 29.04 24.30 -16.92
N LEU A 380 27.98 24.93 -16.44
CA LEU A 380 27.52 26.25 -16.90
C LEU A 380 27.74 27.34 -15.86
N GLY A 381 28.67 27.14 -14.93
CA GLY A 381 28.77 27.99 -13.72
C GLY A 381 28.98 29.46 -13.99
N LYS A 382 30.01 29.83 -14.74
CA LYS A 382 30.42 31.26 -14.77
C LYS A 382 29.38 32.19 -15.41
N ASP A 383 29.13 32.06 -16.70
CA ASP A 383 28.20 32.98 -17.40
C ASP A 383 26.81 32.39 -17.44
N ASN A 384 26.67 31.21 -18.03
CA ASN A 384 25.37 30.62 -18.37
C ASN A 384 24.47 30.46 -17.14
N THR A 385 25.03 30.27 -15.96
CA THR A 385 24.20 30.10 -14.76
C THR A 385 23.35 31.34 -14.51
N ILE A 386 23.96 32.50 -14.66
CA ILE A 386 23.23 33.77 -14.43
C ILE A 386 22.26 33.99 -15.57
N GLU A 387 22.65 33.65 -16.79
CA GLU A 387 21.77 33.91 -17.95
C GLU A 387 20.49 33.07 -17.84
N HIS A 388 20.63 31.76 -17.76
CA HIS A 388 19.46 30.84 -17.73
C HIS A 388 19.21 30.16 -16.38
N LEU A 389 20.21 29.61 -15.72
CA LEU A 389 19.92 28.76 -14.54
C LEU A 389 19.35 29.57 -13.39
N LEU A 390 19.84 30.78 -13.14
CA LEU A 390 19.27 31.55 -12.03
C LEU A 390 17.79 31.83 -12.26
N PRO A 391 17.34 32.34 -13.43
CA PRO A 391 15.90 32.44 -13.67
C PRO A 391 15.16 31.12 -13.49
N LEU A 392 15.77 30.01 -13.89
CA LEU A 392 15.14 28.69 -13.71
C LEU A 392 15.00 28.35 -12.22
N PHE A 393 16.02 28.64 -11.43
CA PHE A 393 15.95 28.42 -9.97
C PHE A 393 14.85 29.28 -9.36
N LEU A 394 14.90 30.57 -9.65
CA LEU A 394 13.94 31.52 -9.05
C LEU A 394 12.52 31.15 -9.46
N ALA A 395 12.35 30.60 -10.65
CA ALA A 395 11.01 30.16 -11.05
C ALA A 395 10.58 28.97 -10.20
N GLN A 396 11.46 28.00 -10.03
CA GLN A 396 11.11 26.81 -9.22
C GLN A 396 10.91 27.19 -7.75
N LEU A 397 11.64 28.18 -7.26
CA LEU A 397 11.53 28.61 -5.85
C LEU A 397 10.18 29.23 -5.51
N LYS A 398 9.28 29.39 -6.47
CA LYS A 398 7.95 29.97 -6.22
C LYS A 398 6.83 28.98 -6.52
N ASP A 399 7.16 27.71 -6.71
CA ASP A 399 6.11 26.71 -7.02
C ASP A 399 5.16 26.52 -5.85
N GLU A 400 3.91 26.26 -6.18
CA GLU A 400 2.85 26.01 -5.19
C GLU A 400 3.18 24.79 -4.35
N CYS A 401 3.79 23.77 -4.93
CA CYS A 401 4.09 22.59 -4.13
C CYS A 401 5.36 22.84 -3.32
N PRO A 402 5.41 22.41 -2.04
CA PRO A 402 6.62 22.62 -1.27
C PRO A 402 7.79 21.75 -1.73
N GLU A 403 7.47 20.55 -2.22
CA GLU A 403 8.51 19.58 -2.63
C GLU A 403 9.49 20.21 -3.62
N VAL A 404 9.01 21.07 -4.49
CA VAL A 404 9.89 21.73 -5.48
C VAL A 404 10.90 22.62 -4.76
N ARG A 405 10.41 23.49 -3.90
CA ARG A 405 11.30 24.40 -3.15
C ARG A 405 12.25 23.61 -2.27
N LEU A 406 11.75 22.56 -1.62
CA LEU A 406 12.62 21.71 -0.77
C LEU A 406 13.74 21.11 -1.62
N ASN A 407 13.38 20.56 -2.76
CA ASN A 407 14.38 19.90 -3.63
C ASN A 407 15.42 20.90 -4.10
N ILE A 408 15.01 22.12 -4.42
CA ILE A 408 16.01 23.12 -4.86
C ILE A 408 16.99 23.41 -3.72
N ILE A 409 16.48 23.69 -2.55
CA ILE A 409 17.35 24.06 -1.40
C ILE A 409 18.18 22.85 -0.95
N SER A 410 17.74 21.64 -1.26
CA SER A 410 18.47 20.42 -0.86
C SER A 410 19.81 20.25 -1.59
N ASN A 411 20.05 20.94 -2.70
CA ASN A 411 21.24 20.68 -3.53
C ASN A 411 22.02 21.95 -3.85
N LEU A 412 21.83 23.01 -3.09
CA LEU A 412 22.42 24.33 -3.41
C LEU A 412 23.95 24.28 -3.56
N ASP A 413 24.61 23.26 -3.02
CA ASP A 413 26.07 23.12 -3.13
C ASP A 413 26.59 23.37 -4.55
N CYS A 414 25.91 22.84 -5.55
CA CYS A 414 26.36 22.95 -6.95
C CYS A 414 26.48 24.42 -7.38
N VAL A 415 25.62 25.28 -6.86
CA VAL A 415 25.62 26.70 -7.27
C VAL A 415 26.49 27.53 -6.33
N ASN A 416 26.52 27.17 -5.06
CA ASN A 416 27.25 27.98 -4.05
C ASN A 416 28.74 27.95 -4.30
N GLU A 417 29.25 26.86 -4.84
CA GLU A 417 30.70 26.74 -5.06
C GLU A 417 31.17 27.55 -6.27
N VAL A 418 30.30 27.83 -7.23
CA VAL A 418 30.72 28.55 -8.47
C VAL A 418 30.47 30.06 -8.36
N ILE A 419 29.25 30.47 -8.09
CA ILE A 419 28.89 31.91 -8.02
C ILE A 419 28.94 32.42 -6.57
N GLY A 420 28.54 31.59 -5.62
CA GLY A 420 28.40 31.98 -4.21
C GLY A 420 26.95 32.20 -3.83
N ILE A 421 26.68 32.05 -2.53
CA ILE A 421 25.30 32.11 -2.03
C ILE A 421 24.71 33.52 -2.10
N ARG A 422 25.54 34.56 -2.08
CA ARG A 422 25.00 35.94 -2.04
C ARG A 422 24.09 36.19 -3.25
N GLN A 423 24.40 35.60 -4.38
CA GLN A 423 23.55 35.77 -5.57
C GLN A 423 22.23 35.03 -5.44
N LEU A 424 22.14 34.08 -4.52
CA LEU A 424 20.90 33.30 -4.31
C LEU A 424 20.19 33.68 -3.00
N SER A 425 20.92 33.99 -1.95
CA SER A 425 20.38 34.25 -0.60
C SER A 425 19.14 35.16 -0.63
N GLN A 426 19.20 36.22 -1.41
CA GLN A 426 18.10 37.20 -1.50
C GLN A 426 16.82 36.56 -1.99
N SER A 427 16.92 35.47 -2.74
CA SER A 427 15.74 34.76 -3.28
C SER A 427 15.52 33.45 -2.55
N LEU A 428 16.48 32.99 -1.78
CA LEU A 428 16.30 31.79 -0.95
C LEU A 428 15.50 32.12 0.31
N LEU A 429 15.75 33.27 0.90
CA LEU A 429 15.08 33.63 2.17
C LEU A 429 13.56 33.62 2.10
N PRO A 430 12.88 34.10 1.04
CA PRO A 430 11.42 34.03 1.05
C PRO A 430 10.88 32.62 0.89
N ALA A 431 11.55 31.78 0.12
CA ALA A 431 11.08 30.39 -0.07
C ALA A 431 11.18 29.62 1.25
N ILE A 432 12.30 29.75 1.94
CA ILE A 432 12.47 29.04 3.24
C ILE A 432 11.50 29.63 4.27
N VAL A 433 11.28 30.93 4.23
CA VAL A 433 10.28 31.51 5.16
C VAL A 433 8.90 30.95 4.86
N GLU A 434 8.52 30.89 3.60
CA GLU A 434 7.18 30.37 3.24
C GLU A 434 7.07 28.89 3.62
N LEU A 435 8.12 28.13 3.35
CA LEU A 435 8.13 26.70 3.71
C LEU A 435 7.98 26.52 5.22
N ALA A 436 8.71 27.33 5.98
CA ALA A 436 8.76 27.25 7.44
C ALA A 436 7.45 27.66 8.10
N GLU A 437 6.44 28.09 7.34
CA GLU A 437 5.17 28.53 7.93
C GLU A 437 3.97 27.76 7.37
N ASP A 438 4.21 26.73 6.57
CA ASP A 438 3.12 25.95 5.96
C ASP A 438 2.19 25.39 7.03
N ALA A 439 0.90 25.43 6.72
CA ALA A 439 -0.13 24.83 7.57
C ALA A 439 0.19 23.35 7.80
N LYS A 440 0.70 22.68 6.77
CA LYS A 440 1.15 21.29 6.92
C LYS A 440 2.48 21.31 7.65
N TRP A 441 2.43 21.05 8.94
CA TRP A 441 3.63 21.10 9.80
C TRP A 441 4.74 20.20 9.27
N ARG A 442 4.41 19.13 8.57
CA ARG A 442 5.46 18.24 8.04
C ARG A 442 6.35 18.98 7.05
N VAL A 443 5.87 20.04 6.43
CA VAL A 443 6.74 20.84 5.56
C VAL A 443 7.70 21.62 6.43
N ARG A 444 7.21 22.14 7.54
CA ARG A 444 8.09 22.87 8.48
C ARG A 444 9.17 21.92 9.00
N LEU A 445 8.78 20.71 9.33
CA LEU A 445 9.76 19.69 9.76
C LEU A 445 10.78 19.45 8.66
N ALA A 446 10.30 19.21 7.44
CA ALA A 446 11.18 18.87 6.30
C ALA A 446 12.20 19.99 6.06
N ILE A 447 11.80 21.23 6.20
CA ILE A 447 12.80 22.30 6.00
C ILE A 447 13.76 22.35 7.19
N ILE A 448 13.27 22.05 8.38
CA ILE A 448 14.13 22.09 9.58
C ILE A 448 15.31 21.12 9.41
N GLU A 449 15.07 19.99 8.78
CA GLU A 449 16.13 18.99 8.59
C GLU A 449 17.30 19.55 7.78
N TYR A 450 17.08 20.54 6.93
CA TYR A 450 18.15 21.06 6.05
C TYR A 450 18.84 22.30 6.59
N MET A 451 18.39 22.86 7.69
CA MET A 451 18.99 24.10 8.21
C MET A 451 20.50 24.00 8.43
N PRO A 452 21.10 22.88 8.89
CA PRO A 452 22.54 22.90 9.05
C PRO A 452 23.25 22.98 7.70
N LEU A 453 22.74 22.27 6.71
CA LEU A 453 23.32 22.36 5.36
C LEU A 453 23.18 23.79 4.88
N LEU A 454 21.98 24.31 5.03
CA LEU A 454 21.69 25.71 4.66
C LEU A 454 22.56 26.68 5.46
N ALA A 455 22.68 26.48 6.75
CA ALA A 455 23.49 27.39 7.58
C ALA A 455 24.95 27.34 7.13
N GLY A 456 25.45 26.15 6.82
CA GLY A 456 26.84 26.00 6.36
C GLY A 456 27.06 26.70 5.03
N GLN A 457 26.03 26.73 4.20
CA GLN A 457 26.13 27.37 2.87
C GLN A 457 25.94 28.87 2.99
N LEU A 458 24.86 29.29 3.63
CA LEU A 458 24.50 30.71 3.79
C LEU A 458 25.53 31.43 4.66
N GLY A 459 26.17 30.70 5.57
CA GLY A 459 27.23 31.26 6.42
C GLY A 459 26.75 31.84 7.75
N VAL A 460 27.74 32.17 8.57
CA VAL A 460 27.53 32.64 9.96
C VAL A 460 26.72 33.93 9.99
N GLU A 461 27.07 34.88 9.15
CA GLU A 461 26.40 36.19 9.20
C GLU A 461 24.95 36.07 8.76
N PHE A 462 24.71 35.51 7.59
CA PHE A 462 23.34 35.47 7.04
C PHE A 462 22.41 34.61 7.89
N PHE A 463 22.85 33.46 8.36
CA PHE A 463 21.94 32.59 9.14
C PHE A 463 21.50 33.29 10.43
N ASP A 464 22.44 33.88 11.15
CA ASP A 464 22.09 34.54 12.42
C ASP A 464 21.41 35.88 12.17
N GLU A 465 21.53 36.41 10.96
CA GLU A 465 20.85 37.66 10.61
C GLU A 465 19.38 37.38 10.28
N LYS A 466 19.10 36.31 9.53
CA LYS A 466 17.77 36.09 8.94
C LYS A 466 17.06 34.84 9.45
N LEU A 467 17.78 33.78 9.82
CA LEU A 467 17.12 32.48 10.10
C LEU A 467 17.11 32.11 11.58
N ASN A 468 18.02 32.62 12.40
CA ASN A 468 18.02 32.28 13.84
C ASN A 468 16.63 32.55 14.43
N SER A 469 16.02 33.66 14.05
CA SER A 469 14.66 34.00 14.48
C SER A 469 13.70 32.90 14.07
N LEU A 470 13.93 32.31 12.91
CA LEU A 470 13.08 31.21 12.45
C LEU A 470 13.32 29.97 13.29
N CYS A 471 14.55 29.77 13.75
CA CYS A 471 14.84 28.65 14.67
C CYS A 471 13.99 28.81 15.93
N MET A 472 14.01 30.01 16.47
CA MET A 472 13.20 30.26 17.68
C MET A 472 11.72 30.11 17.35
N ALA A 473 11.32 30.51 16.16
CA ALA A 473 9.92 30.35 15.73
C ALA A 473 9.53 28.88 15.75
N TRP A 474 10.45 27.98 15.45
CA TRP A 474 10.14 26.55 15.54
C TRP A 474 10.20 26.04 16.97
N LEU A 475 11.08 26.59 17.80
CA LEU A 475 11.15 26.14 19.20
C LEU A 475 9.77 26.32 19.86
N VAL A 476 9.20 27.49 19.72
CA VAL A 476 7.88 27.82 20.32
C VAL A 476 6.73 27.13 19.57
N ASP A 477 6.96 26.58 18.39
CA ASP A 477 5.88 26.05 17.56
C ASP A 477 4.97 25.11 18.32
N HIS A 478 3.70 25.20 18.00
CA HIS A 478 2.61 24.47 18.67
C HIS A 478 2.74 22.95 18.51
N VAL A 479 3.44 22.48 17.49
CA VAL A 479 3.54 21.02 17.25
C VAL A 479 4.80 20.52 17.92
N TYR A 480 4.66 19.52 18.78
CA TYR A 480 5.83 18.97 19.50
C TYR A 480 6.86 18.41 18.53
N ALA A 481 6.40 17.74 17.50
CA ALA A 481 7.34 17.16 16.51
C ALA A 481 8.27 18.26 15.99
N ILE A 482 7.74 19.44 15.75
CA ILE A 482 8.57 20.57 15.30
C ILE A 482 9.50 21.02 16.41
N ARG A 483 8.99 21.16 17.62
CA ARG A 483 9.85 21.61 18.75
C ARG A 483 11.01 20.65 18.94
N GLU A 484 10.72 19.36 18.94
CA GLU A 484 11.72 18.30 19.13
C GLU A 484 12.75 18.34 18.01
N ALA A 485 12.28 18.24 16.77
CA ALA A 485 13.19 18.22 15.61
C ALA A 485 14.00 19.51 15.58
N ALA A 486 13.38 20.65 15.85
CA ALA A 486 14.12 21.92 15.84
C ALA A 486 15.15 21.96 16.96
N THR A 487 14.86 21.35 18.10
CA THR A 487 15.84 21.34 19.20
C THR A 487 17.06 20.52 18.81
N SER A 488 16.82 19.31 18.33
CA SER A 488 17.90 18.42 17.90
C SER A 488 18.65 19.06 16.72
N ASN A 489 17.92 19.77 15.89
CA ASN A 489 18.53 20.51 14.78
C ASN A 489 19.43 21.62 15.32
N LEU A 490 18.95 22.32 16.31
CA LEU A 490 19.70 23.42 16.93
C LEU A 490 21.00 22.88 17.52
N LYS A 491 20.96 21.67 18.04
CA LYS A 491 22.19 21.02 18.51
C LYS A 491 23.23 20.97 17.38
N LYS A 492 22.80 20.52 16.21
CA LYS A 492 23.71 20.40 15.06
C LYS A 492 24.21 21.77 14.66
N LEU A 493 23.38 22.79 14.77
CA LEU A 493 23.84 24.15 14.44
C LEU A 493 24.92 24.58 15.42
N VAL A 494 24.75 24.28 16.69
CA VAL A 494 25.80 24.64 17.68
C VAL A 494 27.07 23.86 17.36
N GLU A 495 26.92 22.62 16.93
CA GLU A 495 28.10 21.82 16.54
C GLU A 495 28.81 22.47 15.36
N LYS A 496 28.06 22.92 14.38
CA LYS A 496 28.67 23.53 13.18
C LYS A 496 29.31 24.87 13.51
N PHE A 497 28.76 25.58 14.48
CA PHE A 497 29.22 26.95 14.81
C PHE A 497 30.15 27.00 16.02
N GLY A 498 30.07 26.01 16.89
CA GLY A 498 30.87 25.93 18.13
C GLY A 498 30.23 26.64 19.31
N LYS A 499 31.06 26.97 20.27
CA LYS A 499 30.60 27.34 21.63
C LYS A 499 30.27 28.84 21.72
N GLU A 500 31.23 29.70 21.39
CA GLU A 500 31.09 31.15 21.65
C GLU A 500 29.89 31.74 20.90
N TRP A 501 29.64 31.27 19.69
CA TRP A 501 28.48 31.79 18.92
C TRP A 501 27.19 31.56 19.70
N ALA A 502 26.94 30.31 20.05
CA ALA A 502 25.70 29.93 20.76
C ALA A 502 25.62 30.69 22.08
N HIS A 503 26.73 30.80 22.79
CA HIS A 503 26.74 31.53 24.07
C HIS A 503 26.37 33.00 23.87
N ALA A 504 26.90 33.61 22.83
CA ALA A 504 26.65 35.05 22.58
C ALA A 504 25.20 35.29 22.12
N THR A 505 24.61 34.39 21.32
CA THR A 505 23.31 34.72 20.68
C THR A 505 22.17 33.74 20.93
N ILE A 506 22.42 32.44 20.98
CA ILE A 506 21.32 31.45 21.06
C ILE A 506 20.91 31.23 22.52
N ILE A 507 21.86 30.92 23.38
CA ILE A 507 21.55 30.56 24.79
C ILE A 507 20.73 31.67 25.47
N PRO A 508 21.06 32.97 25.34
CA PRO A 508 20.22 34.01 25.93
C PRO A 508 18.74 33.95 25.55
N LYS A 509 18.44 33.43 24.37
CA LYS A 509 17.03 33.31 23.91
C LYS A 509 16.37 32.02 24.40
N VAL A 510 17.02 30.89 24.26
CA VAL A 510 16.38 29.60 24.60
C VAL A 510 16.00 29.61 26.08
N LEU A 511 16.81 30.23 26.92
CA LEU A 511 16.48 30.27 28.35
C LEU A 511 15.24 31.12 28.61
N ALA A 512 14.96 32.08 27.74
CA ALA A 512 13.80 32.97 27.96
C ALA A 512 12.49 32.18 27.86
N MET A 513 12.51 31.02 27.23
CA MET A 513 11.30 30.18 27.14
C MET A 513 10.90 29.61 28.50
N SER A 514 11.77 29.70 29.49
CA SER A 514 11.46 29.26 30.86
C SER A 514 10.32 30.11 31.44
N GLY A 515 10.27 31.37 31.07
CA GLY A 515 9.25 32.30 31.58
C GLY A 515 7.89 32.10 30.96
N ASP A 516 7.79 31.29 29.93
CA ASP A 516 6.50 31.14 29.22
C ASP A 516 5.50 30.45 30.13
N PRO A 517 4.25 30.96 30.24
CA PRO A 517 3.27 30.27 31.06
C PRO A 517 2.91 28.90 30.52
N ASN A 518 3.10 28.68 29.23
CA ASN A 518 2.82 27.35 28.67
C ASN A 518 3.92 26.41 29.13
N TYR A 519 3.56 25.41 29.92
CA TYR A 519 4.53 24.45 30.48
C TYR A 519 5.27 23.71 29.38
N LEU A 520 4.64 23.47 28.24
CA LEU A 520 5.32 22.79 27.13
C LEU A 520 6.54 23.59 26.68
N HIS A 521 6.50 24.90 26.76
CA HIS A 521 7.67 25.70 26.33
C HIS A 521 8.77 25.59 27.38
N ARG A 522 8.41 25.54 28.65
CA ARG A 522 9.44 25.31 29.68
C ARG A 522 10.09 23.95 29.45
N MET A 523 9.29 22.93 29.25
CA MET A 523 9.84 21.59 28.97
C MET A 523 10.75 21.63 27.74
N THR A 524 10.38 22.40 26.74
CA THR A 524 11.24 22.52 25.57
C THR A 524 12.55 23.20 25.97
N THR A 525 12.51 24.11 26.93
CA THR A 525 13.75 24.70 27.44
C THR A 525 14.61 23.62 28.07
N LEU A 526 13.99 22.70 28.78
CA LEU A 526 14.76 21.61 29.41
C LEU A 526 15.40 20.72 28.34
N PHE A 527 14.66 20.35 27.30
CA PHE A 527 15.26 19.52 26.23
C PHE A 527 16.37 20.29 25.53
N CYS A 528 16.18 21.59 25.33
CA CYS A 528 17.20 22.42 24.67
C CYS A 528 18.45 22.50 25.54
N ILE A 529 18.26 22.78 26.81
CA ILE A 529 19.37 22.83 27.81
C ILE A 529 20.12 21.49 27.80
N ASN A 530 19.36 20.42 27.80
CA ASN A 530 19.91 19.05 27.76
C ASN A 530 20.85 18.87 26.56
N VAL A 531 20.32 19.05 25.37
CA VAL A 531 21.14 18.82 24.16
C VAL A 531 22.26 19.85 24.06
N LEU A 532 22.06 21.06 24.55
CA LEU A 532 23.15 22.07 24.47
C LEU A 532 24.31 21.72 25.38
N SER A 533 24.04 21.21 26.58
CA SER A 533 25.11 20.91 27.56
C SER A 533 26.20 20.05 26.94
N GLU A 534 25.82 19.15 26.05
CA GLU A 534 26.78 18.23 25.42
C GLU A 534 27.81 18.99 24.58
N VAL A 535 27.36 19.99 23.84
CA VAL A 535 28.25 20.73 22.92
C VAL A 535 28.86 21.97 23.58
N CYS A 536 28.11 22.70 24.40
CA CYS A 536 28.63 23.95 24.99
C CYS A 536 29.61 23.67 26.13
N GLY A 537 29.68 22.43 26.60
CA GLY A 537 30.67 22.04 27.62
C GLY A 537 30.33 22.42 29.05
N GLN A 538 31.12 21.85 29.95
CA GLN A 538 30.92 21.98 31.41
C GLN A 538 30.98 23.44 31.88
N ASP A 539 31.93 24.23 31.40
CA ASP A 539 32.07 25.63 31.88
C ASP A 539 30.80 26.43 31.60
N ILE A 540 30.42 26.53 30.35
CA ILE A 540 29.26 27.36 29.96
C ILE A 540 27.99 26.77 30.58
N THR A 541 27.88 25.44 30.56
CA THR A 541 26.69 24.76 31.12
C THR A 541 26.53 25.09 32.60
N THR A 542 27.54 24.82 33.40
CA THR A 542 27.41 24.98 34.87
C THR A 542 27.38 26.46 35.25
N LYS A 543 28.17 27.30 34.60
CA LYS A 543 28.27 28.69 35.06
C LYS A 543 27.12 29.55 34.53
N HIS A 544 26.94 29.62 33.22
CA HIS A 544 25.92 30.53 32.64
C HIS A 544 24.54 29.88 32.52
N MET A 545 24.49 28.69 31.96
CA MET A 545 23.21 28.04 31.59
C MET A 545 22.54 27.30 32.75
N LEU A 546 23.28 26.49 33.50
CA LEU A 546 22.69 25.55 34.49
C LEU A 546 21.74 26.18 35.51
N PRO A 547 22.02 27.36 36.11
CA PRO A 547 21.12 27.91 37.12
C PRO A 547 19.64 27.95 36.74
N THR A 548 19.35 28.16 35.47
CA THR A 548 17.95 28.18 34.97
C THR A 548 17.23 26.86 35.24
N VAL A 549 17.94 25.75 35.27
CA VAL A 549 17.30 24.43 35.49
C VAL A 549 16.83 24.29 36.94
N LEU A 550 17.58 24.85 37.88
CA LEU A 550 17.21 24.74 39.31
C LEU A 550 15.95 25.55 39.59
N ARG A 551 15.81 26.71 38.96
CA ARG A 551 14.65 27.60 39.20
C ARG A 551 13.35 26.86 38.91
N MET A 552 13.29 26.17 37.79
CA MET A 552 12.06 25.45 37.42
C MET A 552 12.03 24.08 38.06
N ALA A 553 13.02 23.72 38.88
CA ALA A 553 12.97 22.45 39.62
C ALA A 553 11.79 22.50 40.60
N GLY A 554 11.54 23.68 41.15
CA GLY A 554 10.40 23.92 42.04
C GLY A 554 9.22 24.45 41.27
N ASP A 555 9.15 24.16 39.98
CA ASP A 555 8.04 24.64 39.16
C ASP A 555 6.75 24.06 39.71
N PRO A 556 5.64 24.83 39.71
CA PRO A 556 4.38 24.28 40.21
C PRO A 556 3.84 23.08 39.45
N VAL A 557 4.34 22.84 38.24
CA VAL A 557 3.88 21.71 37.42
C VAL A 557 4.87 20.57 37.56
N ALA A 558 4.39 19.42 37.98
CA ALA A 558 5.25 18.24 38.23
C ALA A 558 6.00 17.86 36.97
N ASN A 559 5.41 18.10 35.80
CA ASN A 559 6.09 17.79 34.53
C ASN A 559 7.43 18.49 34.44
N VAL A 560 7.46 19.77 34.74
CA VAL A 560 8.73 20.54 34.69
C VAL A 560 9.70 20.03 35.76
N ARG A 561 9.20 19.69 36.93
CA ARG A 561 10.06 19.16 38.01
C ARG A 561 10.73 17.86 37.58
N PHE A 562 9.96 16.85 37.18
CA PHE A 562 10.65 15.59 36.83
C PHE A 562 11.42 15.71 35.53
N ASN A 563 11.05 16.63 34.66
CA ASN A 563 11.92 16.80 33.49
C ASN A 563 13.21 17.48 33.93
N VAL A 564 13.17 18.27 34.99
CA VAL A 564 14.43 18.80 35.57
C VAL A 564 15.26 17.63 36.08
N ALA A 565 14.61 16.70 36.75
CA ALA A 565 15.31 15.49 37.23
C ALA A 565 15.97 14.77 36.05
N LYS A 566 15.19 14.45 35.02
CA LYS A 566 15.73 13.76 33.84
C LYS A 566 16.80 14.60 33.15
N SER A 567 16.67 15.91 33.15
CA SER A 567 17.68 16.79 32.52
C SER A 567 19.00 16.66 33.27
N LEU A 568 18.97 16.78 34.59
CA LEU A 568 20.22 16.67 35.36
C LEU A 568 20.78 15.27 35.20
N GLN A 569 19.89 14.28 35.12
CA GLN A 569 20.32 12.88 34.91
C GLN A 569 21.10 12.75 33.60
N LYS A 570 20.70 13.48 32.57
CA LYS A 570 21.42 13.37 31.29
C LYS A 570 22.66 14.27 31.28
N ILE A 571 22.55 15.50 31.73
CA ILE A 571 23.72 16.42 31.70
C ILE A 571 24.66 16.16 32.87
N GLY A 572 24.17 15.52 33.93
CA GLY A 572 24.91 15.30 35.17
C GLY A 572 26.35 14.85 34.97
N PRO A 573 26.60 13.81 34.15
CA PRO A 573 27.97 13.37 33.93
C PRO A 573 28.90 14.44 33.39
N ILE A 574 28.34 15.47 32.76
CA ILE A 574 29.16 16.59 32.23
C ILE A 574 29.42 17.60 33.33
N LEU A 575 28.60 17.62 34.37
CA LEU A 575 28.74 18.64 35.44
C LEU A 575 29.92 18.31 36.35
N ASP A 576 30.51 19.37 36.88
CA ASP A 576 31.66 19.28 37.80
C ASP A 576 31.22 18.71 39.15
N ASN A 577 32.03 17.80 39.67
CA ASN A 577 31.75 17.15 40.97
C ASN A 577 31.55 18.18 42.09
N SER A 578 32.31 19.26 42.08
CA SER A 578 32.15 20.30 43.13
C SER A 578 30.76 20.92 43.04
N THR A 579 30.39 21.37 41.86
CA THR A 579 29.07 22.00 41.66
C THR A 579 27.99 20.95 41.75
N LEU A 580 28.28 19.73 41.31
CA LEU A 580 27.30 18.62 41.42
C LEU A 580 26.94 18.41 42.89
N GLN A 581 27.94 18.35 43.75
CA GLN A 581 27.70 18.16 45.19
C GLN A 581 27.06 19.40 45.81
N SER A 582 27.51 20.59 45.42
CA SER A 582 27.00 21.83 46.04
C SER A 582 25.54 22.11 45.65
N GLU A 583 25.20 21.97 44.37
CA GLU A 583 23.87 22.36 43.86
C GLU A 583 23.05 21.16 43.39
N VAL A 584 23.59 20.29 42.57
CA VAL A 584 22.79 19.19 41.99
C VAL A 584 22.32 18.23 43.08
N LYS A 585 23.23 17.79 43.95
CA LYS A 585 22.85 16.81 44.99
C LYS A 585 21.73 17.33 45.89
N PRO A 586 21.86 18.47 46.58
CA PRO A 586 20.79 18.87 47.50
C PRO A 586 19.47 19.19 46.83
N ILE A 587 19.50 19.68 45.60
CA ILE A 587 18.23 19.97 44.88
C ILE A 587 17.59 18.66 44.47
N LEU A 588 18.38 17.75 43.93
CA LEU A 588 17.83 16.43 43.55
C LEU A 588 17.27 15.73 44.79
N GLU A 589 18.00 15.78 45.89
CA GLU A 589 17.53 15.19 47.16
C GLU A 589 16.21 15.82 47.58
N LYS A 590 16.10 17.14 47.47
CA LYS A 590 14.83 17.81 47.82
C LYS A 590 13.69 17.23 46.99
N LEU A 591 13.92 17.04 45.70
CA LEU A 591 12.88 16.49 44.80
C LEU A 591 12.54 15.05 45.18
N THR A 592 13.47 14.28 45.73
CA THR A 592 13.16 12.88 46.10
C THR A 592 12.09 12.77 47.19
N GLN A 593 11.74 13.87 47.85
CA GLN A 593 10.74 13.85 48.93
C GLN A 593 9.45 14.54 48.51
N ASP A 594 9.30 14.89 47.24
CA ASP A 594 8.08 15.58 46.76
C ASP A 594 6.84 14.71 46.95
N GLN A 595 5.69 15.36 46.92
CA GLN A 595 4.40 14.65 46.99
C GLN A 595 4.19 13.78 45.75
N ASP A 596 4.75 14.20 44.62
CA ASP A 596 4.58 13.49 43.35
C ASP A 596 5.51 12.28 43.28
N VAL A 597 4.91 11.10 43.16
CA VAL A 597 5.66 9.84 43.01
C VAL A 597 6.53 9.90 41.76
N ASP A 598 6.09 10.58 40.71
CA ASP A 598 6.90 10.63 39.48
C ASP A 598 8.17 11.44 39.72
N VAL A 599 8.01 12.61 40.32
CA VAL A 599 9.17 13.42 40.72
C VAL A 599 10.10 12.61 41.62
N LYS A 600 9.56 11.98 42.63
CA LYS A 600 10.42 11.20 43.56
C LYS A 600 11.13 10.07 42.81
N TYR A 601 10.42 9.39 41.94
CA TYR A 601 10.98 8.27 41.17
C TYR A 601 12.15 8.76 40.32
N PHE A 602 11.91 9.78 39.52
CA PHE A 602 12.96 10.27 38.62
C PHE A 602 14.10 10.91 39.39
N ALA A 603 13.82 11.63 40.47
CA ALA A 603 14.90 12.26 41.26
C ALA A 603 15.79 11.17 41.87
N GLN A 604 15.19 10.11 42.38
CA GLN A 604 15.98 8.98 42.91
C GLN A 604 16.80 8.35 41.80
N GLU A 605 16.18 8.12 40.66
CA GLU A 605 16.88 7.49 39.52
C GLU A 605 18.07 8.36 39.13
N ALA A 606 17.88 9.68 39.11
CA ALA A 606 18.96 10.62 38.77
C ALA A 606 20.12 10.49 39.76
N LEU A 607 19.82 10.57 41.05
CA LEU A 607 20.87 10.47 42.08
C LEU A 607 21.59 9.14 41.96
N THR A 608 20.85 8.08 41.66
CA THR A 608 21.45 6.74 41.48
C THR A 608 22.43 6.78 40.33
N VAL A 609 21.99 7.26 39.18
CA VAL A 609 22.85 7.30 37.97
C VAL A 609 24.02 8.24 38.22
N LEU A 610 23.79 9.30 38.99
CA LEU A 610 24.89 10.24 39.31
C LEU A 610 25.77 9.73 40.45
N SER A 611 25.39 8.63 41.09
CA SER A 611 26.14 8.06 42.23
C SER A 611 26.21 9.04 43.39
N LEU A 612 25.28 9.97 43.46
CA LEU A 612 25.28 10.94 44.58
C LEU A 612 24.62 10.30 45.79
N ALA A 613 23.59 9.53 45.55
CA ALA A 613 22.82 8.85 46.61
C ALA A 613 22.10 7.66 45.99
N ASP B 9 -25.15 -21.92 -38.77
CA ASP B 9 -25.86 -22.22 -37.48
C ASP B 9 -25.15 -23.34 -36.73
N ILE B 10 -25.21 -23.30 -35.41
CA ILE B 10 -24.52 -24.28 -34.54
C ILE B 10 -25.58 -25.08 -33.80
N GLN B 11 -25.56 -26.39 -33.93
CA GLN B 11 -26.57 -27.26 -33.27
C GLN B 11 -26.09 -27.60 -31.87
N TRP B 12 -26.28 -26.66 -30.95
CA TRP B 12 -25.81 -26.84 -29.56
C TRP B 12 -26.54 -28.02 -28.90
N CYS B 13 -25.79 -28.83 -28.19
CA CYS B 13 -26.31 -30.00 -27.46
C CYS B 13 -26.49 -29.66 -25.98
N PHE B 14 -27.61 -30.09 -25.42
CA PHE B 14 -27.97 -29.79 -24.02
C PHE B 14 -26.86 -30.23 -23.08
N SER B 15 -26.49 -29.33 -22.18
CA SER B 15 -25.40 -29.56 -21.21
C SER B 15 -25.80 -30.57 -20.15
N GLN B 16 -24.80 -31.30 -19.66
CA GLN B 16 -24.94 -32.08 -18.43
C GLN B 16 -24.72 -31.14 -17.25
N VAL B 17 -25.54 -31.27 -16.22
CA VAL B 17 -25.43 -30.41 -15.01
C VAL B 17 -24.63 -31.20 -13.99
N LYS B 18 -23.53 -30.62 -13.52
CA LYS B 18 -22.60 -31.30 -12.60
C LYS B 18 -22.53 -30.66 -11.24
N GLY B 19 -22.66 -29.33 -11.14
CA GLY B 19 -22.55 -28.61 -9.88
C GLY B 19 -23.76 -28.76 -8.98
N ALA B 20 -24.93 -28.38 -9.47
CA ALA B 20 -26.12 -28.34 -8.62
C ALA B 20 -27.37 -28.54 -9.46
N ALA B 26 -28.83 -21.91 -0.44
CA ALA B 26 -29.13 -21.49 -1.83
C ALA B 26 -28.61 -20.08 -2.10
N GLU B 27 -28.23 -19.33 -1.06
CA GLU B 27 -27.78 -17.94 -1.22
C GLU B 27 -26.26 -17.88 -1.40
N ALA B 28 -25.52 -18.70 -0.68
CA ALA B 28 -24.05 -18.69 -0.80
C ALA B 28 -23.65 -19.33 -2.13
N ASP B 29 -24.46 -20.25 -2.63
CA ASP B 29 -24.18 -20.95 -3.90
C ASP B 29 -24.92 -20.24 -5.02
N ILE B 30 -24.33 -19.17 -5.51
CA ILE B 30 -24.86 -18.39 -6.64
C ILE B 30 -23.66 -18.06 -7.49
N ILE B 31 -23.58 -18.67 -8.64
CA ILE B 31 -22.37 -18.57 -9.50
C ILE B 31 -22.32 -17.18 -10.10
N SER B 32 -21.48 -16.35 -9.52
CA SER B 32 -21.30 -14.95 -9.94
C SER B 32 -20.29 -14.81 -11.07
N THR B 33 -19.61 -15.89 -11.51
CA THR B 33 -18.70 -15.80 -12.66
C THR B 33 -18.38 -17.21 -13.14
N VAL B 34 -18.13 -17.34 -14.44
CA VAL B 34 -17.67 -18.61 -15.04
C VAL B 34 -16.52 -18.27 -15.97
N GLU B 35 -15.48 -19.10 -15.99
CA GLU B 35 -14.27 -18.74 -16.78
C GLU B 35 -13.44 -19.98 -17.11
N PHE B 36 -13.18 -20.18 -18.39
CA PHE B 36 -12.25 -21.23 -18.87
C PHE B 36 -10.83 -20.69 -18.90
N ASN B 37 -9.88 -21.56 -18.69
CA ASN B 37 -8.46 -21.15 -18.82
C ASN B 37 -8.11 -21.00 -20.31
N HIS B 38 -7.09 -20.21 -20.58
CA HIS B 38 -6.70 -19.81 -21.96
C HIS B 38 -6.62 -21.00 -22.89
N SER B 39 -6.09 -22.10 -22.43
CA SER B 39 -6.20 -23.40 -23.12
C SER B 39 -7.30 -24.08 -22.36
N GLY B 40 -8.47 -24.27 -22.95
CA GLY B 40 -9.58 -24.55 -22.03
C GLY B 40 -9.70 -26.03 -21.73
N GLU B 41 -8.98 -26.37 -20.66
CA GLU B 41 -9.00 -27.67 -19.99
C GLU B 41 -9.64 -27.54 -18.61
N LEU B 42 -9.31 -26.50 -17.85
CA LEU B 42 -9.85 -26.29 -16.50
C LEU B 42 -10.86 -25.16 -16.55
N LEU B 43 -11.98 -25.39 -15.89
CA LEU B 43 -13.06 -24.40 -15.78
C LEU B 43 -13.23 -24.01 -14.33
N ALA B 44 -13.11 -22.72 -14.05
CA ALA B 44 -13.32 -22.19 -12.69
C ALA B 44 -14.55 -21.31 -12.70
N THR B 45 -15.43 -21.54 -11.75
CA THR B 45 -16.67 -20.77 -11.58
C THR B 45 -16.60 -19.99 -10.28
N GLY B 46 -16.86 -18.71 -10.32
CA GLY B 46 -16.90 -17.88 -9.11
C GLY B 46 -18.14 -18.21 -8.31
N ASP B 47 -18.33 -17.51 -7.22
CA ASP B 47 -19.52 -17.75 -6.40
C ASP B 47 -19.80 -16.56 -5.50
N LYS B 48 -20.98 -16.59 -4.91
CA LYS B 48 -21.41 -15.61 -3.89
C LYS B 48 -21.15 -16.14 -2.49
N GLY B 49 -20.39 -17.22 -2.36
CA GLY B 49 -20.05 -17.84 -1.08
C GLY B 49 -18.59 -18.15 -0.99
N GLY B 50 -17.80 -17.54 -1.88
CA GLY B 50 -16.34 -17.68 -1.91
C GLY B 50 -15.84 -19.04 -2.38
N ARG B 51 -16.72 -20.01 -2.64
CA ARG B 51 -16.23 -21.35 -3.02
C ARG B 51 -16.09 -21.39 -4.52
N VAL B 52 -14.88 -21.16 -5.00
CA VAL B 52 -14.58 -21.25 -6.44
C VAL B 52 -14.59 -22.72 -6.86
N VAL B 53 -15.72 -23.21 -7.33
CA VAL B 53 -15.81 -24.62 -7.76
C VAL B 53 -15.08 -24.72 -9.09
N ILE B 54 -14.06 -25.57 -9.14
CA ILE B 54 -13.22 -25.73 -10.36
C ILE B 54 -13.47 -27.12 -10.92
N PHE B 55 -13.64 -27.16 -12.23
CA PHE B 55 -13.81 -28.39 -13.00
C PHE B 55 -12.73 -28.43 -14.07
N GLN B 56 -12.40 -29.61 -14.54
CA GLN B 56 -11.49 -29.70 -15.69
C GLN B 56 -11.96 -30.75 -16.67
N GLN B 57 -11.65 -30.49 -17.92
CA GLN B 57 -12.00 -31.35 -19.05
C GLN B 57 -11.32 -32.71 -18.92
N GLU B 58 -12.11 -33.76 -19.01
CA GLU B 58 -11.55 -35.12 -18.93
C GLU B 58 -10.62 -35.34 -20.12
N GLN B 59 -9.39 -35.73 -19.86
CA GLN B 59 -8.44 -36.01 -20.94
C GLN B 59 -8.90 -37.23 -21.72
N GLU B 60 -9.09 -37.05 -23.01
CA GLU B 60 -9.63 -38.11 -23.91
C GLU B 60 -8.66 -39.31 -23.94
N TYR B 71 -16.31 -32.47 -18.56
CA TYR B 71 -15.72 -31.79 -17.37
C TYR B 71 -16.08 -32.56 -16.10
N ASN B 72 -15.24 -32.46 -15.09
CA ASN B 72 -15.46 -33.15 -13.81
C ASN B 72 -15.04 -32.25 -12.66
N VAL B 73 -15.62 -32.49 -11.49
CA VAL B 73 -15.33 -31.69 -10.28
C VAL B 73 -13.85 -31.88 -9.93
N TYR B 74 -13.09 -30.80 -10.01
CA TYR B 74 -11.64 -30.85 -9.83
C TYR B 74 -11.21 -30.52 -8.40
N SER B 75 -11.64 -29.38 -7.88
CA SER B 75 -11.26 -28.93 -6.52
C SER B 75 -12.21 -27.83 -6.08
N THR B 76 -12.01 -27.33 -4.87
CA THR B 76 -12.78 -26.21 -4.33
C THR B 76 -11.93 -25.50 -3.30
N PHE B 77 -11.96 -24.17 -3.29
CA PHE B 77 -11.24 -23.42 -2.24
C PHE B 77 -12.05 -22.19 -1.86
N GLN B 78 -12.04 -21.89 -0.57
CA GLN B 78 -12.73 -20.70 -0.02
C GLN B 78 -11.85 -19.49 -0.30
N SER B 79 -12.10 -18.86 -1.42
CA SER B 79 -11.29 -17.71 -1.86
C SER B 79 -11.36 -16.55 -0.85
N HIS B 80 -12.52 -16.31 -0.24
CA HIS B 80 -12.70 -15.20 0.71
C HIS B 80 -13.69 -15.58 1.78
N GLU B 81 -13.53 -14.92 2.93
CA GLU B 81 -14.44 -15.01 4.09
C GLU B 81 -15.25 -13.72 4.15
N PRO B 82 -16.32 -13.66 4.97
CA PRO B 82 -17.04 -12.40 5.14
C PRO B 82 -16.22 -11.37 5.92
N GLU B 83 -15.40 -10.64 5.18
CA GLU B 83 -14.48 -9.63 5.74
C GLU B 83 -15.26 -8.40 6.22
N PHE B 84 -15.64 -8.39 7.49
CA PHE B 84 -16.38 -7.26 8.09
C PHE B 84 -15.47 -6.03 8.16
N ASP B 85 -15.79 -4.98 7.42
CA ASP B 85 -15.03 -3.72 7.53
C ASP B 85 -15.39 -3.03 8.85
N TYR B 86 -14.41 -2.84 9.70
CA TYR B 86 -14.62 -2.20 11.00
C TYR B 86 -14.51 -0.68 10.97
N LEU B 87 -14.13 -0.08 9.85
CA LEU B 87 -14.04 1.40 9.78
C LEU B 87 -15.39 2.00 9.39
N LYS B 88 -16.18 1.25 8.63
CA LYS B 88 -17.52 1.72 8.21
C LYS B 88 -18.62 0.76 8.64
N SER B 89 -18.27 -0.39 9.22
CA SER B 89 -19.24 -1.40 9.70
C SER B 89 -19.99 -2.07 8.54
N LEU B 90 -19.47 -1.97 7.33
CA LEU B 90 -20.14 -2.56 6.16
C LEU B 90 -19.89 -4.06 6.14
N GLU B 91 -20.96 -4.84 6.23
CA GLU B 91 -20.84 -6.32 6.24
C GLU B 91 -20.56 -6.82 4.84
N ILE B 92 -19.33 -6.56 4.37
CA ILE B 92 -18.90 -6.96 3.00
C ILE B 92 -19.13 -8.45 2.82
N GLU B 93 -19.79 -8.79 1.73
CA GLU B 93 -20.10 -10.20 1.42
C GLU B 93 -18.89 -10.89 0.80
N GLU B 94 -18.95 -12.22 0.76
CA GLU B 94 -17.98 -13.04 0.03
C GLU B 94 -18.58 -13.25 -1.37
N LYS B 95 -18.48 -12.23 -2.19
CA LYS B 95 -19.06 -12.25 -3.55
C LYS B 95 -17.92 -12.16 -4.56
N ILE B 96 -17.49 -13.31 -5.05
CA ILE B 96 -16.41 -13.40 -6.04
C ILE B 96 -17.02 -12.98 -7.36
N ASN B 97 -16.86 -11.71 -7.71
CA ASN B 97 -17.50 -11.17 -8.91
C ASN B 97 -16.72 -11.51 -10.17
N LYS B 98 -15.46 -11.89 -10.05
CA LYS B 98 -14.68 -12.30 -11.23
C LYS B 98 -13.72 -13.43 -10.93
N ILE B 99 -13.61 -14.33 -11.88
CA ILE B 99 -12.65 -15.46 -11.86
C ILE B 99 -11.88 -15.32 -13.16
N ARG B 100 -10.57 -15.26 -13.07
CA ARG B 100 -9.73 -15.19 -14.27
C ARG B 100 -8.55 -16.14 -14.11
N TRP B 101 -8.25 -16.86 -15.16
CA TRP B 101 -7.09 -17.74 -15.19
C TRP B 101 -5.86 -17.00 -15.67
N LEU B 102 -4.71 -17.50 -15.27
CA LEU B 102 -3.39 -17.07 -15.79
C LEU B 102 -2.87 -18.12 -16.77
N PRO B 103 -1.80 -17.82 -17.53
CA PRO B 103 -1.16 -18.87 -18.33
C PRO B 103 -0.47 -19.91 -17.44
N GLN B 104 -0.34 -21.11 -17.98
CA GLN B 104 0.16 -22.26 -17.19
C GLN B 104 1.66 -22.14 -17.00
N LYS B 105 2.06 -21.29 -16.07
CA LYS B 105 3.49 -21.06 -15.73
C LYS B 105 4.22 -22.37 -15.50
N ASN B 106 3.63 -23.26 -14.71
CA ASN B 106 4.20 -24.60 -14.49
C ASN B 106 3.04 -25.58 -14.47
N ALA B 107 3.27 -26.78 -14.00
CA ALA B 107 2.20 -27.80 -13.94
C ALA B 107 1.02 -27.30 -13.09
N ALA B 108 1.29 -26.44 -12.12
CA ALA B 108 0.22 -25.89 -11.26
C ALA B 108 -0.47 -24.76 -12.01
N GLN B 109 -1.78 -24.78 -11.99
CA GLN B 109 -2.59 -23.71 -12.59
C GLN B 109 -2.85 -22.63 -11.57
N PHE B 110 -3.09 -21.42 -12.05
CA PHE B 110 -3.36 -20.26 -11.20
C PHE B 110 -4.68 -19.60 -11.58
N LEU B 111 -5.31 -19.02 -10.57
CA LEU B 111 -6.62 -18.38 -10.71
C LEU B 111 -6.63 -17.08 -9.94
N LEU B 112 -7.14 -16.03 -10.54
CA LEU B 112 -7.38 -14.75 -9.82
C LEU B 112 -8.83 -14.75 -9.40
N SER B 113 -9.07 -14.55 -8.12
CA SER B 113 -10.43 -14.49 -7.56
C SER B 113 -10.55 -13.14 -6.88
N THR B 114 -11.61 -12.42 -7.22
CA THR B 114 -11.85 -11.08 -6.65
C THR B 114 -13.23 -11.01 -6.03
N ASN B 115 -13.27 -10.73 -4.74
CA ASN B 115 -14.56 -10.49 -4.07
C ASN B 115 -14.89 -9.01 -4.21
N ASP B 116 -15.94 -8.59 -3.56
CA ASP B 116 -16.35 -7.18 -3.64
C ASP B 116 -15.19 -6.23 -3.28
N LYS B 117 -14.38 -6.57 -2.29
CA LYS B 117 -13.32 -5.65 -1.83
C LYS B 117 -11.89 -6.02 -2.23
N THR B 118 -11.53 -7.28 -2.35
CA THR B 118 -10.08 -7.62 -2.51
C THR B 118 -9.92 -8.86 -3.38
N ILE B 119 -8.79 -8.87 -4.12
CA ILE B 119 -8.36 -9.96 -5.02
C ILE B 119 -7.40 -10.90 -4.29
N LYS B 120 -7.49 -12.17 -4.63
CA LYS B 120 -6.60 -13.22 -4.11
C LYS B 120 -6.10 -14.05 -5.25
N LEU B 121 -4.78 -14.18 -5.39
CA LEU B 121 -4.17 -15.05 -6.41
C LEU B 121 -4.04 -16.43 -5.79
N TRP B 122 -4.42 -17.45 -6.54
CA TRP B 122 -4.43 -18.83 -6.04
C TRP B 122 -3.60 -19.74 -6.92
N LYS B 123 -3.08 -20.79 -6.31
CA LYS B 123 -2.31 -21.87 -6.99
C LYS B 123 -3.00 -23.18 -6.73
N ILE B 124 -3.37 -23.86 -7.80
CA ILE B 124 -3.95 -25.22 -7.71
C ILE B 124 -2.92 -26.19 -8.25
N SER B 125 -2.19 -26.84 -7.35
CA SER B 125 -1.14 -27.82 -7.72
C SER B 125 -1.60 -29.23 -7.35
N GLU B 126 -1.29 -30.19 -8.21
CA GLU B 126 -1.45 -31.63 -7.90
C GLU B 126 -0.46 -32.03 -6.80
N ARG B 127 -0.57 -33.27 -6.35
CA ARG B 127 0.31 -33.82 -5.29
C ARG B 127 1.56 -34.39 -5.93
N ASP B 128 2.59 -33.56 -6.05
CA ASP B 128 3.86 -33.93 -6.70
C ASP B 128 4.66 -34.92 -5.86
N LYS B 129 4.69 -34.73 -4.55
CA LYS B 129 5.48 -35.54 -3.62
C LYS B 129 4.78 -36.86 -3.27
N ARG B 130 3.73 -37.25 -3.99
CA ARG B 130 3.00 -38.50 -3.70
C ARG B 130 3.96 -39.69 -3.65
N PRO B 131 4.82 -39.82 -4.65
CA PRO B 131 5.81 -40.92 -4.71
C PRO B 131 6.90 -40.73 -3.65
N GLU B 132 7.40 -39.51 -3.53
CA GLU B 132 8.48 -39.19 -2.57
C GLU B 132 8.02 -39.55 -1.15
N GLY B 133 6.80 -39.18 -0.79
CA GLY B 133 6.28 -39.42 0.58
C GLY B 133 6.26 -40.92 0.86
N TYR B 134 6.10 -41.74 -0.17
CA TYR B 134 6.08 -43.21 -0.03
C TYR B 134 7.49 -43.79 -0.04
N ASN B 135 8.39 -43.15 -0.77
CA ASN B 135 9.79 -43.60 -0.91
C ASN B 135 10.64 -43.36 0.35
N LEU B 136 10.31 -42.37 1.17
CA LEU B 136 11.10 -42.07 2.39
C LEU B 136 10.18 -41.90 3.59
N LYS B 137 10.38 -42.73 4.60
CA LYS B 137 9.67 -42.62 5.89
C LYS B 137 10.45 -43.39 6.94
N GLU B 138 10.43 -42.90 8.17
CA GLU B 138 11.07 -43.57 9.32
C GLU B 138 10.11 -43.53 10.50
N GLU B 139 10.61 -43.93 11.67
CA GLU B 139 9.83 -43.81 12.92
C GLU B 139 9.69 -42.35 13.33
N ASP B 140 8.72 -42.07 14.20
CA ASP B 140 8.42 -40.70 14.68
C ASP B 140 9.69 -40.02 15.17
N GLY B 141 10.57 -40.80 15.78
CA GLY B 141 11.87 -40.31 16.28
C GLY B 141 12.96 -40.52 15.23
N ARG B 142 12.60 -40.51 13.95
CA ARG B 142 13.51 -40.76 12.81
C ARG B 142 14.21 -42.12 12.97
N TYR B 143 13.40 -43.17 12.97
CA TYR B 143 13.82 -44.58 13.10
C TYR B 143 14.40 -44.91 14.48
N ARG B 144 14.32 -44.02 15.46
CA ARG B 144 14.80 -44.37 16.81
C ARG B 144 13.73 -45.18 17.55
N ASP B 145 14.17 -45.85 18.60
CA ASP B 145 13.31 -46.67 19.46
C ASP B 145 12.32 -45.80 20.24
N PRO B 146 11.33 -46.46 20.83
CA PRO B 146 10.33 -45.86 21.71
C PRO B 146 9.57 -44.73 21.01
N THR B 147 9.24 -44.93 19.75
CA THR B 147 8.43 -43.96 18.99
C THR B 147 7.05 -43.85 19.63
N THR B 148 6.47 -42.65 19.57
CA THR B 148 5.14 -42.40 20.16
C THR B 148 4.06 -43.23 19.45
N VAL B 149 3.89 -43.02 18.15
CA VAL B 149 2.86 -43.69 17.33
C VAL B 149 3.56 -44.75 16.50
N THR B 150 3.68 -45.95 17.04
CA THR B 150 4.59 -46.99 16.50
C THR B 150 3.95 -47.70 15.32
N THR B 151 2.66 -47.97 15.44
CA THR B 151 1.92 -48.63 14.36
C THR B 151 1.68 -47.64 13.22
N LEU B 152 1.16 -46.47 13.55
CA LEU B 152 0.76 -45.43 12.56
C LEU B 152 1.84 -45.23 11.52
N ARG B 153 3.07 -45.12 11.99
CA ARG B 153 4.22 -44.91 11.09
C ARG B 153 4.29 -46.03 10.05
N VAL B 154 3.90 -47.24 10.46
CA VAL B 154 3.98 -48.37 9.51
C VAL B 154 3.00 -48.17 8.36
N PRO B 155 1.88 -47.50 8.62
CA PRO B 155 0.80 -47.30 7.63
C PRO B 155 0.82 -45.90 7.05
N VAL B 156 1.15 -44.88 7.85
CA VAL B 156 1.17 -43.48 7.38
C VAL B 156 2.15 -43.30 6.22
N PHE B 157 3.10 -44.21 6.05
CA PHE B 157 4.07 -44.20 4.94
C PHE B 157 3.36 -44.23 3.57
N ARG B 158 2.14 -44.75 3.49
CA ARG B 158 1.39 -44.81 2.23
C ARG B 158 0.51 -43.58 2.12
N PRO B 159 1.08 -42.51 1.58
CA PRO B 159 0.40 -41.20 1.44
C PRO B 159 0.04 -40.91 -0.01
N MET B 160 0.39 -41.80 -0.94
CA MET B 160 0.15 -41.57 -2.38
C MET B 160 -1.32 -41.33 -2.68
N ASP B 161 -1.64 -40.17 -3.21
CA ASP B 161 -3.02 -39.81 -3.59
C ASP B 161 -2.98 -38.93 -4.82
N LEU B 162 -4.07 -38.96 -5.57
CA LEU B 162 -4.21 -38.27 -6.87
C LEU B 162 -4.96 -36.94 -6.73
N MET B 163 -5.29 -36.50 -5.52
CA MET B 163 -6.10 -35.29 -5.34
C MET B 163 -5.31 -34.03 -5.71
N VAL B 164 -6.03 -33.03 -6.20
CA VAL B 164 -5.47 -31.71 -6.57
C VAL B 164 -5.52 -30.80 -5.35
N GLU B 165 -4.40 -30.15 -5.05
CA GLU B 165 -4.26 -29.34 -3.82
C GLU B 165 -4.29 -27.86 -4.18
N ALA B 166 -5.29 -27.16 -3.65
CA ALA B 166 -5.46 -25.70 -3.79
C ALA B 166 -4.56 -24.98 -2.80
N SER B 167 -4.11 -23.77 -3.16
CA SER B 167 -3.24 -23.01 -2.23
C SER B 167 -3.23 -21.54 -2.62
N PRO B 168 -3.35 -20.60 -1.66
CA PRO B 168 -3.30 -19.19 -2.00
C PRO B 168 -1.85 -18.72 -2.10
N ARG B 169 -1.52 -18.01 -3.16
CA ARG B 169 -0.14 -17.55 -3.36
C ARG B 169 0.03 -16.12 -2.87
N ARG B 170 -0.66 -15.17 -3.47
CA ARG B 170 -0.46 -13.76 -3.14
C ARG B 170 -1.77 -13.08 -2.89
N ILE B 171 -1.77 -12.26 -1.86
CA ILE B 171 -2.97 -11.54 -1.38
C ILE B 171 -2.83 -10.10 -1.82
N PHE B 172 -3.80 -9.64 -2.56
CA PHE B 172 -3.80 -8.23 -2.99
C PHE B 172 -4.34 -7.38 -1.84
N ALA B 173 -3.99 -6.11 -1.86
CA ALA B 173 -4.33 -5.17 -0.79
C ALA B 173 -5.76 -4.68 -0.95
N ASN B 174 -6.22 -3.96 0.06
CA ASN B 174 -7.57 -3.37 0.03
C ASN B 174 -7.43 -2.02 -0.66
N ALA B 175 -7.57 -2.04 -1.98
CA ALA B 175 -7.47 -0.84 -2.83
C ALA B 175 -8.84 -0.33 -3.25
N HIS B 176 -9.78 -1.22 -3.47
CA HIS B 176 -11.09 -0.82 -4.00
C HIS B 176 -12.00 -0.34 -2.87
N THR B 177 -12.19 0.97 -2.82
CA THR B 177 -13.08 1.59 -1.83
C THR B 177 -14.54 1.36 -2.19
N TYR B 178 -14.80 0.79 -3.36
CA TYR B 178 -16.17 0.51 -3.84
C TYR B 178 -16.23 -0.93 -4.31
N HIS B 179 -17.43 -1.44 -4.41
CA HIS B 179 -17.68 -2.79 -4.95
C HIS B 179 -16.88 -2.99 -6.24
N ILE B 180 -16.15 -4.09 -6.31
CA ILE B 180 -15.39 -4.45 -7.52
C ILE B 180 -16.33 -5.11 -8.52
N ASN B 181 -16.11 -4.74 -9.78
CA ASN B 181 -16.94 -5.23 -10.90
C ASN B 181 -16.15 -5.92 -12.00
N SER B 182 -14.86 -5.67 -12.14
CA SER B 182 -14.11 -6.35 -13.21
C SER B 182 -12.63 -6.41 -12.88
N ILE B 183 -12.00 -7.51 -13.30
CA ILE B 183 -10.53 -7.66 -13.35
C ILE B 183 -10.21 -8.39 -14.64
N SER B 184 -8.99 -8.24 -15.13
CA SER B 184 -8.62 -8.98 -16.36
C SER B 184 -7.11 -9.01 -16.53
N ILE B 185 -6.59 -10.20 -16.78
CA ILE B 185 -5.14 -10.41 -17.04
C ILE B 185 -4.76 -9.71 -18.33
N ASN B 186 -3.66 -8.99 -18.29
CA ASN B 186 -3.12 -8.30 -19.48
C ASN B 186 -2.50 -9.32 -20.43
N SER B 187 -2.26 -8.89 -21.67
CA SER B 187 -1.66 -9.74 -22.71
C SER B 187 -0.23 -10.11 -22.35
N ASP B 188 0.48 -9.24 -21.65
CA ASP B 188 1.85 -9.53 -21.17
C ASP B 188 1.70 -9.88 -19.71
N TYR B 189 2.22 -11.02 -19.30
CA TYR B 189 1.82 -11.56 -17.98
C TYR B 189 2.69 -10.98 -16.88
N GLU B 190 2.57 -9.67 -16.72
CA GLU B 190 3.18 -8.95 -15.59
C GLU B 190 2.12 -8.25 -14.74
N THR B 191 1.04 -7.80 -15.36
CA THR B 191 -0.01 -6.99 -14.70
C THR B 191 -1.40 -7.52 -15.05
N TYR B 192 -2.37 -7.08 -14.27
CA TYR B 192 -3.78 -7.37 -14.56
C TYR B 192 -4.59 -6.16 -14.12
N LEU B 193 -5.70 -5.97 -14.82
CA LEU B 193 -6.60 -4.83 -14.59
C LEU B 193 -7.55 -5.11 -13.43
N SER B 194 -7.86 -4.06 -12.70
CA SER B 194 -8.92 -4.09 -11.67
C SER B 194 -9.69 -2.80 -11.80
N ALA B 195 -11.01 -2.91 -11.86
CA ALA B 195 -11.88 -1.72 -11.96
C ALA B 195 -13.02 -1.85 -11.00
N ASP B 196 -13.23 -0.81 -10.23
CA ASP B 196 -14.40 -0.67 -9.34
C ASP B 196 -15.32 0.34 -10.00
N ASP B 197 -16.50 0.50 -9.45
CA ASP B 197 -17.52 1.38 -10.06
C ASP B 197 -17.06 2.81 -10.25
N LEU B 198 -16.00 3.25 -9.60
CA LEU B 198 -15.51 4.63 -9.79
C LEU B 198 -14.09 4.69 -10.34
N ARG B 199 -13.24 3.71 -10.08
CA ARG B 199 -11.82 3.81 -10.47
C ARG B 199 -11.31 2.50 -11.04
N ILE B 200 -10.19 2.61 -11.75
CA ILE B 200 -9.46 1.46 -12.34
C ILE B 200 -8.03 1.48 -11.80
N ASN B 201 -7.61 0.35 -11.27
CA ASN B 201 -6.23 0.18 -10.75
C ASN B 201 -5.59 -0.97 -11.47
N LEU B 202 -4.32 -0.79 -11.81
CA LEU B 202 -3.53 -1.83 -12.49
C LEU B 202 -2.67 -2.52 -11.43
N TRP B 203 -2.84 -3.82 -11.31
CA TRP B 203 -2.13 -4.64 -10.32
C TRP B 203 -1.06 -5.48 -10.99
N HIS B 204 0.18 -5.36 -10.53
CA HIS B 204 1.24 -6.31 -10.92
C HIS B 204 0.84 -7.66 -10.34
N LEU B 205 1.22 -8.73 -11.00
CA LEU B 205 0.81 -10.06 -10.48
C LEU B 205 1.57 -10.42 -9.20
N GLU B 206 2.89 -10.38 -9.19
CA GLU B 206 3.61 -10.75 -7.96
C GLU B 206 3.70 -9.60 -6.95
N ILE B 207 3.86 -8.37 -7.40
CA ILE B 207 3.99 -7.21 -6.48
C ILE B 207 2.61 -6.78 -6.05
N THR B 208 2.12 -7.31 -4.95
CA THR B 208 0.72 -7.08 -4.52
C THR B 208 0.58 -6.02 -3.42
N ASP B 209 1.65 -5.30 -3.11
CA ASP B 209 1.58 -4.28 -2.03
C ASP B 209 1.08 -2.93 -2.55
N ARG B 210 1.18 -2.66 -3.85
CA ARG B 210 0.78 -1.35 -4.40
C ARG B 210 0.09 -1.55 -5.73
N SER B 211 -0.68 -0.57 -6.14
CA SER B 211 -1.36 -0.59 -7.45
C SER B 211 -1.35 0.80 -8.08
N PHE B 212 -1.27 0.82 -9.39
CA PHE B 212 -1.29 2.06 -10.16
C PHE B 212 -2.73 2.39 -10.52
N ASN B 213 -3.25 3.46 -9.94
CA ASN B 213 -4.61 3.92 -10.28
C ASN B 213 -4.56 4.52 -11.67
N ILE B 214 -4.91 3.74 -12.68
CA ILE B 214 -4.80 4.24 -14.08
C ILE B 214 -5.98 5.13 -14.48
N VAL B 215 -7.14 4.94 -13.88
CA VAL B 215 -8.32 5.76 -14.22
C VAL B 215 -9.07 6.08 -12.94
N ASP B 216 -9.46 7.34 -12.80
CA ASP B 216 -10.28 7.79 -11.65
C ASP B 216 -11.25 8.82 -12.18
N ILE B 217 -12.44 8.36 -12.55
CA ILE B 217 -13.52 9.22 -13.06
C ILE B 217 -14.21 9.99 -11.93
N LYS B 218 -13.96 9.60 -10.69
CA LYS B 218 -14.68 10.10 -9.50
C LYS B 218 -14.82 11.61 -9.50
N PRO B 219 -16.05 12.16 -9.53
CA PRO B 219 -16.21 13.60 -9.35
C PRO B 219 -15.97 13.94 -7.88
N ALA B 220 -15.21 15.02 -7.66
CA ALA B 220 -14.81 15.47 -6.30
C ALA B 220 -16.01 15.45 -5.35
N ASN B 221 -17.15 15.94 -5.81
CA ASN B 221 -18.39 15.92 -5.02
C ASN B 221 -19.28 14.82 -5.57
N MET B 222 -19.66 13.86 -4.74
CA MET B 222 -20.49 12.72 -5.19
C MET B 222 -21.87 13.17 -5.67
N GLU B 223 -22.25 14.42 -5.42
CA GLU B 223 -23.54 14.98 -5.88
C GLU B 223 -23.71 14.77 -7.39
N GLU B 224 -22.68 15.05 -8.15
CA GLU B 224 -22.73 15.00 -9.64
C GLU B 224 -22.36 13.62 -10.18
N LEU B 225 -22.58 12.54 -9.43
CA LEU B 225 -22.17 11.20 -9.93
C LEU B 225 -23.04 10.76 -11.09
N THR B 226 -22.57 11.00 -12.32
CA THR B 226 -23.24 10.53 -13.54
C THR B 226 -22.63 9.23 -14.07
N GLU B 227 -21.30 9.12 -14.08
CA GLU B 227 -20.58 7.98 -14.72
C GLU B 227 -20.22 6.91 -13.70
N VAL B 228 -20.66 5.69 -13.96
CA VAL B 228 -20.29 4.49 -13.19
C VAL B 228 -19.56 3.57 -14.17
N ILE B 229 -18.36 3.16 -13.83
CA ILE B 229 -17.58 2.22 -14.66
C ILE B 229 -18.12 0.82 -14.42
N THR B 230 -18.99 0.35 -15.30
CA THR B 230 -19.67 -0.93 -15.05
C THR B 230 -18.86 -2.14 -15.45
N ALA B 231 -17.93 -2.02 -16.38
CA ALA B 231 -17.12 -3.19 -16.78
C ALA B 231 -15.90 -2.71 -17.51
N ALA B 232 -14.86 -3.53 -17.48
CA ALA B 232 -13.60 -3.23 -18.18
C ALA B 232 -12.93 -4.53 -18.59
N GLU B 233 -12.13 -4.45 -19.65
CA GLU B 233 -11.23 -5.56 -19.99
C GLU B 233 -10.07 -5.05 -20.82
N PHE B 234 -9.03 -5.88 -20.84
CA PHE B 234 -7.84 -5.66 -21.68
C PHE B 234 -8.05 -6.24 -23.07
N HIS B 235 -7.42 -5.60 -24.03
CA HIS B 235 -7.42 -6.11 -25.43
C HIS B 235 -6.64 -7.41 -25.43
N PRO B 236 -7.13 -8.50 -26.03
CA PRO B 236 -6.48 -9.80 -25.85
C PRO B 236 -5.11 -9.94 -26.51
N ASN B 237 -4.85 -9.23 -27.60
CA ASN B 237 -3.58 -9.37 -28.34
C ASN B 237 -2.64 -8.18 -28.16
N SER B 238 -3.17 -7.02 -27.81
CA SER B 238 -2.37 -5.81 -27.56
C SER B 238 -2.31 -5.61 -26.06
N CYS B 239 -1.12 -5.56 -25.52
CA CYS B 239 -0.90 -5.39 -24.08
C CYS B 239 -1.25 -3.98 -23.59
N ASN B 240 -1.52 -3.02 -24.48
CA ASN B 240 -1.71 -1.61 -24.07
C ASN B 240 -3.15 -1.14 -24.23
N THR B 241 -4.00 -1.85 -24.96
CA THR B 241 -5.38 -1.40 -25.22
C THR B 241 -6.34 -2.05 -24.24
N PHE B 242 -7.16 -1.23 -23.62
CA PHE B 242 -8.23 -1.70 -22.73
C PHE B 242 -9.41 -0.77 -22.83
N VAL B 243 -10.56 -1.31 -22.52
CA VAL B 243 -11.86 -0.59 -22.60
C VAL B 243 -12.52 -0.64 -21.25
N TYR B 244 -13.21 0.42 -20.88
CA TYR B 244 -14.06 0.44 -19.69
C TYR B 244 -15.38 1.06 -20.08
N SER B 245 -16.45 0.36 -19.78
CA SER B 245 -17.83 0.81 -20.06
C SER B 245 -18.16 2.06 -19.22
N SER B 246 -19.41 2.45 -19.25
CA SER B 246 -19.94 3.57 -18.43
C SER B 246 -21.43 3.39 -18.24
N SER B 247 -21.97 4.09 -17.26
CA SER B 247 -23.43 4.10 -16.99
C SER B 247 -24.20 4.65 -18.17
N LYS B 248 -23.61 5.59 -18.90
CA LYS B 248 -24.28 6.19 -20.06
C LYS B 248 -24.03 5.39 -21.33
N GLY B 249 -23.35 4.25 -21.25
CA GLY B 249 -23.06 3.42 -22.42
C GLY B 249 -21.85 3.84 -23.20
N THR B 250 -21.27 4.99 -22.92
CA THR B 250 -20.14 5.43 -23.75
C THR B 250 -18.90 4.59 -23.46
N ILE B 251 -18.67 3.54 -24.23
CA ILE B 251 -17.49 2.67 -24.05
C ILE B 251 -16.26 3.43 -24.45
N ARG B 252 -15.36 3.64 -23.52
CA ARG B 252 -14.10 4.37 -23.79
C ARG B 252 -12.98 3.37 -23.93
N LEU B 253 -12.37 3.35 -25.11
CA LEU B 253 -11.22 2.49 -25.39
C LEU B 253 -9.96 3.29 -25.09
N CYS B 254 -9.30 2.91 -24.02
CA CYS B 254 -8.06 3.56 -23.57
C CYS B 254 -6.85 2.82 -24.09
N ASP B 255 -5.75 3.56 -24.20
CA ASP B 255 -4.47 3.03 -24.70
C ASP B 255 -3.37 3.60 -23.82
N MET B 256 -2.77 2.75 -23.01
CA MET B 256 -1.70 3.16 -22.08
C MET B 256 -0.46 3.66 -22.82
N ARG B 257 -0.38 3.48 -24.13
CA ARG B 257 0.78 3.99 -24.88
C ARG B 257 0.75 5.51 -24.91
N ALA B 258 -0.43 6.10 -24.96
CA ALA B 258 -0.57 7.57 -25.09
C ALA B 258 0.01 8.25 -23.85
N SER B 259 -0.37 7.79 -22.67
CA SER B 259 0.09 8.42 -21.43
C SER B 259 -0.07 7.45 -20.28
N ALA B 260 0.64 7.71 -19.21
CA ALA B 260 0.59 6.87 -17.98
C ALA B 260 -0.84 6.88 -17.46
N LEU B 261 -1.35 8.06 -17.14
CA LEU B 261 -2.76 8.16 -16.75
C LEU B 261 -3.57 8.11 -18.03
N CYS B 262 -4.65 7.36 -18.02
CA CYS B 262 -5.48 7.14 -19.22
C CYS B 262 -6.76 7.95 -19.19
N ASP B 263 -6.76 9.11 -18.55
CA ASP B 263 -7.95 9.99 -18.60
C ASP B 263 -8.12 10.57 -20.00
N ARG B 264 -7.01 10.76 -20.73
CA ARG B 264 -7.05 11.22 -22.13
C ARG B 264 -7.37 10.04 -23.04
N HIS B 265 -8.58 9.52 -22.92
CA HIS B 265 -9.00 8.32 -23.68
C HIS B 265 -8.83 8.54 -25.18
N SER B 266 -8.54 7.45 -25.88
CA SER B 266 -8.27 7.47 -27.34
C SER B 266 -9.57 7.50 -28.14
N LYS B 267 -10.57 6.76 -27.70
CA LYS B 267 -11.83 6.67 -28.46
C LYS B 267 -13.00 6.56 -27.49
N LEU B 268 -14.15 6.95 -28.00
CA LEU B 268 -15.42 6.82 -27.27
C LEU B 268 -16.42 6.26 -28.24
N PHE B 269 -17.08 5.19 -27.84
CA PHE B 269 -18.07 4.51 -28.67
C PHE B 269 -19.44 4.90 -28.15
N GLU B 270 -20.29 5.43 -29.03
CA GLU B 270 -21.63 5.85 -28.62
C GLU B 270 -22.53 5.89 -29.84
N GLU B 271 -23.80 5.59 -29.63
CA GLU B 271 -24.82 5.63 -30.70
C GLU B 271 -25.07 7.09 -31.12
N SER B 276 -35.90 9.60 -29.59
CA SER B 276 -36.82 8.68 -30.34
C SER B 276 -37.56 7.79 -29.35
N ASN B 277 -36.91 7.42 -28.26
CA ASN B 277 -37.47 6.51 -27.25
C ASN B 277 -37.12 7.00 -25.85
N ARG B 278 -37.03 8.31 -25.66
CA ARG B 278 -36.35 8.95 -24.50
C ARG B 278 -37.23 8.96 -23.25
N SER B 279 -37.59 7.78 -22.78
CA SER B 279 -38.42 7.61 -21.57
C SER B 279 -37.64 8.01 -20.30
N PHE B 280 -38.29 8.03 -19.15
CA PHE B 280 -37.60 8.27 -17.85
C PHE B 280 -36.33 7.44 -17.76
N PHE B 281 -36.45 6.17 -18.12
CA PHE B 281 -35.42 5.16 -17.92
C PHE B 281 -34.36 5.16 -19.02
N SER B 282 -34.28 6.19 -19.84
CA SER B 282 -33.21 6.25 -20.85
C SER B 282 -31.84 6.22 -20.17
N GLU B 283 -31.78 6.67 -18.93
CA GLU B 283 -30.53 6.70 -18.15
C GLU B 283 -30.16 5.33 -17.58
N ILE B 284 -31.03 4.35 -17.66
CA ILE B 284 -30.71 2.98 -17.20
C ILE B 284 -30.58 2.01 -18.35
N ILE B 285 -31.34 2.18 -19.42
CA ILE B 285 -31.18 1.28 -20.59
C ILE B 285 -29.81 1.54 -21.24
N SER B 286 -29.37 2.78 -21.28
CA SER B 286 -28.07 3.12 -21.87
C SER B 286 -26.90 2.57 -21.08
N SER B 287 -27.09 2.07 -19.87
CA SER B 287 -25.96 1.53 -19.09
C SER B 287 -25.51 0.20 -19.69
N ILE B 288 -24.21 0.08 -19.89
CA ILE B 288 -23.60 -1.13 -20.48
C ILE B 288 -23.03 -1.97 -19.36
N SER B 289 -23.68 -3.11 -19.11
CA SER B 289 -23.30 -4.06 -18.05
C SER B 289 -22.04 -4.85 -18.39
N ASP B 290 -21.64 -4.98 -19.65
CA ASP B 290 -20.49 -5.84 -19.97
C ASP B 290 -19.86 -5.45 -21.30
N VAL B 291 -18.54 -5.55 -21.41
CA VAL B 291 -17.78 -5.28 -22.66
C VAL B 291 -16.71 -6.35 -22.79
N LYS B 292 -16.65 -6.97 -23.97
CA LYS B 292 -15.67 -8.01 -24.30
C LYS B 292 -15.10 -7.77 -25.70
N PHE B 293 -13.80 -7.90 -25.83
CA PHE B 293 -13.15 -7.89 -27.14
C PHE B 293 -13.22 -9.26 -27.79
N SER B 294 -13.21 -9.23 -29.11
CA SER B 294 -13.16 -10.47 -29.92
C SER B 294 -11.82 -11.15 -29.68
N HIS B 295 -11.75 -12.45 -29.87
CA HIS B 295 -10.47 -13.15 -29.70
C HIS B 295 -9.41 -12.56 -30.61
N SER B 296 -9.79 -12.13 -31.79
CA SER B 296 -8.85 -11.47 -32.72
C SER B 296 -8.62 -10.01 -32.31
N GLY B 297 -9.45 -9.48 -31.43
CA GLY B 297 -9.36 -8.07 -31.04
C GLY B 297 -9.67 -7.17 -32.21
N ARG B 298 -10.48 -7.65 -33.14
CA ARG B 298 -10.92 -6.84 -34.30
C ARG B 298 -12.23 -6.14 -33.97
N TYR B 299 -13.06 -6.78 -33.17
CA TYR B 299 -14.38 -6.26 -32.82
C TYR B 299 -14.57 -6.28 -31.32
N MET B 300 -15.52 -5.49 -30.89
CA MET B 300 -15.89 -5.35 -29.48
C MET B 300 -17.39 -5.47 -29.38
N MET B 301 -17.83 -6.14 -28.36
CA MET B 301 -19.26 -6.39 -28.13
C MET B 301 -19.60 -5.86 -26.76
N THR B 302 -20.58 -4.98 -26.71
CA THR B 302 -21.00 -4.30 -25.47
C THR B 302 -22.45 -4.65 -25.26
N ARG B 303 -22.74 -5.13 -24.08
CA ARG B 303 -24.13 -5.47 -23.72
C ARG B 303 -24.73 -4.34 -22.91
N ASP B 304 -25.63 -3.58 -23.51
CA ASP B 304 -26.47 -2.66 -22.73
C ASP B 304 -27.66 -3.47 -22.27
N TYR B 305 -28.57 -2.86 -21.56
CA TYR B 305 -29.69 -3.62 -20.99
C TYR B 305 -30.51 -4.29 -22.08
N LEU B 306 -30.90 -3.53 -23.09
CA LEU B 306 -31.81 -4.05 -24.15
C LEU B 306 -31.08 -4.69 -25.34
N SER B 307 -29.94 -4.16 -25.76
CA SER B 307 -29.32 -4.58 -27.02
C SER B 307 -27.85 -4.96 -26.83
N VAL B 308 -27.39 -5.89 -27.64
CA VAL B 308 -25.97 -6.24 -27.74
C VAL B 308 -25.45 -5.48 -28.94
N LYS B 309 -24.55 -4.57 -28.69
CA LYS B 309 -23.97 -3.72 -29.72
C LYS B 309 -22.60 -4.27 -30.06
N ILE B 310 -22.37 -4.53 -31.34
CA ILE B 310 -21.07 -5.05 -31.82
C ILE B 310 -20.42 -3.96 -32.64
N TRP B 311 -19.28 -3.51 -32.16
CA TRP B 311 -18.55 -2.38 -32.75
C TRP B 311 -17.27 -2.87 -33.41
N ASP B 312 -16.99 -2.39 -34.61
CA ASP B 312 -15.66 -2.55 -35.18
C ASP B 312 -14.85 -1.44 -34.51
N LEU B 313 -13.68 -1.76 -34.01
CA LEU B 313 -12.88 -0.80 -33.22
C LEU B 313 -12.45 0.45 -34.00
N ASN B 314 -12.60 0.49 -35.33
CA ASN B 314 -12.18 1.67 -36.11
C ASN B 314 -13.33 2.65 -36.36
N MET B 315 -14.55 2.30 -35.99
CA MET B 315 -15.75 3.14 -36.23
C MET B 315 -16.57 3.18 -34.95
N GLU B 316 -16.87 4.38 -34.49
CA GLU B 316 -17.44 4.60 -33.14
C GLU B 316 -18.82 5.24 -33.20
N ASN B 317 -19.16 5.98 -34.24
CA ASN B 317 -20.44 6.70 -34.26
C ASN B 317 -21.61 5.74 -34.36
N ARG B 318 -21.37 4.48 -34.70
CA ARG B 318 -22.43 3.46 -34.69
C ARG B 318 -21.75 2.11 -34.63
N PRO B 319 -22.45 1.08 -34.18
CA PRO B 319 -21.90 -0.26 -34.26
C PRO B 319 -21.91 -0.74 -35.71
N VAL B 320 -21.21 -1.83 -35.95
CA VAL B 320 -21.31 -2.46 -37.29
C VAL B 320 -22.64 -3.19 -37.37
N GLU B 321 -23.01 -3.81 -36.25
CA GLU B 321 -24.27 -4.54 -36.18
C GLU B 321 -24.82 -4.25 -34.79
N THR B 322 -26.13 -4.09 -34.70
CA THR B 322 -26.84 -3.94 -33.42
C THR B 322 -27.69 -5.17 -33.28
N TYR B 323 -27.70 -5.74 -32.09
CA TYR B 323 -28.51 -6.92 -31.83
C TYR B 323 -29.45 -6.68 -30.66
N GLN B 324 -30.67 -7.19 -30.78
CA GLN B 324 -31.72 -7.01 -29.76
C GLN B 324 -31.75 -8.28 -28.93
N VAL B 325 -31.70 -8.12 -27.61
CA VAL B 325 -31.63 -9.32 -26.75
C VAL B 325 -33.03 -9.78 -26.39
N HIS B 326 -33.94 -8.83 -26.22
CA HIS B 326 -35.34 -9.13 -25.87
C HIS B 326 -36.16 -7.95 -26.32
N GLU B 327 -37.11 -8.20 -27.20
CA GLU B 327 -37.87 -7.13 -27.87
C GLU B 327 -38.93 -6.60 -26.90
N TYR B 328 -39.75 -7.52 -26.42
CA TYR B 328 -40.95 -7.18 -25.61
C TYR B 328 -40.62 -6.43 -24.32
N LEU B 329 -39.38 -6.37 -23.87
CA LEU B 329 -39.08 -5.70 -22.60
C LEU B 329 -38.76 -4.21 -22.76
N ARG B 330 -38.80 -3.65 -23.95
CA ARG B 330 -38.40 -2.23 -24.12
C ARG B 330 -39.42 -1.27 -23.50
N SER B 331 -40.70 -1.61 -23.57
CA SER B 331 -41.77 -0.73 -23.08
C SER B 331 -41.91 -0.82 -21.57
N LYS B 332 -41.67 -2.00 -21.01
CA LYS B 332 -41.90 -2.24 -19.57
C LYS B 332 -40.63 -1.89 -18.81
N LEU B 333 -40.49 -0.61 -18.52
CA LEU B 333 -39.33 -0.09 -17.78
C LEU B 333 -39.76 0.42 -16.42
N CYS B 334 -41.04 0.67 -16.21
CA CYS B 334 -41.55 0.88 -14.85
C CYS B 334 -41.67 -0.46 -14.13
N SER B 335 -42.37 -1.43 -14.73
CA SER B 335 -42.62 -2.74 -14.07
C SER B 335 -41.31 -3.39 -13.67
N LEU B 336 -40.33 -3.36 -14.55
CA LEU B 336 -39.03 -3.96 -14.19
C LEU B 336 -38.32 -3.07 -13.19
N TYR B 337 -38.75 -1.84 -13.03
CA TYR B 337 -38.13 -0.94 -12.05
C TYR B 337 -38.83 -0.98 -10.72
N GLU B 338 -40.11 -1.36 -10.68
CA GLU B 338 -40.74 -1.64 -9.38
C GLU B 338 -40.02 -2.84 -8.79
N ASN B 339 -39.88 -3.84 -9.63
CA ASN B 339 -39.07 -5.02 -9.33
C ASN B 339 -37.61 -4.60 -9.30
N ASP B 340 -36.78 -5.56 -8.99
CA ASP B 340 -35.32 -5.37 -8.96
C ASP B 340 -34.69 -5.76 -10.30
N CYS B 341 -35.41 -6.48 -11.14
CA CYS B 341 -34.89 -7.08 -12.39
C CYS B 341 -34.14 -6.10 -13.28
N ILE B 342 -34.58 -4.88 -13.39
CA ILE B 342 -33.96 -3.96 -14.37
C ILE B 342 -32.53 -3.63 -14.02
N PHE B 343 -32.07 -3.93 -12.82
CA PHE B 343 -30.67 -3.67 -12.47
C PHE B 343 -29.77 -4.85 -12.79
N ASP B 344 -30.32 -5.98 -13.21
CA ASP B 344 -29.52 -7.20 -13.46
C ASP B 344 -28.35 -6.93 -14.41
N LYS B 345 -27.17 -7.41 -14.00
CA LYS B 345 -25.94 -7.32 -14.81
C LYS B 345 -25.88 -8.51 -15.75
N PHE B 346 -26.13 -8.27 -17.03
CA PHE B 346 -25.97 -9.30 -18.06
C PHE B 346 -24.56 -9.22 -18.65
N GLU B 347 -24.11 -10.36 -19.16
CA GLU B 347 -22.79 -10.48 -19.82
C GLU B 347 -22.90 -11.23 -21.13
N CYS B 348 -21.82 -11.16 -21.89
CA CYS B 348 -21.74 -11.75 -23.23
C CYS B 348 -20.35 -12.35 -23.47
N CYS B 349 -20.24 -13.15 -24.51
CA CYS B 349 -18.98 -13.82 -24.89
C CYS B 349 -18.98 -14.19 -26.37
N TRP B 350 -17.79 -14.27 -26.93
CA TRP B 350 -17.56 -14.55 -28.36
C TRP B 350 -17.12 -15.99 -28.62
N ASN B 351 -17.30 -16.41 -29.86
CA ASN B 351 -16.67 -17.64 -30.35
C ASN B 351 -15.16 -17.43 -30.37
N GLY B 352 -14.40 -18.50 -30.22
CA GLY B 352 -12.95 -18.39 -30.32
C GLY B 352 -12.54 -17.82 -31.67
N SER B 353 -13.31 -18.11 -32.71
CA SER B 353 -13.12 -17.58 -34.07
C SER B 353 -13.78 -16.22 -34.23
N ASP B 354 -14.47 -15.74 -33.21
CA ASP B 354 -15.23 -14.46 -33.21
C ASP B 354 -16.42 -14.45 -34.15
N SER B 355 -16.65 -15.50 -34.92
CA SER B 355 -17.74 -15.53 -35.93
C SER B 355 -19.11 -15.35 -35.29
N VAL B 356 -19.23 -15.64 -34.00
CA VAL B 356 -20.54 -15.64 -33.32
C VAL B 356 -20.36 -15.06 -31.92
N VAL B 357 -21.44 -14.53 -31.38
CA VAL B 357 -21.44 -14.05 -29.99
C VAL B 357 -22.67 -14.58 -29.28
N MET B 358 -22.59 -14.63 -27.95
CA MET B 358 -23.72 -15.16 -27.17
C MET B 358 -23.88 -14.39 -25.87
N THR B 359 -25.14 -14.24 -25.45
CA THR B 359 -25.48 -13.48 -24.25
C THR B 359 -26.76 -14.03 -23.64
N GLY B 360 -26.91 -13.71 -22.38
CA GLY B 360 -28.07 -14.18 -21.63
C GLY B 360 -29.25 -13.25 -21.69
N SER B 361 -30.41 -13.84 -21.46
CA SER B 361 -31.69 -13.12 -21.41
C SER B 361 -32.43 -13.60 -20.19
N TYR B 362 -33.54 -12.97 -19.91
CA TYR B 362 -34.35 -13.37 -18.76
C TYR B 362 -35.06 -14.70 -19.04
N ASN B 363 -35.71 -15.21 -18.00
CA ASN B 363 -36.42 -16.50 -18.01
C ASN B 363 -35.47 -17.66 -18.28
N ASN B 364 -34.22 -17.50 -17.85
CA ASN B 364 -33.17 -18.54 -18.04
C ASN B 364 -32.91 -18.82 -19.51
N PHE B 365 -33.12 -17.85 -20.39
CA PHE B 365 -32.85 -18.02 -21.84
C PHE B 365 -31.66 -17.17 -22.22
N PHE B 366 -30.83 -17.74 -23.08
CA PHE B 366 -29.67 -17.02 -23.63
C PHE B 366 -29.76 -17.11 -25.14
N ARG B 367 -29.11 -16.14 -25.77
CA ARG B 367 -29.23 -16.01 -27.23
C ARG B 367 -27.85 -15.92 -27.86
N MET B 368 -27.74 -16.59 -28.99
CA MET B 368 -26.52 -16.66 -29.81
C MET B 368 -26.81 -15.83 -31.05
N PHE B 369 -26.01 -14.79 -31.25
CA PHE B 369 -26.16 -13.83 -32.36
C PHE B 369 -25.09 -14.09 -33.40
N ASP B 370 -25.42 -14.91 -34.39
CA ASP B 370 -24.44 -15.27 -35.43
C ASP B 370 -24.22 -14.08 -36.36
N ARG B 371 -23.00 -13.63 -36.43
CA ARG B 371 -22.67 -12.49 -37.27
C ARG B 371 -22.50 -12.88 -38.73
N ASN B 372 -22.32 -14.16 -39.02
CA ASN B 372 -22.13 -14.58 -40.42
C ASN B 372 -23.44 -14.44 -41.19
N THR B 373 -24.44 -15.19 -40.79
CA THR B 373 -25.75 -15.23 -41.47
C THR B 373 -26.74 -14.27 -40.82
N LYS B 374 -26.33 -13.54 -39.78
CA LYS B 374 -27.23 -12.61 -39.05
C LYS B 374 -28.44 -13.35 -38.48
N ARG B 375 -28.34 -14.66 -38.29
CA ARG B 375 -29.44 -15.47 -37.74
C ARG B 375 -29.18 -15.67 -36.25
N ASP B 376 -30.19 -15.37 -35.44
CA ASP B 376 -30.09 -15.51 -33.97
C ASP B 376 -30.91 -16.72 -33.56
N ILE B 377 -30.31 -17.54 -32.73
CA ILE B 377 -31.01 -18.69 -32.12
C ILE B 377 -30.96 -18.52 -30.63
N THR B 378 -32.13 -18.54 -30.02
CA THR B 378 -32.28 -18.51 -28.56
C THR B 378 -32.17 -19.93 -28.03
N LEU B 379 -31.61 -20.07 -26.84
CA LEU B 379 -31.45 -21.39 -26.20
C LEU B 379 -31.92 -21.36 -24.75
N GLU B 380 -32.54 -22.46 -24.35
CA GLU B 380 -33.13 -22.63 -23.01
C GLU B 380 -32.20 -23.47 -22.14
N ALA B 381 -31.90 -22.93 -20.97
CA ALA B 381 -31.04 -23.61 -19.96
C ALA B 381 -31.91 -24.51 -19.10
N SER B 382 -31.58 -25.79 -19.07
CA SER B 382 -32.31 -26.79 -18.27
C SER B 382 -31.39 -27.98 -17.96
N PHE B 415 -37.33 -11.47 -14.60
CA PHE B 415 -38.38 -12.53 -14.58
C PHE B 415 -37.87 -13.71 -13.74
N ASN B 416 -38.41 -14.90 -14.01
CA ASN B 416 -38.17 -16.13 -13.21
C ASN B 416 -36.67 -16.35 -12.95
N LYS B 417 -35.88 -16.52 -14.00
CA LYS B 417 -34.45 -16.87 -13.86
C LYS B 417 -33.62 -16.08 -14.85
N LYS B 418 -32.46 -15.63 -14.42
CA LYS B 418 -31.58 -14.78 -15.27
C LYS B 418 -30.26 -15.48 -15.52
N ILE B 419 -29.91 -15.68 -16.79
CA ILE B 419 -28.56 -16.12 -17.17
C ILE B 419 -27.67 -14.90 -17.19
N LEU B 420 -27.14 -14.54 -16.04
CA LEU B 420 -26.34 -13.30 -15.97
C LEU B 420 -24.97 -13.51 -16.61
N HIS B 421 -24.27 -14.58 -16.21
CA HIS B 421 -22.90 -14.83 -16.68
C HIS B 421 -22.85 -16.12 -17.50
N THR B 422 -22.02 -16.10 -18.53
CA THR B 422 -21.77 -17.25 -19.40
C THR B 422 -20.36 -17.14 -19.92
N ALA B 423 -19.83 -18.23 -20.46
CA ALA B 423 -18.50 -18.20 -21.09
C ALA B 423 -18.46 -19.07 -22.32
N TRP B 424 -17.46 -18.83 -23.16
CA TRP B 424 -17.24 -19.58 -24.41
C TRP B 424 -15.80 -20.07 -24.44
N HIS B 425 -15.63 -21.37 -24.66
CA HIS B 425 -14.29 -22.00 -24.70
C HIS B 425 -13.50 -21.40 -25.85
N PRO B 426 -12.28 -20.90 -25.65
CA PRO B 426 -11.58 -20.19 -26.72
C PRO B 426 -11.06 -21.04 -27.90
N LYS B 427 -11.22 -22.36 -27.85
CA LYS B 427 -10.72 -23.26 -28.93
C LYS B 427 -11.78 -24.20 -29.49
N GLU B 428 -12.98 -24.24 -28.93
CA GLU B 428 -14.00 -25.20 -29.38
C GLU B 428 -15.35 -24.55 -29.16
N ASN B 429 -16.36 -25.04 -29.86
CA ASN B 429 -17.75 -24.55 -29.68
C ASN B 429 -18.33 -25.13 -28.40
N ILE B 430 -17.68 -24.80 -27.30
CA ILE B 430 -18.13 -25.15 -25.93
C ILE B 430 -18.44 -23.83 -25.24
N ILE B 431 -19.64 -23.72 -24.69
CA ILE B 431 -20.04 -22.53 -23.91
C ILE B 431 -20.49 -23.00 -22.55
N ALA B 432 -20.16 -22.21 -21.54
CA ALA B 432 -20.51 -22.48 -20.15
C ALA B 432 -21.45 -21.39 -19.70
N VAL B 433 -22.43 -21.76 -18.90
CA VAL B 433 -23.53 -20.87 -18.51
C VAL B 433 -23.60 -20.81 -17.00
N ALA B 434 -23.62 -19.60 -16.46
CA ALA B 434 -23.72 -19.38 -15.01
C ALA B 434 -25.17 -19.11 -14.66
N THR B 435 -25.98 -20.16 -14.63
CA THR B 435 -27.32 -19.99 -14.05
C THR B 435 -27.12 -19.69 -12.57
N THR B 436 -28.13 -19.15 -11.93
CA THR B 436 -28.02 -18.73 -10.51
C THR B 436 -27.60 -19.91 -9.63
N ASN B 437 -28.38 -20.99 -9.63
CA ASN B 437 -28.10 -22.15 -8.75
C ASN B 437 -27.63 -23.35 -9.55
N ASN B 438 -27.27 -23.16 -10.81
CA ASN B 438 -26.84 -24.27 -11.68
C ASN B 438 -25.71 -23.79 -12.58
N LEU B 439 -24.99 -24.76 -13.12
CA LEU B 439 -23.92 -24.49 -14.10
C LEU B 439 -24.15 -25.42 -15.28
N TYR B 440 -24.13 -24.85 -16.47
CA TYR B 440 -24.33 -25.61 -17.71
C TYR B 440 -23.19 -25.32 -18.66
N ILE B 441 -22.64 -26.40 -19.22
CA ILE B 441 -21.56 -26.35 -20.24
C ILE B 441 -22.09 -26.97 -21.52
N PHE B 442 -22.67 -26.15 -22.38
CA PHE B 442 -23.25 -26.67 -23.64
C PHE B 442 -22.17 -26.91 -24.68
N GLN B 443 -22.29 -28.04 -25.35
CA GLN B 443 -21.45 -28.42 -26.50
C GLN B 443 -22.18 -28.03 -27.77
N ASP B 444 -21.44 -28.02 -28.87
CA ASP B 444 -22.07 -27.78 -30.19
C ASP B 444 -22.72 -29.07 -30.70
N LYS C 27 13.46 -1.93 41.35
CA LYS C 27 12.28 -1.52 40.48
C LYS C 27 12.48 -2.01 39.07
N VAL C 28 12.82 -3.29 38.94
CA VAL C 28 13.21 -3.85 37.63
C VAL C 28 11.99 -3.88 36.72
N PHE C 29 10.83 -4.24 37.26
CA PHE C 29 9.58 -4.29 36.47
C PHE C 29 9.29 -2.92 35.86
N THR C 30 9.62 -1.85 36.57
CA THR C 30 9.40 -0.49 36.03
C THR C 30 10.29 -0.25 34.82
N LYS C 31 11.54 -0.65 34.89
CA LYS C 31 12.43 -0.45 33.72
C LYS C 31 12.00 -1.39 32.60
N GLU C 32 11.44 -2.55 32.95
CA GLU C 32 10.90 -3.45 31.92
C GLU C 32 9.75 -2.76 31.21
N LEU C 33 8.86 -2.12 31.95
CA LEU C 33 7.75 -1.40 31.31
C LEU C 33 8.30 -0.24 30.48
N ASP C 34 9.36 0.40 30.93
CA ASP C 34 10.04 1.44 30.13
C ASP C 34 10.54 0.83 28.82
N GLN C 35 10.86 -0.46 28.84
CA GLN C 35 11.23 -1.17 27.59
C GLN C 35 9.97 -1.52 26.81
N TRP C 36 8.88 -1.76 27.50
CA TRP C 36 7.60 -2.02 26.81
C TRP C 36 7.18 -0.78 26.05
N ILE C 37 7.55 0.39 26.53
CA ILE C 37 7.26 1.64 25.80
C ILE C 37 7.84 1.54 24.41
N GLU C 38 9.10 1.12 24.33
CA GLU C 38 9.79 0.96 23.04
C GLU C 38 9.10 -0.14 22.23
N GLN C 39 8.76 -1.24 22.89
CA GLN C 39 8.15 -2.38 22.19
C GLN C 39 6.80 -1.99 21.61
N LEU C 40 5.97 -1.35 22.41
CA LEU C 40 4.63 -0.92 21.97
C LEU C 40 4.75 0.09 20.85
N ASN C 41 5.68 1.03 20.95
CA ASN C 41 5.85 2.04 19.89
C ASN C 41 6.17 1.38 18.55
N GLU C 42 6.71 0.18 18.56
CA GLU C 42 6.95 -0.57 17.32
C GLU C 42 5.66 -1.23 16.81
N CYS C 43 4.50 -0.87 17.36
CA CYS C 43 3.19 -1.42 16.96
C CYS C 43 3.12 -2.92 17.24
N LYS C 44 3.90 -3.40 18.21
CA LYS C 44 3.88 -4.82 18.60
C LYS C 44 3.06 -4.96 19.86
N GLN C 45 2.16 -5.92 19.88
CA GLN C 45 1.32 -6.14 21.08
C GLN C 45 2.13 -6.84 22.17
N LEU C 46 1.82 -6.50 23.42
CA LEU C 46 2.43 -7.15 24.58
C LEU C 46 1.93 -8.58 24.71
N SER C 47 2.69 -9.40 25.42
CA SER C 47 2.22 -10.74 25.76
C SER C 47 1.05 -10.64 26.73
N GLU C 48 0.24 -11.67 26.79
CA GLU C 48 -0.88 -11.71 27.75
C GLU C 48 -0.34 -11.55 29.17
N SER C 49 0.81 -12.14 29.46
CA SER C 49 1.43 -12.03 30.80
C SER C 49 1.83 -10.58 31.10
N GLN C 50 2.41 -9.93 30.12
CA GLN C 50 2.87 -8.54 30.28
C GLN C 50 1.68 -7.61 30.49
N VAL C 51 0.69 -7.71 29.62
CA VAL C 51 -0.50 -6.83 29.73
C VAL C 51 -1.25 -7.15 31.03
N LYS C 52 -1.29 -8.41 31.44
CA LYS C 52 -1.99 -8.73 32.70
C LYS C 52 -1.26 -8.10 33.89
N SER C 53 0.06 -8.24 33.93
CA SER C 53 0.85 -7.65 35.04
C SER C 53 0.65 -6.14 35.07
N LEU C 54 0.45 -5.55 33.90
CA LEU C 54 0.15 -4.11 33.82
C LEU C 54 -1.28 -3.82 34.26
N CYS C 55 -2.23 -4.55 33.72
CA CYS C 55 -3.68 -4.37 34.01
C CYS C 55 -4.01 -4.58 35.49
N GLU C 56 -3.45 -5.63 36.09
CA GLU C 56 -3.71 -5.89 37.53
C GLU C 56 -3.30 -4.67 38.33
N LYS C 57 -2.18 -4.10 37.98
CA LYS C 57 -1.62 -2.94 38.68
C LYS C 57 -2.33 -1.65 38.24
N ALA C 58 -3.30 -1.75 37.34
CA ALA C 58 -4.11 -0.58 36.91
C ALA C 58 -5.38 -0.43 37.75
N LYS C 59 -5.87 -1.52 38.34
CA LYS C 59 -7.15 -1.49 39.07
C LYS C 59 -7.01 -0.77 40.42
N SER C 66 -11.18 10.02 39.50
CA SER C 66 -12.57 9.49 39.47
C SER C 66 -13.45 10.36 38.56
N ASN C 67 -14.76 10.26 38.74
CA ASN C 67 -15.71 11.14 38.03
C ASN C 67 -15.33 12.59 38.24
N VAL C 68 -14.87 12.91 39.42
CA VAL C 68 -14.18 14.17 39.70
C VAL C 68 -12.71 13.82 39.77
N GLN C 69 -12.05 13.95 38.63
CA GLN C 69 -10.59 13.77 38.55
C GLN C 69 -10.13 15.19 38.33
N GLU C 70 -9.96 15.89 39.43
CA GLU C 70 -9.54 17.28 39.35
C GLU C 70 -8.21 17.27 38.64
N VAL C 71 -8.20 17.87 37.49
CA VAL C 71 -6.98 17.96 36.67
C VAL C 71 -6.44 19.35 36.84
N ARG C 72 -5.16 19.45 37.11
CA ARG C 72 -4.59 20.79 37.34
C ARG C 72 -4.52 21.56 36.02
N CYS C 73 -4.25 22.85 36.13
CA CYS C 73 -4.40 23.79 34.98
C CYS C 73 -3.58 23.41 33.75
N PRO C 74 -2.24 23.25 33.75
CA PRO C 74 -1.59 22.76 32.53
C PRO C 74 -1.83 21.29 32.20
N VAL C 75 -2.60 21.04 31.15
CA VAL C 75 -2.88 19.68 30.66
C VAL C 75 -3.25 19.72 29.21
N THR C 76 -3.07 18.59 28.55
CA THR C 76 -3.48 18.39 27.14
C THR C 76 -4.67 17.45 27.13
N VAL C 77 -5.70 17.86 26.45
CA VAL C 77 -6.97 17.12 26.32
C VAL C 77 -7.05 16.60 24.91
N CYS C 78 -7.39 15.34 24.76
CA CYS C 78 -7.45 14.68 23.45
C CYS C 78 -8.81 14.04 23.27
N GLY C 79 -9.24 13.97 22.03
CA GLY C 79 -10.51 13.34 21.68
C GLY C 79 -10.34 11.92 21.25
N ASP C 80 -11.27 11.48 20.43
CA ASP C 80 -11.24 10.11 19.89
C ASP C 80 -9.94 9.80 19.17
N VAL C 81 -9.43 8.59 19.42
CA VAL C 81 -8.26 8.05 18.69
C VAL C 81 -8.63 6.76 17.97
N HIS C 82 -9.64 6.06 18.46
CA HIS C 82 -10.31 4.89 17.84
C HIS C 82 -9.38 3.83 17.25
N GLY C 83 -8.23 3.60 17.86
CA GLY C 83 -7.31 2.55 17.39
C GLY C 83 -6.42 2.90 16.22
N GLN C 84 -6.42 4.15 15.74
CA GLN C 84 -5.53 4.54 14.64
C GLN C 84 -4.12 4.72 15.21
N PHE C 85 -3.49 3.61 15.49
CA PHE C 85 -2.19 3.60 16.21
C PHE C 85 -1.15 4.47 15.51
N HIS C 86 -1.02 4.37 14.20
CA HIS C 86 -0.06 5.26 13.53
C HIS C 86 -0.47 6.71 13.69
N ASP C 87 -1.77 6.95 13.74
CA ASP C 87 -2.26 8.32 13.95
C ASP C 87 -2.12 8.69 15.42
N LEU C 88 -2.07 7.71 16.31
CA LEU C 88 -1.76 8.02 17.72
C LEU C 88 -0.28 8.36 17.87
N MET C 89 0.59 7.63 17.18
CA MET C 89 2.02 7.98 17.19
C MET C 89 2.18 9.39 16.64
N GLU C 90 1.46 9.70 15.58
CA GLU C 90 1.43 11.05 15.04
C GLU C 90 0.94 12.01 16.12
N LEU C 91 -0.15 11.65 16.79
CA LEU C 91 -0.74 12.50 17.85
C LEU C 91 0.28 12.80 18.93
N PHE C 92 1.04 11.81 19.34
CA PHE C 92 2.10 12.07 20.35
C PHE C 92 3.15 13.00 19.76
N ARG C 93 3.47 12.80 18.49
CA ARG C 93 4.41 13.70 17.80
C ARG C 93 3.90 15.14 17.80
N ILE C 94 2.60 15.32 17.65
CA ILE C 94 2.02 16.68 17.64
C ILE C 94 2.00 17.23 19.06
N GLY C 95 1.33 16.52 19.95
CA GLY C 95 1.15 17.01 21.33
C GLY C 95 2.44 16.94 22.11
N GLY C 96 3.05 15.77 22.14
CA GLY C 96 4.29 15.57 22.91
C GLY C 96 4.37 14.24 23.59
N LYS C 97 5.59 13.87 23.95
CA LYS C 97 5.84 12.60 24.66
C LYS C 97 5.51 12.77 26.13
N SER C 98 4.94 11.70 26.69
CA SER C 98 4.60 11.45 28.10
C SER C 98 5.73 10.62 28.71
N PRO C 99 6.18 10.84 29.95
CA PRO C 99 5.59 11.72 30.98
C PRO C 99 5.79 13.23 30.83
N ASP C 100 6.67 13.66 29.92
CA ASP C 100 6.91 15.13 29.76
C ASP C 100 5.59 15.87 29.63
N THR C 101 4.76 15.46 28.67
CA THR C 101 3.44 16.10 28.45
C THR C 101 2.33 15.33 29.16
N ASN C 102 1.48 16.05 29.89
CA ASN C 102 0.31 15.44 30.55
C ASN C 102 -0.74 15.12 29.50
N TYR C 103 -1.59 14.18 29.83
CA TYR C 103 -2.66 13.83 28.88
C TYR C 103 -3.93 13.44 29.62
N LEU C 104 -5.04 13.72 28.97
CA LEU C 104 -6.36 13.22 29.41
C LEU C 104 -7.14 12.93 28.15
N PHE C 105 -7.49 11.68 27.96
CA PHE C 105 -8.20 11.21 26.74
C PHE C 105 -9.68 10.93 26.97
N MET C 106 -10.54 11.70 26.33
CA MET C 106 -11.94 11.26 26.20
C MET C 106 -11.85 9.94 25.43
N GLY C 107 -12.69 8.99 25.76
CA GLY C 107 -12.47 7.61 25.32
C GLY C 107 -13.11 7.12 24.04
N ASP C 108 -12.28 6.81 23.06
CA ASP C 108 -12.62 5.96 21.90
C ASP C 108 -11.29 5.49 21.35
N TYR C 109 -10.96 4.24 21.65
CA TYR C 109 -9.66 3.70 21.19
C TYR C 109 -9.69 2.26 20.69
N VAL C 110 -10.83 1.59 20.69
CA VAL C 110 -10.89 0.17 20.22
C VAL C 110 -11.55 -0.06 18.85
N ASP C 111 -12.84 0.22 18.76
CA ASP C 111 -13.70 -0.34 17.70
C ASP C 111 -13.30 0.02 16.27
N ARG C 112 -12.68 1.17 16.01
CA ARG C 112 -12.55 1.65 14.62
C ARG C 112 -11.13 1.60 14.03
N GLY C 113 -10.18 0.88 14.60
CA GLY C 113 -8.82 0.85 14.04
C GLY C 113 -8.26 -0.54 13.87
N TYR C 114 -7.27 -0.65 13.02
CA TYR C 114 -6.55 -1.93 12.78
C TYR C 114 -5.76 -2.34 14.01
N TYR C 115 -5.43 -1.39 14.87
CA TYR C 115 -4.52 -1.63 16.00
C TYR C 115 -5.20 -1.26 17.31
N SER C 116 -6.37 -1.83 17.54
CA SER C 116 -7.17 -1.57 18.76
C SER C 116 -6.36 -1.96 20.00
N VAL C 117 -6.04 -3.23 20.10
CA VAL C 117 -5.31 -3.79 21.27
C VAL C 117 -3.97 -3.06 21.45
N GLU C 118 -3.29 -2.72 20.36
CA GLU C 118 -1.97 -2.07 20.47
C GLU C 118 -2.11 -0.64 20.95
N THR C 119 -3.26 -0.03 20.73
CA THR C 119 -3.51 1.32 21.25
C THR C 119 -3.86 1.26 22.73
N VAL C 120 -4.78 0.37 23.09
CA VAL C 120 -5.28 0.28 24.48
C VAL C 120 -4.13 -0.07 25.41
N THR C 121 -3.26 -0.97 24.98
CA THR C 121 -2.10 -1.34 25.81
C THR C 121 -1.21 -0.11 26.08
N LEU C 122 -0.93 0.69 25.07
CA LEU C 122 -0.07 1.88 25.27
C LEU C 122 -0.72 2.84 26.22
N LEU C 123 -2.03 3.01 26.07
CA LEU C 123 -2.78 3.92 26.96
C LEU C 123 -2.69 3.47 28.42
N VAL C 124 -3.13 2.27 28.71
CA VAL C 124 -3.11 1.79 30.11
C VAL C 124 -1.66 1.73 30.62
N ALA C 125 -0.71 1.45 29.73
CA ALA C 125 0.71 1.45 30.11
C ALA C 125 1.11 2.82 30.63
N LEU C 126 0.79 3.86 29.89
CA LEU C 126 1.07 5.24 30.32
C LEU C 126 0.40 5.52 31.65
N LYS C 127 -0.84 5.10 31.81
CA LYS C 127 -1.58 5.36 33.06
C LYS C 127 -0.86 4.72 34.25
N VAL C 128 -0.65 3.42 34.20
CA VAL C 128 -0.04 2.73 35.35
C VAL C 128 1.38 3.23 35.55
N ARG C 129 2.07 3.55 34.47
CA ARG C 129 3.45 4.06 34.60
C ARG C 129 3.43 5.46 35.20
N TYR C 130 2.49 6.30 34.79
CA TYR C 130 2.37 7.66 35.34
C TYR C 130 0.90 7.84 35.72
N ARG C 131 0.59 7.50 36.97
CA ARG C 131 -0.82 7.48 37.43
C ARG C 131 -1.34 8.91 37.56
N GLU C 132 -0.43 9.85 37.79
CA GLU C 132 -0.81 11.24 38.10
C GLU C 132 -0.58 12.18 36.91
N ARG C 133 0.01 11.70 35.82
CA ARG C 133 0.26 12.54 34.61
C ARG C 133 -0.58 12.11 33.42
N ILE C 134 -1.21 10.94 33.48
CA ILE C 134 -2.08 10.45 32.38
C ILE C 134 -3.40 10.02 32.99
N THR C 135 -4.48 10.40 32.31
CA THR C 135 -5.85 10.06 32.67
C THR C 135 -6.56 9.54 31.44
N ILE C 136 -7.34 8.49 31.60
CA ILE C 136 -8.14 7.92 30.51
C ILE C 136 -9.57 7.99 30.97
N LEU C 137 -10.45 8.40 30.07
CA LEU C 137 -11.88 8.56 30.42
C LEU C 137 -12.68 7.46 29.76
N ARG C 138 -13.70 7.01 30.45
CA ARG C 138 -14.58 5.97 29.93
C ARG C 138 -15.20 6.48 28.66
N GLY C 139 -15.24 5.64 27.65
CA GLY C 139 -15.86 6.02 26.38
C GLY C 139 -17.21 5.40 26.16
N ASN C 140 -17.74 5.68 25.00
CA ASN C 140 -19.07 5.20 24.59
C ASN C 140 -18.98 3.84 23.89
N HIS C 141 -17.86 3.55 23.24
CA HIS C 141 -17.70 2.29 22.50
C HIS C 141 -17.28 1.12 23.37
N GLU C 142 -16.90 1.35 24.61
CA GLU C 142 -16.27 0.32 25.47
C GLU C 142 -17.26 -0.45 26.35
N SER C 143 -17.59 -1.67 25.97
CA SER C 143 -18.44 -2.54 26.80
C SER C 143 -18.02 -3.98 26.61
N ARG C 144 -18.74 -4.90 27.23
CA ARG C 144 -18.47 -6.37 27.09
C ARG C 144 -19.41 -7.05 26.09
N GLN C 145 -20.72 -6.97 26.30
CA GLN C 145 -21.68 -7.72 25.47
C GLN C 145 -21.81 -7.12 24.08
N ILE C 146 -21.92 -5.81 23.97
CA ILE C 146 -22.10 -5.22 22.62
C ILE C 146 -20.80 -5.36 21.82
N THR C 147 -19.65 -5.31 22.45
CA THR C 147 -18.39 -5.55 21.71
C THR C 147 -18.32 -6.98 21.20
N GLN C 148 -18.89 -7.93 21.95
CA GLN C 148 -18.96 -9.32 21.47
C GLN C 148 -19.94 -9.42 20.32
N VAL C 149 -21.01 -8.65 20.37
CA VAL C 149 -22.00 -8.59 19.26
C VAL C 149 -21.32 -7.95 18.06
N TYR C 150 -20.54 -6.92 18.31
CA TYR C 150 -19.61 -6.32 17.34
C TYR C 150 -18.46 -7.31 17.17
N GLY C 151 -17.44 -6.91 16.42
CA GLY C 151 -16.29 -7.79 16.14
C GLY C 151 -15.13 -7.79 17.13
N PHE C 152 -15.00 -6.84 18.05
CA PHE C 152 -13.71 -6.66 18.75
C PHE C 152 -13.20 -7.96 19.37
N TYR C 153 -14.10 -8.84 19.77
CA TYR C 153 -13.69 -10.18 20.20
C TYR C 153 -13.01 -10.90 19.04
N ASP C 154 -13.57 -10.80 17.85
CA ASP C 154 -12.93 -11.37 16.64
C ASP C 154 -11.56 -10.74 16.41
N GLU C 155 -11.47 -9.42 16.52
CA GLU C 155 -10.16 -8.73 16.45
C GLU C 155 -9.16 -9.36 17.41
N CYS C 156 -9.53 -9.49 18.68
CA CYS C 156 -8.60 -10.09 19.67
C CYS C 156 -8.28 -11.53 19.28
N LEU C 157 -9.23 -12.24 18.69
CA LEU C 157 -8.95 -13.61 18.23
C LEU C 157 -7.91 -13.60 17.11
N ARG C 158 -7.98 -12.61 16.24
CA ARG C 158 -6.99 -12.48 15.16
C ARG C 158 -5.63 -12.12 15.76
N LYS C 159 -5.62 -11.21 16.72
CA LYS C 159 -4.37 -10.76 17.34
C LYS C 159 -3.81 -11.83 18.28
N TYR C 160 -4.56 -12.20 19.30
CA TYR C 160 -4.13 -13.20 20.30
C TYR C 160 -4.72 -14.58 20.07
N GLY C 161 -6.06 -14.68 20.05
CA GLY C 161 -6.73 -15.98 19.85
C GLY C 161 -7.59 -16.43 21.00
N ASN C 162 -7.61 -15.75 22.15
CA ASN C 162 -8.31 -16.29 23.34
C ASN C 162 -9.13 -15.21 24.04
N ALA C 163 -10.00 -15.68 24.93
CA ALA C 163 -10.94 -14.85 25.71
C ALA C 163 -10.24 -14.06 26.81
N ASN C 164 -9.20 -14.60 27.41
CA ASN C 164 -8.55 -13.99 28.59
C ASN C 164 -8.00 -12.60 28.26
N VAL C 165 -7.37 -12.43 27.11
CA VAL C 165 -6.84 -11.11 26.70
C VAL C 165 -7.98 -10.10 26.64
N TRP C 166 -9.07 -10.45 25.97
CA TRP C 166 -10.24 -9.55 25.88
C TRP C 166 -10.77 -9.22 27.27
N LYS C 167 -10.97 -10.23 28.10
CA LYS C 167 -11.48 -10.03 29.48
C LYS C 167 -10.58 -9.03 30.23
N TYR C 168 -9.28 -9.28 30.22
CA TYR C 168 -8.33 -8.36 30.90
C TYR C 168 -8.46 -6.96 30.34
N PHE C 169 -8.67 -6.85 29.04
CA PHE C 169 -8.84 -5.53 28.42
C PHE C 169 -10.16 -4.88 28.82
N THR C 170 -11.17 -5.66 29.15
CA THR C 170 -12.49 -5.08 29.50
C THR C 170 -12.58 -4.64 30.97
N ASP C 171 -11.96 -5.36 31.90
CA ASP C 171 -12.17 -5.06 33.33
C ASP C 171 -11.69 -3.66 33.69
N LEU C 172 -10.79 -3.09 32.91
CA LEU C 172 -10.29 -1.75 33.20
C LEU C 172 -11.34 -0.68 32.93
N PHE C 173 -12.39 -1.00 32.18
CA PHE C 173 -13.46 -0.02 31.88
C PHE C 173 -14.17 0.45 33.14
N ASP C 174 -14.49 -0.48 34.03
CA ASP C 174 -15.18 -0.14 35.29
C ASP C 174 -14.33 0.79 36.15
N TYR C 175 -13.02 0.69 36.05
CA TYR C 175 -12.08 1.53 36.83
C TYR C 175 -11.59 2.74 36.07
N LEU C 176 -12.29 3.15 35.01
CA LEU C 176 -11.89 4.31 34.19
C LEU C 176 -12.82 5.47 34.51
N PRO C 177 -12.30 6.68 34.79
CA PRO C 177 -13.18 7.82 35.08
C PRO C 177 -14.23 8.10 34.01
N LEU C 178 -15.42 8.50 34.47
CA LEU C 178 -16.55 8.79 33.57
C LEU C 178 -16.44 10.19 32.95
N THR C 179 -15.93 11.13 33.71
CA THR C 179 -15.82 12.52 33.27
C THR C 179 -14.52 13.10 33.73
N ALA C 180 -14.17 14.23 33.16
CA ALA C 180 -12.95 14.96 33.54
C ALA C 180 -13.35 16.37 33.83
N LEU C 181 -13.57 16.64 35.10
CA LEU C 181 -13.91 17.99 35.55
C LEU C 181 -12.59 18.65 35.75
N VAL C 182 -12.16 19.36 34.73
CA VAL C 182 -10.80 19.92 34.73
C VAL C 182 -10.66 20.91 35.88
N ASP C 183 -11.61 21.81 36.01
CA ASP C 183 -11.59 22.69 37.17
C ASP C 183 -12.99 23.23 37.34
N GLY C 184 -13.15 24.12 38.30
CA GLY C 184 -14.39 24.87 38.46
C GLY C 184 -14.76 25.58 37.17
N GLN C 185 -13.75 26.02 36.43
CA GLN C 185 -13.99 26.78 35.19
C GLN C 185 -14.38 25.89 34.01
N ILE C 186 -13.61 24.85 33.72
CA ILE C 186 -13.81 24.06 32.49
C ILE C 186 -14.16 22.63 32.86
N PHE C 187 -15.06 22.07 32.07
CA PHE C 187 -15.50 20.68 32.24
C PHE C 187 -15.30 19.98 30.92
N CYS C 188 -14.92 18.70 30.97
CA CYS C 188 -14.65 17.89 29.77
C CYS C 188 -15.07 16.46 29.99
N LEU C 189 -15.67 15.84 28.99
CA LEU C 189 -16.01 14.39 29.02
C LEU C 189 -16.15 13.86 27.61
N HIS C 190 -16.39 12.56 27.49
CA HIS C 190 -16.59 11.92 26.17
C HIS C 190 -17.95 12.30 25.61
N GLY C 191 -18.93 12.31 26.48
CA GLY C 191 -20.31 12.61 26.13
C GLY C 191 -20.64 14.05 26.42
N GLY C 192 -21.88 14.27 26.71
CA GLY C 192 -22.40 15.61 26.97
C GLY C 192 -23.45 15.45 28.01
N LEU C 193 -24.47 16.28 27.97
CA LEU C 193 -25.40 16.35 29.11
C LEU C 193 -26.38 15.18 29.06
N SER C 194 -27.26 15.14 30.05
CA SER C 194 -28.24 14.06 30.25
C SER C 194 -29.49 14.66 30.87
N PRO C 195 -30.65 14.02 30.71
CA PRO C 195 -31.85 14.46 31.42
C PRO C 195 -31.77 14.49 32.95
N SER C 196 -30.95 13.63 33.54
CA SER C 196 -30.90 13.45 35.01
C SER C 196 -29.74 14.22 35.68
N ILE C 197 -28.74 14.70 34.93
CA ILE C 197 -27.49 15.22 35.55
C ILE C 197 -27.28 16.69 35.15
N ASP C 198 -27.73 17.59 36.02
CA ASP C 198 -27.59 19.06 35.80
C ASP C 198 -26.38 19.64 36.53
N THR C 199 -26.18 19.29 37.80
CA THR C 199 -25.19 19.95 38.65
C THR C 199 -23.97 19.04 38.81
N LEU C 200 -22.79 19.64 38.91
CA LEU C 200 -21.53 18.88 39.10
C LEU C 200 -21.66 17.96 40.30
N ASP C 201 -22.33 18.43 41.35
CA ASP C 201 -22.58 17.60 42.54
C ASP C 201 -23.21 16.28 42.13
N HIS C 202 -24.01 16.31 41.08
CA HIS C 202 -24.61 15.08 40.52
C HIS C 202 -23.53 14.24 39.85
N ILE C 203 -22.56 14.90 39.22
CA ILE C 203 -21.42 14.18 38.58
C ILE C 203 -20.68 13.39 39.66
N ARG C 204 -20.60 13.94 40.86
CA ARG C 204 -19.92 13.24 41.96
C ARG C 204 -20.63 11.95 42.33
N ALA C 205 -21.96 11.97 42.38
CA ALA C 205 -22.76 10.80 42.79
C ALA C 205 -22.72 9.69 41.74
N LEU C 206 -22.26 9.99 40.53
CA LEU C 206 -22.17 8.95 39.50
C LEU C 206 -21.17 7.89 39.91
N ASP C 207 -21.44 6.64 39.55
CA ASP C 207 -20.50 5.54 39.79
C ASP C 207 -19.80 5.15 38.49
N ARG C 208 -18.49 5.02 38.57
CA ARG C 208 -17.69 4.61 37.40
C ARG C 208 -17.84 3.10 37.17
N LEU C 209 -17.85 2.35 38.26
CA LEU C 209 -17.93 0.87 38.22
C LEU C 209 -19.39 0.48 37.99
N GLN C 210 -19.80 0.49 36.73
CA GLN C 210 -21.18 0.10 36.39
C GLN C 210 -21.25 -0.43 34.97
N GLU C 211 -21.40 -1.74 34.84
CA GLU C 211 -21.75 -2.40 33.56
C GLU C 211 -23.12 -3.01 33.77
N VAL C 212 -24.09 -2.46 33.06
CA VAL C 212 -25.54 -2.70 33.22
C VAL C 212 -26.06 -2.49 31.81
N PRO C 213 -27.25 -2.99 31.40
CA PRO C 213 -27.68 -2.76 30.04
C PRO C 213 -27.89 -1.27 29.71
N HIS C 214 -27.97 -1.04 28.41
CA HIS C 214 -27.89 0.28 27.74
C HIS C 214 -28.77 1.35 28.38
N GLU C 215 -29.91 1.00 28.93
CA GLU C 215 -30.79 2.02 29.53
C GLU C 215 -30.13 2.72 30.73
N GLY C 216 -30.54 3.96 30.96
CA GLY C 216 -30.17 4.77 32.13
C GLY C 216 -29.08 5.82 31.86
N PRO C 217 -28.86 6.76 32.82
CA PRO C 217 -27.87 7.83 32.64
C PRO C 217 -26.45 7.38 32.27
N MET C 218 -26.11 6.13 32.58
CA MET C 218 -24.77 5.62 32.27
C MET C 218 -24.49 5.69 30.76
N CYS C 219 -25.52 5.60 29.93
CA CYS C 219 -25.31 5.73 28.48
C CYS C 219 -25.39 7.19 28.08
N ASP C 220 -26.38 7.89 28.62
CA ASP C 220 -26.62 9.32 28.28
C ASP C 220 -25.36 10.14 28.44
N LEU C 221 -24.70 9.98 29.58
CA LEU C 221 -23.53 10.83 29.88
C LEU C 221 -22.36 10.57 28.94
N LEU C 222 -22.32 9.41 28.31
CA LEU C 222 -21.23 9.06 27.38
C LEU C 222 -21.58 9.37 25.92
N TRP C 223 -22.76 8.96 25.50
CA TRP C 223 -23.20 8.99 24.10
C TRP C 223 -23.88 10.30 23.73
N SER C 224 -23.98 11.28 24.61
CA SER C 224 -24.69 12.52 24.26
C SER C 224 -23.96 13.35 23.20
N ASP C 225 -24.76 14.16 22.51
CA ASP C 225 -24.32 15.06 21.43
C ASP C 225 -25.13 16.35 21.39
N PRO C 226 -24.53 17.50 21.06
CA PRO C 226 -25.26 18.75 20.99
C PRO C 226 -25.80 19.05 19.59
N ASP C 227 -26.81 19.90 19.55
CA ASP C 227 -27.39 20.40 18.29
C ASP C 227 -27.95 21.78 18.50
N ASP C 228 -28.08 22.52 17.41
CA ASP C 228 -28.50 23.94 17.41
C ASP C 228 -29.96 24.10 17.85
N ARG C 229 -30.71 23.02 17.93
CA ARG C 229 -32.12 23.06 18.35
C ARG C 229 -32.16 22.85 19.84
N GLY C 230 -32.99 23.59 20.54
CA GLY C 230 -33.03 23.56 22.01
C GLY C 230 -34.06 22.61 22.56
N GLY C 231 -33.68 21.38 22.85
CA GLY C 231 -34.60 20.38 23.39
C GLY C 231 -34.08 18.97 23.26
N TRP C 232 -34.79 18.08 23.94
CA TRP C 232 -34.49 16.63 23.98
C TRP C 232 -34.59 16.00 22.59
N GLY C 233 -34.03 14.81 22.46
CA GLY C 233 -34.05 14.07 21.19
C GLY C 233 -33.49 12.69 21.33
N ILE C 234 -33.75 11.87 20.32
CA ILE C 234 -33.33 10.44 20.28
C ILE C 234 -32.79 10.14 18.88
N SER C 235 -32.14 9.00 18.71
CA SER C 235 -31.43 8.67 17.46
C SER C 235 -31.54 7.18 17.15
N PRO C 236 -31.22 6.74 15.91
CA PRO C 236 -31.27 5.31 15.58
C PRO C 236 -30.23 4.45 16.29
N ARG C 237 -29.29 5.04 17.00
CA ARG C 237 -28.25 4.28 17.72
C ARG C 237 -28.86 3.61 18.95
N GLY C 238 -28.02 2.94 19.72
CA GLY C 238 -28.35 2.56 21.10
C GLY C 238 -28.82 3.78 21.86
N ALA C 239 -29.33 3.63 23.06
CA ALA C 239 -29.92 4.80 23.71
C ALA C 239 -28.84 5.84 24.02
N GLY C 240 -29.07 7.05 23.55
CA GLY C 240 -28.16 8.18 23.73
C GLY C 240 -29.03 9.40 23.71
N TYR C 241 -28.66 10.43 24.44
CA TYR C 241 -29.54 11.61 24.59
C TYR C 241 -28.84 12.84 24.04
N THR C 242 -29.56 13.66 23.30
CA THR C 242 -29.02 14.89 22.70
C THR C 242 -29.39 16.07 23.59
N PHE C 243 -28.92 17.23 23.20
CA PHE C 243 -29.23 18.43 23.99
C PHE C 243 -28.94 19.68 23.16
N GLY C 244 -29.60 20.76 23.51
CA GLY C 244 -29.43 22.06 22.87
C GLY C 244 -28.95 23.13 23.83
N GLN C 245 -28.93 24.35 23.30
CA GLN C 245 -28.41 25.53 24.00
C GLN C 245 -29.12 25.74 25.34
N ASP C 246 -30.40 25.48 25.42
CA ASP C 246 -31.10 25.62 26.73
C ASP C 246 -30.50 24.68 27.77
N ILE C 247 -30.35 23.41 27.44
CA ILE C 247 -29.79 22.46 28.43
C ILE C 247 -28.35 22.85 28.74
N SER C 248 -27.61 23.30 27.75
CA SER C 248 -26.22 23.75 28.02
C SER C 248 -26.20 24.93 28.98
N GLU C 249 -27.13 25.86 28.85
CA GLU C 249 -27.15 26.99 29.80
C GLU C 249 -27.51 26.50 31.20
N THR C 250 -28.42 25.54 31.30
CA THR C 250 -28.78 24.98 32.63
C THR C 250 -27.56 24.32 33.26
N PHE C 251 -26.86 23.49 32.50
CA PHE C 251 -25.67 22.81 33.02
C PHE C 251 -24.52 23.78 33.34
N ASN C 252 -24.38 24.84 32.57
CA ASN C 252 -23.27 25.79 32.81
C ASN C 252 -23.56 26.71 33.98
N HIS C 253 -24.59 27.51 33.91
CA HIS C 253 -24.75 28.56 34.95
C HIS C 253 -25.02 27.94 36.31
N ALA C 254 -25.60 26.74 36.33
CA ALA C 254 -25.84 25.99 37.58
C ALA C 254 -24.55 25.41 38.15
N ASN C 255 -23.44 25.49 37.41
CA ASN C 255 -22.16 24.91 37.85
C ASN C 255 -20.97 25.88 37.79
N GLY C 256 -21.13 27.06 37.23
CA GLY C 256 -20.01 28.02 37.07
C GLY C 256 -18.96 27.54 36.07
N LEU C 257 -19.30 26.55 35.25
CA LEU C 257 -18.39 26.00 34.24
C LEU C 257 -18.23 26.99 33.10
N THR C 258 -17.37 26.63 32.16
CA THR C 258 -17.04 27.45 30.97
C THR C 258 -17.20 26.65 29.69
N LEU C 259 -17.13 25.33 29.71
CA LEU C 259 -17.47 24.54 28.51
C LEU C 259 -18.06 23.20 28.94
N VAL C 260 -18.54 22.49 27.96
CA VAL C 260 -18.80 21.04 28.04
C VAL C 260 -18.06 20.44 26.86
N SER C 261 -16.80 20.09 27.06
CA SER C 261 -15.96 19.50 25.99
C SER C 261 -16.37 18.05 25.76
N ARG C 262 -16.48 17.67 24.49
CA ARG C 262 -17.01 16.37 24.10
C ARG C 262 -16.10 15.78 23.01
N ALA C 263 -16.33 14.52 22.66
CA ALA C 263 -15.60 13.87 21.56
C ALA C 263 -16.42 12.74 20.98
N HIS C 264 -17.69 12.69 21.28
CA HIS C 264 -18.54 11.54 20.87
C HIS C 264 -18.44 11.21 19.38
N GLN C 265 -18.87 12.12 18.51
CA GLN C 265 -19.00 11.84 17.06
C GLN C 265 -17.95 12.55 16.21
N LEU C 266 -17.93 12.16 14.94
CA LEU C 266 -17.04 12.73 13.91
C LEU C 266 -17.39 14.18 13.63
N VAL C 267 -16.36 15.00 13.52
CA VAL C 267 -16.51 16.43 13.18
C VAL C 267 -15.40 16.78 12.20
N MET C 268 -15.74 17.47 11.14
CA MET C 268 -14.74 17.90 10.15
C MET C 268 -14.18 19.23 10.65
N GLU C 269 -12.96 19.53 10.20
CA GLU C 269 -12.13 20.67 10.69
C GLU C 269 -11.60 20.32 12.09
N GLY C 270 -11.79 19.08 12.54
CA GLY C 270 -11.22 18.58 13.79
C GLY C 270 -11.91 18.96 15.07
N TYR C 271 -12.42 20.18 15.20
CA TYR C 271 -13.17 20.57 16.41
C TYR C 271 -14.44 21.29 15.97
N ASN C 272 -15.53 20.95 16.63
CA ASN C 272 -16.85 21.55 16.34
C ASN C 272 -17.35 22.31 17.56
N TRP C 273 -17.55 23.61 17.40
CA TRP C 273 -18.16 24.43 18.47
C TRP C 273 -19.68 24.26 18.44
N CYS C 274 -20.30 24.58 19.56
CA CYS C 274 -21.77 24.64 19.64
C CYS C 274 -22.20 25.69 20.65
N HIS C 275 -23.43 26.15 20.47
CA HIS C 275 -24.19 26.93 21.48
C HIS C 275 -23.45 28.17 21.98
N ASP C 276 -22.67 28.80 21.12
CA ASP C 276 -21.91 30.01 21.49
C ASP C 276 -20.97 29.74 22.68
N ARG C 277 -19.94 28.97 22.39
CA ARG C 277 -18.87 28.63 23.34
C ARG C 277 -19.42 27.95 24.59
N ASN C 278 -20.51 27.23 24.49
CA ASN C 278 -21.05 26.47 25.65
C ASN C 278 -20.77 25.00 25.52
N VAL C 279 -20.65 24.49 24.31
CA VAL C 279 -20.30 23.08 24.08
C VAL C 279 -19.28 23.07 22.97
N VAL C 280 -18.36 22.12 23.03
CA VAL C 280 -17.31 21.97 22.00
C VAL C 280 -17.00 20.49 21.87
N THR C 281 -16.69 20.06 20.67
CA THR C 281 -16.39 18.64 20.39
C THR C 281 -15.00 18.57 19.80
N ILE C 282 -14.22 17.59 20.28
CA ILE C 282 -12.85 17.36 19.77
C ILE C 282 -12.83 15.98 19.14
N PHE C 283 -12.19 15.90 17.99
CA PHE C 283 -11.88 14.62 17.34
C PHE C 283 -10.39 14.64 17.10
N SER C 284 -9.72 13.57 17.53
CA SER C 284 -8.24 13.48 17.50
C SER C 284 -7.77 12.37 16.57
N ALA C 285 -8.63 11.86 15.69
CA ALA C 285 -8.26 10.80 14.73
C ALA C 285 -8.28 11.43 13.35
N PRO C 286 -7.15 11.96 12.83
CA PRO C 286 -7.19 12.56 11.50
C PRO C 286 -7.51 11.51 10.45
N ASN C 287 -8.36 11.87 9.50
CA ASN C 287 -8.85 10.92 8.50
C ASN C 287 -9.46 9.72 9.24
N TYR C 288 -10.55 10.02 9.94
CA TYR C 288 -11.15 9.11 10.92
C TYR C 288 -11.36 7.72 10.32
N CYS C 289 -12.19 7.64 9.30
CA CYS C 289 -12.28 6.43 8.46
C CYS C 289 -11.52 6.81 7.20
N TYR C 290 -10.59 5.98 6.80
CA TYR C 290 -9.63 6.32 5.72
C TYR C 290 -10.33 6.92 4.49
N ARG C 291 -11.58 6.58 4.25
CA ARG C 291 -12.37 7.23 3.18
C ARG C 291 -12.52 8.74 3.41
N CYS C 292 -12.71 9.17 4.66
CA CYS C 292 -13.05 10.58 4.95
C CYS C 292 -11.83 11.50 4.91
N GLY C 293 -12.08 12.75 4.53
CA GLY C 293 -11.06 13.81 4.51
C GLY C 293 -10.94 14.62 5.77
N ASN C 294 -11.57 14.22 6.86
CA ASN C 294 -11.65 15.04 8.09
C ASN C 294 -10.26 15.29 8.70
N GLN C 295 -10.03 16.53 9.08
CA GLN C 295 -8.89 16.90 9.93
C GLN C 295 -9.14 16.39 11.35
N ALA C 296 -8.14 16.49 12.19
CA ALA C 296 -8.28 16.18 13.62
C ALA C 296 -7.58 17.22 14.46
N ALA C 297 -7.99 17.29 15.73
CA ALA C 297 -7.40 18.26 16.66
C ALA C 297 -7.38 17.71 18.08
N ILE C 298 -6.65 18.43 18.92
CA ILE C 298 -6.55 18.22 20.38
C ILE C 298 -6.45 19.61 20.98
N MET C 299 -6.94 19.77 22.20
CA MET C 299 -6.91 21.09 22.88
C MET C 299 -5.94 21.08 24.03
N GLU C 300 -4.95 21.94 23.94
CA GLU C 300 -3.97 22.18 24.99
C GLU C 300 -4.59 23.17 25.96
N LEU C 301 -4.45 22.88 27.25
CA LEU C 301 -4.93 23.78 28.31
C LEU C 301 -3.71 24.33 29.01
N ASP C 302 -3.52 25.62 28.89
CA ASP C 302 -2.37 26.33 29.46
C ASP C 302 -2.44 26.39 30.98
N ASP C 303 -1.48 27.05 31.58
CA ASP C 303 -1.49 27.30 33.03
C ASP C 303 -2.66 28.22 33.35
N THR C 304 -2.71 29.35 32.70
CA THR C 304 -3.94 30.15 32.72
C THR C 304 -4.95 29.30 31.98
N LEU C 305 -5.96 28.80 32.66
CA LEU C 305 -6.87 27.81 32.04
C LEU C 305 -7.52 28.41 30.78
N LYS C 306 -7.10 27.85 29.64
CA LYS C 306 -7.49 28.37 28.31
C LYS C 306 -7.35 27.22 27.33
N TYR C 307 -8.41 26.96 26.59
CA TYR C 307 -8.41 25.93 25.53
C TYR C 307 -7.69 26.48 24.29
N SER C 308 -6.85 25.65 23.71
CA SER C 308 -6.10 25.99 22.48
C SER C 308 -6.10 24.76 21.60
N PHE C 309 -6.98 24.72 20.63
CA PHE C 309 -7.06 23.56 19.72
C PHE C 309 -5.85 23.59 18.82
N LEU C 310 -5.28 22.42 18.60
CA LEU C 310 -4.16 22.25 17.66
C LEU C 310 -4.65 21.45 16.48
N GLN C 311 -4.35 21.94 15.28
CA GLN C 311 -4.74 21.28 14.03
C GLN C 311 -3.57 20.47 13.50
N PHE C 312 -3.86 19.25 13.10
CA PHE C 312 -2.84 18.40 12.45
C PHE C 312 -3.51 17.48 11.46
N ASP C 313 -2.74 17.14 10.44
CA ASP C 313 -3.19 16.32 9.30
C ASP C 313 -2.83 14.87 9.55
N PRO C 314 -3.43 13.92 8.80
CA PRO C 314 -3.07 12.52 8.94
C PRO C 314 -1.58 12.27 8.65
N ALA C 315 -1.05 11.24 9.31
CA ALA C 315 0.37 10.86 9.25
C ALA C 315 0.81 10.64 7.80
N PRO C 316 2.12 10.77 7.49
CA PRO C 316 2.61 10.53 6.14
C PRO C 316 2.61 9.06 5.69
N ARG C 317 2.14 8.16 6.54
CA ARG C 317 2.03 6.72 6.21
C ARG C 317 1.35 6.52 4.86
N ARG C 318 2.02 5.79 3.99
CA ARG C 318 1.47 5.39 2.66
C ARG C 318 0.67 4.11 2.77
N GLY C 319 1.05 3.22 3.67
CA GLY C 319 0.42 1.88 3.75
C GLY C 319 0.52 1.17 2.43
N GLU C 320 -0.61 0.78 1.86
CA GLU C 320 -0.62 0.21 0.50
C GLU C 320 -0.98 1.34 -0.46
N PRO C 321 -0.02 2.00 -1.12
CA PRO C 321 -0.38 3.14 -1.97
C PRO C 321 -1.07 2.68 -3.27
N HIS C 322 -2.35 2.99 -3.38
CA HIS C 322 -3.15 2.70 -4.59
C HIS C 322 -3.41 3.96 -5.40
N VAL C 323 -3.27 5.11 -4.75
CA VAL C 323 -3.54 6.42 -5.37
C VAL C 323 -2.32 6.92 -6.14
N THR C 324 -1.13 6.42 -5.84
CA THR C 324 0.11 7.08 -6.28
C THR C 324 0.17 7.20 -7.81
N ARG C 325 0.02 8.44 -8.27
CA ARG C 325 0.10 8.78 -9.71
C ARG C 325 1.55 8.78 -10.19
N ARG C 326 2.50 8.56 -9.30
CA ARG C 326 3.87 8.24 -9.72
C ARG C 326 3.85 6.76 -10.01
N THR C 327 3.90 6.42 -11.28
CA THR C 327 3.84 5.02 -11.75
C THR C 327 4.73 4.12 -10.91
N PRO C 328 4.21 2.98 -10.40
CA PRO C 328 5.05 2.07 -9.63
C PRO C 328 6.20 1.53 -10.48
N ASP C 329 7.29 1.21 -9.80
CA ASP C 329 8.52 0.76 -10.46
C ASP C 329 8.31 -0.52 -11.28
N TYR C 330 7.27 -1.30 -11.00
CA TYR C 330 7.07 -2.54 -11.78
C TYR C 330 6.62 -2.25 -13.21
N PHE C 331 5.96 -1.14 -13.42
CA PHE C 331 5.42 -0.80 -14.75
C PHE C 331 6.41 0.00 -15.57
N LEU C 332 7.24 0.79 -14.90
CA LEU C 332 8.27 1.60 -15.56
C LEU C 332 9.28 0.70 -16.29
N PHE D 27 -53.75 12.76 -19.33
CA PHE D 27 -52.79 11.79 -18.73
C PHE D 27 -53.37 11.45 -17.36
N LYS D 28 -53.23 10.19 -16.94
CA LYS D 28 -53.65 9.91 -15.57
C LYS D 28 -52.58 9.10 -14.93
N LEU D 29 -52.63 9.00 -13.61
CA LEU D 29 -51.39 8.69 -12.85
C LEU D 29 -50.90 7.29 -13.18
N GLU D 30 -49.84 7.25 -13.97
CA GLU D 30 -49.12 6.02 -14.32
C GLU D 30 -47.65 6.15 -13.98
N ALA D 31 -47.12 7.38 -13.78
CA ALA D 31 -45.68 7.65 -13.59
C ALA D 31 -45.34 8.35 -12.28
N HIS D 32 -46.28 8.94 -11.56
CA HIS D 32 -45.90 9.60 -10.29
C HIS D 32 -45.27 8.59 -9.36
N ARG D 33 -45.71 7.34 -9.46
CA ARG D 33 -45.17 6.18 -8.72
C ARG D 33 -43.65 6.26 -8.74
N ILE D 34 -43.13 6.54 -9.92
CA ILE D 34 -41.69 6.42 -10.19
C ILE D 34 -40.90 7.39 -9.32
N VAL D 35 -41.28 8.65 -9.18
CA VAL D 35 -40.43 9.54 -8.35
C VAL D 35 -40.39 8.99 -6.93
N SER D 36 -41.53 8.59 -6.39
CA SER D 36 -41.53 8.12 -5.00
C SER D 36 -40.70 6.85 -4.91
N ILE D 37 -40.81 5.95 -5.88
CA ILE D 37 -40.02 4.68 -5.85
C ILE D 37 -38.55 5.00 -6.04
N SER D 38 -38.24 6.09 -6.72
CA SER D 38 -36.84 6.56 -6.84
C SER D 38 -36.28 6.78 -5.46
N LEU D 39 -37.02 7.50 -4.62
CA LEU D 39 -36.55 7.73 -3.24
C LEU D 39 -36.68 6.47 -2.40
N GLY D 40 -37.77 5.74 -2.56
CA GLY D 40 -38.03 4.50 -1.80
C GLY D 40 -36.96 3.43 -1.97
N LYS D 41 -36.33 3.36 -3.13
CA LYS D 41 -35.23 2.39 -3.32
C LYS D 41 -33.92 2.98 -2.84
N ILE D 42 -33.76 4.29 -2.85
CA ILE D 42 -32.51 4.87 -2.28
C ILE D 42 -32.42 4.50 -0.80
N TYR D 43 -33.45 4.80 -0.05
CA TYR D 43 -33.41 4.53 1.41
C TYR D 43 -33.51 3.04 1.72
N ASN D 44 -34.07 2.22 0.86
CA ASN D 44 -34.16 0.77 1.15
C ASN D 44 -32.84 0.03 0.96
N SER D 45 -31.84 0.69 0.38
CA SER D 45 -30.51 0.07 0.14
C SER D 45 -29.64 0.06 1.41
N ARG D 46 -29.74 1.08 2.25
CA ARG D 46 -28.78 1.28 3.36
C ARG D 46 -28.86 0.15 4.39
N VAL D 47 -29.98 -0.54 4.47
CA VAL D 47 -30.12 -1.64 5.46
C VAL D 47 -29.48 -2.95 4.98
N GLN D 48 -29.43 -3.18 3.68
CA GLN D 48 -28.99 -4.49 3.16
C GLN D 48 -27.47 -4.65 3.25
N ARG D 49 -27.05 -5.91 3.21
CA ARG D 49 -25.63 -6.32 3.18
C ARG D 49 -24.82 -5.46 2.21
N GLY D 50 -23.69 -4.97 2.68
CA GLY D 50 -22.74 -4.21 1.87
C GLY D 50 -23.16 -2.79 1.63
N GLY D 51 -24.25 -2.35 2.24
CA GLY D 51 -24.67 -0.95 2.08
C GLY D 51 -25.01 -0.60 0.64
N ILE D 52 -24.67 0.61 0.26
CA ILE D 52 -25.03 1.11 -1.08
C ILE D 52 -24.17 0.41 -2.14
N LYS D 53 -24.81 -0.04 -3.22
CA LYS D 53 -24.11 -0.41 -4.47
C LYS D 53 -24.23 0.81 -5.34
N LEU D 54 -23.13 1.49 -5.56
CA LEU D 54 -23.17 2.80 -6.26
C LEU D 54 -23.77 2.70 -7.67
N HIS D 55 -23.61 1.60 -8.38
CA HIS D 55 -24.25 1.45 -9.69
C HIS D 55 -25.78 1.48 -9.56
N LYS D 56 -26.33 0.54 -8.81
CA LYS D 56 -27.80 0.46 -8.64
C LYS D 56 -28.34 1.72 -7.98
N ASN D 57 -27.59 2.33 -7.10
CA ASN D 57 -28.04 3.55 -6.44
C ASN D 57 -28.09 4.70 -7.43
N LEU D 58 -27.10 4.85 -8.29
CA LEU D 58 -27.17 5.94 -9.27
C LEU D 58 -28.29 5.68 -10.29
N LEU D 59 -28.44 4.47 -10.75
CA LEU D 59 -29.57 4.14 -11.68
C LEU D 59 -30.92 4.47 -11.05
N VAL D 60 -31.13 4.06 -9.83
CA VAL D 60 -32.38 4.39 -9.11
C VAL D 60 -32.53 5.91 -8.97
N SER D 61 -31.44 6.63 -8.76
CA SER D 61 -31.51 8.08 -8.54
C SER D 61 -31.72 8.86 -9.84
N LEU D 62 -31.30 8.36 -10.98
CA LEU D 62 -31.41 9.14 -12.23
C LEU D 62 -32.84 9.09 -12.80
N VAL D 63 -33.55 8.00 -12.63
CA VAL D 63 -34.99 7.98 -12.95
C VAL D 63 -35.72 8.92 -12.00
N LEU D 64 -36.49 9.85 -12.53
CA LEU D 64 -37.24 10.80 -11.66
C LEU D 64 -38.55 11.26 -12.29
N ARG D 65 -39.13 12.37 -11.81
CA ARG D 65 -40.31 13.05 -12.40
C ARG D 65 -40.22 14.58 -12.31
N SER D 66 -40.50 15.33 -13.39
CA SER D 66 -40.60 16.80 -13.39
C SER D 66 -41.63 17.26 -12.36
N ALA D 67 -41.30 18.33 -11.64
CA ALA D 67 -42.18 18.90 -10.61
C ALA D 67 -43.46 19.49 -11.19
N ARG D 68 -43.33 20.25 -12.28
CA ARG D 68 -44.50 20.94 -12.85
C ARG D 68 -44.46 20.92 -14.36
N GLN D 69 -45.64 20.82 -14.95
CA GLN D 69 -45.87 21.17 -16.36
C GLN D 69 -47.20 21.91 -16.47
#